data_3UA3
#
_entry.id   3UA3
#
_cell.length_a   100.376
_cell.length_b   129.381
_cell.length_c   149.315
_cell.angle_alpha   90.00
_cell.angle_beta   90.00
_cell.angle_gamma   90.00
#
_symmetry.space_group_name_H-M   'P 21 21 21'
#
loop_
_entity.id
_entity.type
_entity.pdbx_description
1 polymer 'Protein arginine N-methyltransferase 5'
2 non-polymer S-ADENOSYL-L-HOMOCYSTEINE
3 water water
#
_entity_poly.entity_id   1
_entity_poly.type   'polypeptide(L)'
_entity_poly.pdbx_seq_one_letter_code
;(MSE)AS(MSE)SNRTYADNLFPQQVAEQHEEQ(MSE)SSGSSPKSNSPSRSISSVEAANSRIHIGW(MSE)ATTLDVAE
NLDRHVATFCTRLGEFKYNFVVYPIGGVVRAFWTPNGSAENHPPVIDLPDVQLRNDLWESYVVGKISPWIDCDSSDPAFA
SLSEEHLLKELSYICYLGLQT(MSE)AIELTRISSPRTAAILKKWIWTRNSRFTVWVQLPSAIEKCKDYDAFTIEHVDLW
TIWADFRKNCGNFSGVYFQVALTISSELPDELTELKLVDRWKAEPLAAFVIESGLFISGRNGEASIPSAHINLLKHLWTT
DALRIVLRATTDTFKYNTSIKSEYSQALRHAVRNVNYRSRPDVGEGSNDSTHYLNVIEYKDVLQAPLQPLSENLDSGVYN
TFEQDQIKYDVYGEAVVGALKDLGADGRKTVVIYLLGGGRGPIGTKILKSEREYNNTFRQGQESLKVKLYIVEKNPNAIV
TLKY(MSE)NVRTWKRRVTIIESD(MSE)RSLPGIAKDRGFEQPDIIVSELLGSFGDNELSPECLDGVTGFLKPTTISIP
QKYTSYVKPI(MSE)STHIHQTIKAQSIPYLSRAIPSHGRGEPELDEDE(MSE)WIQKYPQGHVRNN(MSE)DQIYVVYL
SKYIPLAETTKPVFTFEHPNF(MSE)NSSNERSDSIEFV(MSE)DRNADL(MSE)GFAGYFDLQLYKTV(MSE)LSIEPS
THTPG(MSE)VSWFPAVIPLRDQLRVGEGDRISLKIDRKVDNTGVWYEWHVEKKKTNGESVSTPIQNPNGESYY(MSE)R
(MSE)LEHHHHHH
;
_entity_poly.pdbx_strand_id   A,B
#
# COMPACT_ATOMS: atom_id res chain seq x y z
N ASN A 48 -0.74 27.41 -21.76
CA ASN A 48 0.46 27.32 -20.92
C ASN A 48 0.38 26.23 -19.84
N SER A 49 -0.76 26.16 -19.15
CA SER A 49 -0.88 25.36 -17.94
C SER A 49 -0.34 23.93 -18.06
N ARG A 50 -0.93 23.15 -18.96
CA ARG A 50 -0.64 21.71 -19.03
C ARG A 50 0.85 21.37 -19.25
N ILE A 51 1.58 22.24 -19.94
CA ILE A 51 3.02 22.03 -20.17
C ILE A 51 3.92 22.81 -19.20
N HIS A 52 4.71 22.07 -18.43
CA HIS A 52 5.64 22.67 -17.49
C HIS A 52 7.04 22.72 -18.08
N ILE A 53 7.70 23.87 -18.00
CA ILE A 53 9.00 24.09 -18.61
C ILE A 53 9.96 24.72 -17.61
N GLY A 54 11.02 24.00 -17.26
CA GLY A 54 11.98 24.48 -16.30
C GLY A 54 13.15 25.22 -16.93
N TRP A 55 13.71 26.14 -16.18
CA TRP A 55 14.92 26.84 -16.56
C TRP A 55 16.07 26.27 -15.75
N ALA A 57 19.50 26.68 -14.14
CA ALA A 57 20.53 27.62 -13.74
C ALA A 57 21.80 27.20 -14.46
N THR A 58 22.49 28.18 -15.03
CA THR A 58 23.72 27.90 -15.75
C THR A 58 24.78 28.90 -15.31
N THR A 59 26.02 28.65 -15.71
CA THR A 59 27.10 29.57 -15.41
C THR A 59 26.82 30.91 -16.10
N LEU A 60 25.72 30.97 -16.85
CA LEU A 60 25.38 32.14 -17.65
C LEU A 60 24.21 32.98 -17.10
N ASP A 61 23.88 32.78 -15.84
CA ASP A 61 22.97 33.69 -15.15
C ASP A 61 23.39 33.83 -13.70
N VAL A 62 24.64 33.46 -13.44
CA VAL A 62 25.26 33.70 -12.14
C VAL A 62 25.41 35.20 -11.93
N ALA A 63 24.51 35.77 -11.15
CA ALA A 63 24.57 37.19 -10.82
C ALA A 63 25.07 37.35 -9.39
N GLU A 64 24.86 38.54 -8.83
CA GLU A 64 25.32 38.81 -7.46
C GLU A 64 24.39 38.19 -6.41
N ASN A 65 24.98 37.42 -5.50
CA ASN A 65 24.25 36.83 -4.39
C ASN A 65 22.99 36.06 -4.80
N LEU A 66 23.04 35.36 -5.93
CA LEU A 66 21.86 34.67 -6.43
C LEU A 66 21.37 33.59 -5.48
N ASP A 67 22.30 32.98 -4.75
CA ASP A 67 21.92 31.95 -3.78
C ASP A 67 21.00 32.56 -2.74
N ARG A 68 21.28 33.81 -2.38
CA ARG A 68 20.51 34.53 -1.39
C ARG A 68 19.14 34.93 -1.91
N HIS A 69 19.08 35.22 -3.21
CA HIS A 69 17.87 35.79 -3.80
C HIS A 69 17.18 34.87 -4.79
N VAL A 70 17.02 33.60 -4.41
CA VAL A 70 16.35 32.65 -5.29
C VAL A 70 14.89 33.05 -5.46
N ALA A 71 14.39 33.81 -4.49
CA ALA A 71 13.00 34.26 -4.51
C ALA A 71 12.72 35.09 -5.75
N THR A 72 13.37 36.24 -5.84
CA THR A 72 13.21 37.14 -6.98
C THR A 72 13.69 36.49 -8.27
N PHE A 73 14.57 35.49 -8.13
CA PHE A 73 15.05 34.72 -9.27
C PHE A 73 13.91 33.94 -9.92
N CYS A 74 13.34 32.99 -9.19
CA CYS A 74 12.23 32.21 -9.72
C CYS A 74 11.04 33.11 -9.99
N THR A 75 11.02 34.27 -9.35
CA THR A 75 9.99 35.27 -9.59
C THR A 75 10.08 35.77 -11.02
N ARG A 76 11.17 36.47 -11.32
CA ARG A 76 11.37 37.04 -12.66
C ARG A 76 11.37 35.95 -13.72
N LEU A 77 12.12 34.89 -13.47
CA LEU A 77 12.14 33.75 -14.38
C LEU A 77 10.72 33.30 -14.63
N GLY A 78 9.91 33.34 -13.57
CA GLY A 78 8.52 32.95 -13.67
C GLY A 78 7.76 33.89 -14.58
N GLU A 79 8.12 35.17 -14.51
CA GLU A 79 7.51 36.18 -15.36
C GLU A 79 7.71 35.80 -16.83
N PHE A 80 8.88 35.24 -17.14
CA PHE A 80 9.21 34.83 -18.50
C PHE A 80 8.48 33.56 -18.91
N LYS A 81 7.38 33.29 -18.22
CA LYS A 81 6.47 32.20 -18.57
C LYS A 81 7.12 30.82 -18.54
N TYR A 82 7.95 30.57 -17.53
CA TYR A 82 8.33 29.20 -17.19
C TYR A 82 8.29 28.95 -15.68
N ASN A 83 7.61 27.87 -15.29
CA ASN A 83 7.23 27.64 -13.91
C ASN A 83 8.37 27.27 -12.95
N PHE A 84 8.89 26.05 -13.10
CA PHE A 84 9.93 25.53 -12.21
C PHE A 84 11.35 25.78 -12.72
N VAL A 85 12.34 25.39 -11.92
CA VAL A 85 13.73 25.58 -12.27
C VAL A 85 14.64 24.43 -11.79
N VAL A 86 15.76 24.24 -12.48
CA VAL A 86 16.76 23.29 -12.03
C VAL A 86 17.95 24.04 -11.46
N TYR A 87 17.88 24.33 -10.16
CA TYR A 87 18.91 25.13 -9.52
C TYR A 87 19.91 24.22 -8.82
N PRO A 88 21.20 24.57 -8.86
CA PRO A 88 22.21 23.78 -8.15
C PRO A 88 22.00 23.82 -6.64
N ILE A 89 21.75 22.67 -6.05
CA ILE A 89 21.40 22.59 -4.64
C ILE A 89 22.54 22.96 -3.69
N GLY A 90 23.76 22.96 -4.20
CA GLY A 90 24.89 23.34 -3.37
C GLY A 90 25.04 24.84 -3.31
N GLY A 91 24.31 25.52 -4.18
CA GLY A 91 24.49 26.95 -4.36
C GLY A 91 25.41 27.19 -5.54
N VAL A 92 25.20 28.33 -6.20
CA VAL A 92 25.91 28.66 -7.43
C VAL A 92 27.42 28.93 -7.25
N VAL A 93 27.81 29.40 -6.07
CA VAL A 93 29.22 29.59 -5.77
C VAL A 93 29.93 28.24 -5.59
N ARG A 94 29.14 27.21 -5.26
CA ARG A 94 29.67 25.86 -5.06
C ARG A 94 29.61 25.03 -6.34
N ALA A 95 28.47 25.07 -7.00
CA ALA A 95 28.26 24.30 -8.21
C ALA A 95 29.30 24.60 -9.26
N PHE A 96 29.57 25.88 -9.48
CA PHE A 96 30.37 26.31 -10.62
C PHE A 96 31.85 26.56 -10.28
N TRP A 97 32.22 26.18 -9.07
CA TRP A 97 33.62 26.12 -8.65
C TRP A 97 34.40 25.18 -9.55
N THR A 98 35.71 25.37 -9.62
CA THR A 98 36.59 24.52 -10.43
C THR A 98 37.78 24.05 -9.60
N PRO A 99 38.00 22.73 -9.59
CA PRO A 99 39.00 22.08 -8.73
C PRO A 99 40.44 22.19 -9.23
N ASN A 100 40.61 22.47 -10.52
CA ASN A 100 41.97 22.55 -11.07
C ASN A 100 42.81 23.66 -10.44
N GLY A 101 43.38 23.36 -9.28
CA GLY A 101 44.24 24.30 -8.57
C GLY A 101 45.21 23.53 -7.69
N SER A 102 45.88 24.23 -6.78
CA SER A 102 46.81 23.58 -5.86
C SER A 102 46.08 22.53 -5.04
N ALA A 103 46.83 21.79 -4.22
CA ALA A 103 46.25 20.79 -3.34
C ALA A 103 45.44 21.44 -2.22
N GLU A 104 45.47 22.77 -2.15
CA GLU A 104 44.79 23.51 -1.11
C GLU A 104 43.53 24.21 -1.60
N ASN A 105 43.20 24.02 -2.87
CA ASN A 105 41.96 24.56 -3.43
C ASN A 105 40.74 23.71 -3.03
N HIS A 106 40.19 24.01 -1.85
CA HIS A 106 39.04 23.28 -1.32
C HIS A 106 37.71 23.82 -1.84
N PRO A 107 36.69 22.95 -1.89
CA PRO A 107 35.35 23.28 -2.42
C PRO A 107 34.55 24.18 -1.49
N PRO A 108 33.84 25.17 -2.07
CA PRO A 108 32.92 26.03 -1.31
C PRO A 108 31.91 25.22 -0.52
N VAL A 109 31.59 25.69 0.69
CA VAL A 109 30.54 25.08 1.49
C VAL A 109 29.18 25.31 0.86
N ILE A 110 28.25 24.41 1.13
CA ILE A 110 26.86 24.59 0.69
C ILE A 110 26.34 25.91 1.21
N ASP A 111 25.71 26.69 0.34
CA ASP A 111 25.15 27.98 0.74
C ASP A 111 23.94 28.33 -0.10
N LEU A 112 22.90 27.53 0.04
CA LEU A 112 21.62 27.82 -0.56
C LEU A 112 20.56 27.78 0.56
N PRO A 113 20.53 28.85 1.37
CA PRO A 113 19.66 28.92 2.55
C PRO A 113 18.19 28.67 2.22
N ASP A 114 17.51 27.96 3.11
CA ASP A 114 16.11 27.57 2.91
C ASP A 114 15.12 28.63 3.36
N VAL A 115 15.48 29.36 4.41
CA VAL A 115 14.60 30.35 5.02
C VAL A 115 14.13 31.43 4.04
N GLN A 116 14.95 31.73 3.06
CA GLN A 116 14.66 32.76 2.06
C GLN A 116 13.41 32.48 1.24
N LEU A 117 12.70 31.40 1.56
CA LEU A 117 11.57 30.98 0.76
C LEU A 117 10.77 29.91 1.49
N ARG A 118 9.45 30.07 1.53
CA ARG A 118 8.61 29.11 2.25
C ARG A 118 8.73 27.71 1.64
N ASN A 119 8.82 26.71 2.51
CA ASN A 119 9.16 25.36 2.10
C ASN A 119 8.30 24.77 0.99
N ASP A 120 7.03 25.12 0.94
CA ASP A 120 6.16 24.58 -0.08
C ASP A 120 6.61 25.06 -1.46
N LEU A 121 7.22 26.25 -1.50
CA LEU A 121 7.74 26.81 -2.74
C LEU A 121 8.99 26.09 -3.21
N TRP A 122 9.95 25.92 -2.31
CA TRP A 122 11.09 25.07 -2.58
C TRP A 122 10.57 23.79 -3.20
N GLU A 123 9.62 23.15 -2.52
CA GLU A 123 9.08 21.87 -2.96
C GLU A 123 8.45 21.89 -4.36
N SER A 124 7.74 22.96 -4.69
CA SER A 124 7.09 23.03 -6.00
C SER A 124 8.02 23.40 -7.15
N TYR A 125 8.71 24.53 -7.00
CA TYR A 125 9.49 25.11 -8.08
C TYR A 125 10.88 24.50 -8.29
N VAL A 126 11.71 24.57 -7.25
CA VAL A 126 13.11 24.19 -7.36
C VAL A 126 13.34 22.69 -7.56
N VAL A 127 14.30 22.36 -8.43
CA VAL A 127 14.72 20.99 -8.65
C VAL A 127 16.24 20.93 -8.55
N GLY A 128 16.74 20.23 -7.55
CA GLY A 128 18.16 20.28 -7.24
C GLY A 128 19.10 19.41 -8.07
N LYS A 129 20.07 20.04 -8.72
CA LYS A 129 21.08 19.32 -9.46
C LYS A 129 22.39 19.27 -8.68
N ILE A 130 23.09 18.15 -8.77
CA ILE A 130 24.36 17.96 -8.07
C ILE A 130 25.49 18.75 -8.74
N SER A 131 26.35 19.37 -7.92
CA SER A 131 27.45 20.16 -8.44
C SER A 131 28.25 19.43 -9.53
N PRO A 132 28.39 20.07 -10.70
CA PRO A 132 29.02 19.50 -11.90
C PRO A 132 30.44 18.97 -11.65
N TRP A 133 31.19 19.63 -10.79
CA TRP A 133 32.58 19.23 -10.52
C TRP A 133 32.71 17.87 -9.82
N ILE A 134 31.62 17.38 -9.24
CA ILE A 134 31.62 16.09 -8.54
C ILE A 134 31.85 14.91 -9.49
N ASP A 135 32.76 14.02 -9.14
CA ASP A 135 33.03 12.90 -10.01
C ASP A 135 33.64 11.72 -9.23
N CYS A 136 32.78 10.93 -8.61
CA CYS A 136 33.20 9.82 -7.80
C CYS A 136 34.00 8.83 -8.63
N ASP A 137 33.81 8.88 -9.94
CA ASP A 137 34.55 8.02 -10.84
C ASP A 137 35.71 8.76 -11.54
N SER A 138 36.27 9.76 -10.86
CA SER A 138 37.52 10.40 -11.29
C SER A 138 38.60 9.34 -11.37
N SER A 139 39.58 9.57 -12.24
CA SER A 139 40.73 8.68 -12.39
C SER A 139 41.77 8.89 -11.29
N ASP A 140 41.57 9.95 -10.51
CA ASP A 140 42.44 10.32 -9.42
C ASP A 140 41.77 9.88 -8.12
N PRO A 141 42.32 8.86 -7.47
CA PRO A 141 41.64 8.24 -6.32
C PRO A 141 41.15 9.28 -5.31
N ALA A 142 42.00 10.25 -5.02
CA ALA A 142 41.73 11.24 -3.99
C ALA A 142 40.57 12.14 -4.35
N PHE A 143 40.54 12.57 -5.61
CA PHE A 143 39.45 13.40 -6.07
C PHE A 143 38.16 12.60 -6.10
N ALA A 144 38.28 11.30 -6.37
CA ALA A 144 37.12 10.40 -6.38
C ALA A 144 36.53 10.32 -4.99
N SER A 145 37.37 10.07 -3.99
CA SER A 145 36.96 10.08 -2.59
C SER A 145 36.29 11.39 -2.21
N LEU A 146 36.98 12.49 -2.51
CA LEU A 146 36.44 13.82 -2.26
C LEU A 146 35.02 13.92 -2.85
N SER A 147 34.90 13.46 -4.09
CA SER A 147 33.64 13.44 -4.79
C SER A 147 32.58 12.66 -4.04
N GLU A 148 32.91 11.45 -3.58
CA GLU A 148 31.94 10.68 -2.81
C GLU A 148 31.44 11.54 -1.64
N GLU A 149 32.36 11.87 -0.73
CA GLU A 149 32.06 12.70 0.43
C GLU A 149 31.09 13.86 0.09
N HIS A 150 31.46 14.66 -0.90
CA HIS A 150 30.64 15.82 -1.22
C HIS A 150 29.29 15.49 -1.86
N LEU A 151 29.24 14.43 -2.67
CA LEU A 151 27.98 13.96 -3.23
C LEU A 151 27.04 13.67 -2.09
N LEU A 152 27.53 12.92 -1.11
CA LEU A 152 26.79 12.72 0.11
C LEU A 152 26.27 14.04 0.70
N LYS A 153 27.16 15.01 0.93
CA LYS A 153 26.71 16.30 1.48
C LYS A 153 25.54 16.93 0.68
N GLU A 154 25.66 16.91 -0.63
CA GLU A 154 24.63 17.47 -1.48
C GLU A 154 23.32 16.69 -1.40
N LEU A 155 23.42 15.38 -1.22
CA LEU A 155 22.24 14.53 -1.10
C LEU A 155 21.50 14.85 0.19
N SER A 156 22.25 14.82 1.29
CA SER A 156 21.74 15.21 2.60
C SER A 156 21.06 16.57 2.54
N TYR A 157 21.64 17.48 1.78
CA TYR A 157 21.02 18.81 1.65
C TYR A 157 19.74 18.78 0.82
N ILE A 158 19.71 17.97 -0.23
CA ILE A 158 18.50 17.86 -1.02
C ILE A 158 17.39 17.43 -0.09
N CYS A 159 17.72 16.52 0.81
CA CYS A 159 16.74 16.08 1.81
C CYS A 159 16.33 17.24 2.69
N TYR A 160 17.33 17.95 3.24
CA TYR A 160 17.06 19.09 4.11
C TYR A 160 16.09 20.12 3.52
N LEU A 161 16.40 20.66 2.34
CA LEU A 161 15.49 21.60 1.71
C LEU A 161 14.13 20.97 1.44
N GLY A 162 14.08 19.65 1.56
CA GLY A 162 12.88 18.90 1.23
C GLY A 162 12.41 19.20 -0.18
N LEU A 163 13.22 18.80 -1.17
CA LEU A 163 12.89 19.03 -2.57
C LEU A 163 12.19 17.82 -3.16
N GLN A 164 11.26 18.08 -4.07
CA GLN A 164 10.41 17.03 -4.64
C GLN A 164 11.13 16.24 -5.73
N THR A 165 11.99 16.91 -6.47
CA THR A 165 12.67 16.31 -7.60
C THR A 165 14.13 16.73 -7.57
N ALA A 167 17.99 16.46 -9.94
CA ALA A 167 18.71 16.04 -11.12
C ALA A 167 20.15 15.67 -10.77
N ILE A 168 20.66 14.64 -11.47
CA ILE A 168 22.04 14.20 -11.36
C ILE A 168 22.52 13.87 -12.76
N GLU A 169 23.56 14.55 -13.22
CA GLU A 169 23.98 14.41 -14.60
C GLU A 169 25.22 13.52 -14.77
N LEU A 170 25.04 12.42 -15.51
CA LEU A 170 26.12 11.50 -15.79
C LEU A 170 27.08 12.11 -16.80
N THR A 171 28.38 11.88 -16.60
CA THR A 171 29.37 12.46 -17.50
C THR A 171 30.28 11.36 -18.04
N ARG A 172 29.98 10.13 -17.68
CA ARG A 172 30.77 8.99 -18.16
C ARG A 172 29.91 7.96 -18.87
N ILE A 173 30.58 7.08 -19.60
CA ILE A 173 29.89 5.93 -20.17
C ILE A 173 29.59 4.94 -19.04
N SER A 174 30.35 5.02 -17.95
CA SER A 174 30.17 4.12 -16.82
C SER A 174 30.48 4.82 -15.48
N SER A 175 29.50 4.81 -14.56
CA SER A 175 29.69 5.48 -13.29
C SER A 175 29.51 4.58 -12.06
N PRO A 176 30.30 3.50 -11.99
CA PRO A 176 30.24 2.49 -10.93
C PRO A 176 30.16 3.11 -9.53
N ARG A 177 31.15 3.92 -9.15
CA ARG A 177 31.21 4.45 -7.80
C ARG A 177 30.00 5.30 -7.46
N THR A 178 29.70 6.27 -8.33
CA THR A 178 28.49 7.08 -8.22
C THR A 178 27.30 6.15 -8.02
N ALA A 179 27.17 5.16 -8.90
CA ALA A 179 26.09 4.19 -8.80
C ALA A 179 25.99 3.63 -7.40
N ALA A 180 27.10 3.15 -6.85
CA ALA A 180 27.09 2.58 -5.51
C ALA A 180 26.58 3.57 -4.44
N ILE A 181 27.16 4.77 -4.44
CA ILE A 181 26.76 5.78 -3.47
C ILE A 181 25.26 6.09 -3.53
N LEU A 182 24.79 6.30 -4.76
CA LEU A 182 23.41 6.67 -5.00
C LEU A 182 22.49 5.53 -4.59
N LYS A 183 22.84 4.33 -5.06
CA LYS A 183 22.10 3.11 -4.78
C LYS A 183 21.84 3.02 -3.29
N LYS A 184 22.90 2.95 -2.49
CA LYS A 184 22.71 2.86 -1.04
C LYS A 184 21.88 4.01 -0.52
N TRP A 185 22.19 5.23 -0.95
CA TRP A 185 21.39 6.37 -0.53
C TRP A 185 19.90 6.05 -0.70
N ILE A 186 19.41 6.14 -1.94
CA ILE A 186 17.98 5.92 -2.25
C ILE A 186 17.38 4.71 -1.57
N TRP A 187 18.08 3.58 -1.58
CA TRP A 187 17.56 2.38 -0.96
C TRP A 187 17.50 2.39 0.56
N THR A 188 18.18 3.34 1.18
CA THR A 188 18.11 3.42 2.64
C THR A 188 17.40 4.67 3.18
N ARG A 189 16.98 5.56 2.29
CA ARG A 189 16.25 6.74 2.74
C ARG A 189 14.79 6.41 3.04
N ASN A 190 14.29 7.00 4.12
CA ASN A 190 12.88 6.89 4.47
C ASN A 190 12.06 7.81 3.57
N SER A 191 12.76 8.72 2.89
CA SER A 191 12.12 9.68 2.00
C SER A 191 11.87 9.09 0.62
N ARG A 192 11.04 9.78 -0.17
CA ARG A 192 10.69 9.33 -1.51
C ARG A 192 10.70 10.49 -2.50
N PHE A 193 11.88 11.04 -2.79
CA PHE A 193 11.97 12.06 -3.82
C PHE A 193 12.24 11.45 -5.20
N THR A 194 11.95 12.21 -6.24
CA THR A 194 12.18 11.75 -7.60
C THR A 194 13.58 12.13 -8.06
N VAL A 195 14.10 11.37 -9.01
CA VAL A 195 15.49 11.47 -9.41
C VAL A 195 15.56 11.51 -10.92
N TRP A 196 15.99 12.65 -11.45
CA TRP A 196 16.25 12.77 -12.87
C TRP A 196 17.71 12.47 -13.14
N VAL A 197 17.95 11.48 -13.97
CA VAL A 197 19.32 11.17 -14.36
C VAL A 197 19.51 11.71 -15.77
N GLN A 198 20.07 12.92 -15.86
CA GLN A 198 20.38 13.55 -17.13
C GLN A 198 21.54 12.82 -17.78
N LEU A 199 21.43 12.54 -19.08
CA LEU A 199 22.50 11.90 -19.83
C LEU A 199 23.28 12.92 -20.65
N PRO A 200 24.45 12.52 -21.16
CA PRO A 200 25.23 13.38 -22.06
C PRO A 200 24.52 13.54 -23.41
N SER A 201 24.94 14.52 -24.21
CA SER A 201 24.37 14.74 -25.54
C SER A 201 24.65 13.55 -26.44
N ALA A 202 25.88 13.06 -26.39
CA ALA A 202 26.29 11.89 -27.16
C ALA A 202 27.46 11.13 -26.52
N ILE A 203 27.66 9.89 -26.96
CA ILE A 203 28.69 9.03 -26.43
C ILE A 203 30.03 9.77 -26.30
N GLU A 204 30.36 10.56 -27.31
CA GLU A 204 31.65 11.24 -27.41
C GLU A 204 31.93 12.29 -26.32
N LYS A 205 30.89 12.92 -25.79
CA LYS A 205 31.10 13.92 -24.75
C LYS A 205 31.51 13.28 -23.42
N CYS A 206 31.48 11.96 -23.35
CA CYS A 206 31.77 11.29 -22.09
C CYS A 206 33.26 11.36 -21.74
N LYS A 207 33.56 11.54 -20.45
CA LYS A 207 34.94 11.63 -19.97
C LYS A 207 35.76 10.39 -20.26
N ASP A 208 35.10 9.23 -20.25
CA ASP A 208 35.80 7.97 -20.39
C ASP A 208 35.64 7.40 -21.80
N TYR A 209 35.16 8.25 -22.70
CA TYR A 209 34.98 7.85 -24.10
C TYR A 209 36.29 7.53 -24.80
N ASP A 210 36.46 6.28 -25.19
CA ASP A 210 37.54 5.91 -26.08
C ASP A 210 36.95 5.42 -27.40
N ALA A 211 37.10 6.23 -28.45
CA ALA A 211 36.52 5.94 -29.76
C ALA A 211 36.97 4.60 -30.34
N PHE A 212 37.85 3.94 -29.60
CA PHE A 212 38.49 2.73 -30.08
C PHE A 212 38.03 1.53 -29.27
N THR A 213 37.12 1.73 -28.32
CA THR A 213 36.64 0.62 -27.50
C THR A 213 35.14 0.62 -27.18
N ILE A 214 34.39 1.52 -27.79
CA ILE A 214 32.93 1.53 -27.68
C ILE A 214 32.32 0.43 -28.54
N GLU A 215 32.49 -0.81 -28.11
CA GLU A 215 32.02 -1.97 -28.87
C GLU A 215 30.54 -1.86 -29.25
N HIS A 216 29.68 -1.66 -28.26
CA HIS A 216 28.24 -1.68 -28.50
C HIS A 216 27.51 -0.68 -27.59
N VAL A 217 28.03 0.53 -27.51
CA VAL A 217 27.53 1.53 -26.57
C VAL A 217 26.71 2.62 -27.26
N ASP A 218 25.73 3.14 -26.53
CA ASP A 218 24.95 4.30 -26.94
C ASP A 218 24.38 4.92 -25.69
N LEU A 219 23.65 6.03 -25.85
CA LEU A 219 23.06 6.69 -24.71
C LEU A 219 22.18 5.75 -23.88
N TRP A 220 21.37 4.93 -24.56
CA TRP A 220 20.54 3.98 -23.85
C TRP A 220 21.37 3.06 -22.98
N THR A 221 22.37 2.40 -23.57
CA THR A 221 23.21 1.48 -22.80
C THR A 221 23.73 2.15 -21.51
N ILE A 222 24.07 3.43 -21.64
CA ILE A 222 24.49 4.22 -20.50
C ILE A 222 23.38 4.20 -19.46
N TRP A 223 22.21 4.72 -19.83
CA TRP A 223 21.10 4.77 -18.89
C TRP A 223 20.74 3.41 -18.27
N ALA A 224 20.67 2.36 -19.09
CA ALA A 224 20.31 1.02 -18.62
C ALA A 224 21.36 0.49 -17.64
N ASP A 225 22.62 0.80 -17.92
CA ASP A 225 23.71 0.37 -17.06
C ASP A 225 23.66 1.06 -15.70
N PHE A 226 23.36 2.36 -15.73
CA PHE A 226 23.25 3.10 -14.49
C PHE A 226 22.06 2.59 -13.68
N ARG A 227 20.95 2.39 -14.38
CA ARG A 227 19.69 1.99 -13.76
C ARG A 227 19.85 0.64 -13.07
N LYS A 228 20.45 -0.32 -13.79
CA LYS A 228 20.83 -1.60 -13.20
C LYS A 228 21.74 -1.39 -12.01
N ASN A 229 22.79 -0.59 -12.17
CA ASN A 229 23.75 -0.35 -11.09
C ASN A 229 23.25 0.30 -9.79
N CYS A 230 22.01 0.77 -9.78
CA CYS A 230 21.43 1.36 -8.59
C CYS A 230 20.33 0.45 -8.13
N GLY A 231 20.22 -0.69 -8.78
CA GLY A 231 19.35 -1.76 -8.28
C GLY A 231 17.93 -1.68 -8.77
N ASN A 232 17.73 -1.03 -9.91
CA ASN A 232 16.42 -0.98 -10.56
C ASN A 232 15.31 -0.48 -9.67
N PHE A 233 15.61 0.59 -8.94
CA PHE A 233 14.61 1.26 -8.14
C PHE A 233 13.42 1.66 -9.05
N SER A 234 12.28 2.00 -8.46
CA SER A 234 11.05 2.18 -9.23
C SER A 234 11.07 3.38 -10.19
N GLY A 235 10.70 3.14 -11.44
CA GLY A 235 10.57 4.19 -12.42
C GLY A 235 9.71 5.35 -11.94
N VAL A 236 8.75 5.04 -11.08
CA VAL A 236 7.94 6.07 -10.44
C VAL A 236 8.85 7.07 -9.74
N TYR A 237 10.04 6.61 -9.35
CA TYR A 237 11.01 7.46 -8.63
C TYR A 237 12.38 7.63 -9.32
N PHE A 238 12.96 6.56 -9.85
CA PHE A 238 14.22 6.65 -10.60
C PHE A 238 13.94 6.83 -12.09
N GLN A 239 14.12 8.05 -12.59
CA GLN A 239 13.75 8.37 -13.96
C GLN A 239 14.92 8.94 -14.77
N VAL A 240 14.85 8.74 -16.09
CA VAL A 240 15.90 9.25 -16.97
C VAL A 240 15.51 10.55 -17.69
N ALA A 241 16.51 11.39 -17.91
CA ALA A 241 16.34 12.63 -18.63
C ALA A 241 17.26 12.64 -19.85
N LEU A 242 16.69 12.78 -21.04
CA LEU A 242 17.51 12.85 -22.24
C LEU A 242 18.00 14.27 -22.44
N THR A 243 19.23 14.41 -22.91
CA THR A 243 19.74 15.73 -23.30
C THR A 243 19.74 15.83 -24.82
N ILE A 244 18.98 16.78 -25.35
CA ILE A 244 18.91 17.03 -26.79
C ILE A 244 19.75 18.26 -27.17
N SER A 245 20.32 18.28 -28.37
CA SER A 245 21.12 19.44 -28.80
C SER A 245 21.09 19.70 -30.32
N SER A 246 22.09 20.41 -30.82
CA SER A 246 22.17 20.71 -32.25
C SER A 246 22.23 19.44 -33.07
N GLU A 247 22.94 18.43 -32.55
CA GLU A 247 23.11 17.18 -33.29
C GLU A 247 22.27 16.05 -32.70
N LEU A 248 21.39 15.46 -33.52
CA LEU A 248 20.57 14.32 -33.08
C LEU A 248 21.17 12.98 -33.51
N PRO A 249 21.64 12.18 -32.54
CA PRO A 249 22.26 10.90 -32.86
C PRO A 249 21.29 10.02 -33.63
N ASP A 250 21.79 8.94 -34.22
CA ASP A 250 20.92 8.03 -34.96
C ASP A 250 19.89 7.38 -34.04
N GLU A 251 20.34 6.92 -32.88
CA GLU A 251 19.46 6.22 -31.94
C GLU A 251 18.29 7.08 -31.52
N LEU A 252 18.36 8.38 -31.81
CA LEU A 252 17.26 9.28 -31.49
C LEU A 252 16.46 9.66 -32.72
N THR A 253 16.75 9.03 -33.86
CA THR A 253 15.94 9.26 -35.07
C THR A 253 15.48 7.93 -35.67
N GLU A 254 16.42 6.98 -35.81
CA GLU A 254 16.09 5.66 -36.31
C GLU A 254 15.03 5.01 -35.43
N LEU A 255 13.79 4.95 -35.92
CA LEU A 255 12.64 4.58 -35.10
C LEU A 255 12.87 3.40 -34.16
N LYS A 256 13.50 2.35 -34.67
CA LYS A 256 13.73 1.12 -33.91
C LYS A 256 14.40 1.40 -32.57
N LEU A 257 15.03 2.57 -32.45
CA LEU A 257 15.78 2.89 -31.26
C LEU A 257 15.08 3.92 -30.39
N VAL A 258 14.46 4.90 -31.01
CA VAL A 258 13.74 5.92 -30.24
C VAL A 258 12.58 5.30 -29.46
N ASP A 259 12.12 4.15 -29.94
CA ASP A 259 11.03 3.42 -29.30
C ASP A 259 11.43 2.95 -27.90
N ARG A 260 12.71 2.70 -27.69
CA ARG A 260 13.22 2.24 -26.40
C ARG A 260 12.75 3.13 -25.24
N TRP A 261 12.94 4.44 -25.39
CA TRP A 261 12.60 5.38 -24.32
C TRP A 261 11.13 5.38 -23.91
N LYS A 262 10.30 4.68 -24.68
CA LYS A 262 8.91 4.51 -24.28
C LYS A 262 8.80 3.43 -23.22
N ALA A 263 9.74 2.50 -23.25
CA ALA A 263 9.81 1.44 -22.26
C ALA A 263 10.79 1.78 -21.12
N GLU A 264 11.12 3.06 -20.99
CA GLU A 264 11.98 3.52 -19.92
C GLU A 264 11.27 4.59 -19.09
N PRO A 265 11.66 4.72 -17.83
CA PRO A 265 11.06 5.72 -16.93
C PRO A 265 11.51 7.13 -17.28
N LEU A 266 11.24 7.55 -18.52
CA LEU A 266 11.63 8.88 -18.98
C LEU A 266 10.79 9.97 -18.31
N ALA A 267 11.49 10.99 -17.79
CA ALA A 267 10.83 12.07 -17.05
C ALA A 267 11.12 13.46 -17.61
N ALA A 268 12.12 13.58 -18.48
CA ALA A 268 12.53 14.90 -18.95
C ALA A 268 13.44 14.92 -20.18
N PHE A 269 13.25 15.95 -20.99
CA PHE A 269 14.21 16.30 -22.03
C PHE A 269 14.92 17.58 -21.60
N VAL A 270 16.23 17.59 -21.66
CA VAL A 270 17.00 18.80 -21.39
C VAL A 270 17.40 19.38 -22.73
N ILE A 271 16.75 20.46 -23.13
CA ILE A 271 16.94 21.03 -24.46
C ILE A 271 17.96 22.18 -24.47
N GLU A 272 19.04 22.00 -25.24
CA GLU A 272 20.05 23.04 -25.38
C GLU A 272 19.61 24.15 -26.33
N SER A 273 19.98 25.39 -26.00
CA SER A 273 19.58 26.54 -26.77
C SER A 273 20.26 26.58 -28.13
N GLY A 274 21.02 25.54 -28.44
CA GLY A 274 21.59 25.40 -29.76
C GLY A 274 20.47 25.32 -30.79
N LEU A 275 20.08 26.49 -31.31
CA LEU A 275 19.04 26.57 -32.34
C LEU A 275 18.82 27.97 -32.91
N PHE A 276 18.02 28.04 -33.97
CA PHE A 276 17.94 29.23 -34.82
C PHE A 276 16.69 30.10 -34.65
N ILE A 277 16.51 31.00 -35.62
CA ILE A 277 15.38 31.93 -35.65
C ILE A 277 14.76 31.99 -37.04
N SER A 278 14.47 30.82 -37.61
CA SER A 278 13.94 30.72 -38.97
C SER A 278 12.51 31.24 -39.11
N GLY A 279 12.33 32.19 -40.03
CA GLY A 279 11.01 32.68 -40.39
C GLY A 279 10.47 33.82 -39.54
N ARG A 280 9.54 34.55 -40.12
CA ARG A 280 8.83 35.63 -39.42
C ARG A 280 9.75 36.72 -38.90
N ASN A 281 9.50 37.11 -37.64
CA ASN A 281 10.35 38.06 -36.94
C ASN A 281 11.58 37.37 -36.36
N GLY A 282 12.01 36.30 -37.02
CA GLY A 282 13.06 35.46 -36.48
C GLY A 282 12.48 34.51 -35.45
N GLU A 283 11.57 33.65 -35.90
CA GLU A 283 10.92 32.68 -35.02
C GLU A 283 11.91 31.70 -34.44
N ALA A 284 12.10 31.77 -33.12
CA ALA A 284 12.90 30.76 -32.44
C ALA A 284 12.16 29.43 -32.57
N SER A 285 12.64 28.58 -33.47
CA SER A 285 11.98 27.30 -33.77
C SER A 285 12.94 26.11 -33.74
N ILE A 286 12.48 24.97 -34.24
CA ILE A 286 13.19 23.71 -34.10
C ILE A 286 13.10 22.88 -35.38
N PRO A 287 14.18 22.13 -35.69
CA PRO A 287 14.22 21.18 -36.81
C PRO A 287 13.00 20.27 -36.90
N SER A 288 12.76 19.74 -38.10
CA SER A 288 11.71 18.73 -38.29
C SER A 288 12.04 17.44 -37.54
N ALA A 289 13.32 17.09 -37.48
CA ALA A 289 13.76 15.93 -36.72
C ALA A 289 13.59 16.14 -35.22
N HIS A 290 14.03 17.31 -34.75
CA HIS A 290 13.85 17.70 -33.36
C HIS A 290 12.37 17.62 -33.01
N ILE A 291 11.56 18.36 -33.76
CA ILE A 291 10.12 18.37 -33.51
C ILE A 291 9.61 16.94 -33.45
N ASN A 292 9.86 16.17 -34.49
CA ASN A 292 9.40 14.78 -34.55
C ASN A 292 9.80 14.00 -33.31
N LEU A 293 10.93 14.38 -32.71
CA LEU A 293 11.40 13.74 -31.48
C LEU A 293 10.62 14.18 -30.23
N LEU A 294 10.49 15.49 -30.02
CA LEU A 294 9.76 16.01 -28.86
C LEU A 294 8.27 15.70 -28.95
N LYS A 295 7.81 15.35 -30.14
CA LYS A 295 6.41 15.02 -30.35
C LYS A 295 6.24 13.50 -30.20
N HIS A 296 7.26 12.77 -30.65
CA HIS A 296 7.24 11.33 -30.62
C HIS A 296 7.14 10.78 -29.20
N LEU A 297 8.05 11.22 -28.33
CA LEU A 297 8.13 10.64 -26.99
C LEU A 297 7.32 11.40 -25.93
N TRP A 298 6.64 12.47 -26.37
CA TRP A 298 5.81 13.26 -25.46
C TRP A 298 4.49 12.57 -25.18
N THR A 299 4.54 11.47 -24.43
CA THR A 299 3.33 10.69 -24.14
C THR A 299 2.40 11.38 -23.14
N THR A 300 2.81 11.42 -21.88
CA THR A 300 2.05 12.07 -20.83
C THR A 300 2.49 13.51 -20.67
N ASP A 301 1.58 14.36 -20.20
CA ASP A 301 1.89 15.76 -19.93
C ASP A 301 2.57 15.94 -18.57
N ALA A 302 2.95 14.85 -17.93
CA ALA A 302 3.78 14.92 -16.74
C ALA A 302 5.17 15.39 -17.16
N LEU A 303 5.75 14.70 -18.13
CA LEU A 303 7.13 14.94 -18.56
C LEU A 303 7.41 16.43 -18.65
N ARG A 304 8.28 16.91 -17.77
CA ARG A 304 8.70 18.31 -17.78
C ARG A 304 9.75 18.53 -18.88
N ILE A 305 9.94 19.78 -19.28
CA ILE A 305 10.94 20.12 -20.28
C ILE A 305 11.87 21.19 -19.74
N VAL A 306 13.13 20.84 -19.52
CA VAL A 306 14.10 21.82 -19.08
C VAL A 306 14.80 22.44 -20.28
N LEU A 307 15.09 23.74 -20.20
CA LEU A 307 15.85 24.41 -21.25
C LEU A 307 17.25 24.74 -20.78
N ARG A 308 18.22 24.55 -21.65
CA ARG A 308 19.61 24.71 -21.27
C ARG A 308 20.31 25.80 -22.07
N ALA A 309 20.79 26.82 -21.38
CA ALA A 309 21.47 27.95 -22.01
C ALA A 309 22.94 27.67 -22.29
N THR A 310 23.22 27.21 -23.51
CA THR A 310 24.59 26.98 -23.96
C THR A 310 25.22 28.25 -24.52
N THR A 311 24.45 28.92 -25.38
CA THR A 311 24.89 30.16 -26.02
C THR A 311 24.94 31.32 -25.02
N ASP A 312 26.03 32.08 -25.06
CA ASP A 312 26.18 33.26 -24.21
C ASP A 312 25.23 34.38 -24.65
N THR A 313 24.16 34.01 -25.34
CA THR A 313 23.14 34.99 -25.71
C THR A 313 22.35 35.44 -24.50
N PHE A 314 22.71 36.60 -23.96
CA PHE A 314 21.89 37.24 -22.95
C PHE A 314 20.56 37.47 -23.63
N LYS A 315 20.52 37.11 -24.92
CA LYS A 315 19.27 36.99 -25.65
C LYS A 315 18.70 38.31 -26.15
N TYR A 316 17.38 38.44 -26.04
CA TYR A 316 16.72 39.68 -26.35
C TYR A 316 16.95 40.64 -25.20
N ASN A 317 18.15 40.63 -24.62
CA ASN A 317 18.43 41.36 -23.38
C ASN A 317 17.48 40.87 -22.30
N THR A 318 17.25 39.56 -22.32
CA THR A 318 16.50 38.83 -21.30
C THR A 318 15.01 38.68 -21.61
N SER A 319 14.63 38.77 -22.88
CA SER A 319 13.19 38.75 -23.17
C SER A 319 12.74 37.84 -24.33
N ILE A 320 13.58 36.84 -24.64
CA ILE A 320 13.25 35.82 -25.64
C ILE A 320 13.07 34.45 -24.98
N LYS A 321 13.46 34.37 -23.72
CA LYS A 321 13.27 33.14 -22.96
C LYS A 321 11.84 32.67 -23.19
N SER A 322 10.89 33.59 -23.04
CA SER A 322 9.48 33.31 -23.23
C SER A 322 9.20 32.81 -24.64
N GLU A 323 10.01 33.26 -25.59
CA GLU A 323 9.88 32.84 -26.98
C GLU A 323 10.24 31.37 -27.14
N TYR A 324 11.35 30.98 -26.52
CA TYR A 324 11.73 29.56 -26.45
C TYR A 324 10.62 28.73 -25.80
N SER A 325 10.20 29.17 -24.62
CA SER A 325 9.11 28.50 -23.90
C SER A 325 7.94 28.22 -24.81
N GLN A 326 7.38 29.27 -25.40
CA GLN A 326 6.25 29.14 -26.30
C GLN A 326 6.58 28.10 -27.38
N ALA A 327 7.70 28.28 -28.05
CA ALA A 327 8.12 27.35 -29.10
C ALA A 327 8.04 25.90 -28.66
N LEU A 328 8.43 25.65 -27.41
CA LEU A 328 8.43 24.31 -26.86
C LEU A 328 7.01 23.81 -26.62
N ARG A 329 6.21 24.63 -25.95
CA ARG A 329 4.86 24.21 -25.62
C ARG A 329 4.01 23.93 -26.87
N HIS A 330 4.13 24.75 -27.90
CA HIS A 330 3.27 24.57 -29.08
C HIS A 330 3.65 23.39 -29.98
N ALA A 331 4.61 22.59 -29.55
CA ALA A 331 5.12 21.51 -30.39
C ALA A 331 4.87 20.11 -29.81
N VAL A 332 4.24 20.04 -28.64
CA VAL A 332 3.93 18.75 -28.03
C VAL A 332 2.45 18.61 -27.64
N ARG A 333 1.74 19.74 -27.59
CA ARG A 333 0.33 19.72 -27.19
C ARG A 333 -0.56 19.26 -28.34
N VAL A 362 -3.10 7.19 12.98
CA VAL A 362 -1.91 7.13 12.13
C VAL A 362 -0.62 7.03 12.96
N LEU A 363 0.16 6.00 12.67
CA LEU A 363 1.43 5.79 13.36
C LEU A 363 2.54 6.67 12.83
N GLN A 364 3.47 7.01 13.73
CA GLN A 364 4.69 7.71 13.40
C GLN A 364 5.75 7.25 14.38
N ALA A 365 6.98 7.09 13.92
CA ALA A 365 8.09 6.83 14.83
C ALA A 365 8.43 8.11 15.59
N PRO A 366 9.04 7.97 16.77
CA PRO A 366 9.48 9.18 17.48
C PRO A 366 10.68 9.77 16.75
N LEU A 367 10.74 11.09 16.63
CA LEU A 367 11.89 11.73 15.98
C LEU A 367 13.18 11.29 16.66
N GLN A 368 14.29 11.45 15.95
CA GLN A 368 15.60 11.10 16.49
C GLN A 368 16.60 12.15 16.09
N PRO A 369 16.37 13.40 16.53
CA PRO A 369 17.16 14.54 16.06
C PRO A 369 18.66 14.31 16.22
N LEU A 370 19.05 13.61 17.28
CA LEU A 370 20.47 13.40 17.60
C LEU A 370 21.22 12.59 16.55
N SER A 371 20.60 11.52 16.04
CA SER A 371 21.26 10.65 15.07
C SER A 371 20.80 10.84 13.62
N GLU A 372 19.67 11.52 13.44
CA GLU A 372 19.27 11.90 12.08
C GLU A 372 19.12 13.42 11.97
N ASN A 373 19.43 13.95 10.79
CA ASN A 373 19.30 15.38 10.54
C ASN A 373 17.91 15.78 10.07
N LEU A 374 17.21 16.54 10.90
CA LEU A 374 15.85 16.95 10.60
C LEU A 374 15.78 17.83 9.35
N ASP A 375 14.90 17.48 8.42
CA ASP A 375 14.68 18.30 7.24
C ASP A 375 14.01 19.62 7.64
N SER A 376 13.94 20.56 6.71
CA SER A 376 13.38 21.87 7.01
C SER A 376 11.86 21.81 7.20
N GLY A 377 11.23 20.78 6.64
CA GLY A 377 9.81 20.58 6.84
C GLY A 377 9.50 20.40 8.30
N VAL A 378 10.17 19.43 8.92
CA VAL A 378 10.03 19.15 10.35
C VAL A 378 10.18 20.43 11.17
N TYR A 379 11.21 21.20 10.85
CA TYR A 379 11.53 22.43 11.56
C TYR A 379 10.43 23.49 11.40
N ASN A 380 10.00 23.71 10.17
CA ASN A 380 8.94 24.67 9.86
C ASN A 380 7.65 24.33 10.60
N THR A 381 7.27 23.06 10.56
CA THR A 381 6.11 22.59 11.30
C THR A 381 6.32 22.90 12.78
N PHE A 382 7.48 22.54 13.31
CA PHE A 382 7.83 22.88 14.67
C PHE A 382 7.45 24.33 14.95
N GLU A 383 7.88 25.22 14.06
CA GLU A 383 7.66 26.65 14.18
C GLU A 383 6.18 27.01 14.23
N GLN A 384 5.36 26.32 13.44
CA GLN A 384 3.93 26.60 13.42
C GLN A 384 3.28 26.47 14.79
N ASP A 385 3.94 25.77 15.72
CA ASP A 385 3.50 25.74 17.12
C ASP A 385 4.15 26.88 17.89
N GLN A 386 3.62 28.09 17.70
CA GLN A 386 4.20 29.29 18.28
C GLN A 386 4.12 29.33 19.81
N ILE A 387 3.16 28.60 20.37
CA ILE A 387 2.92 28.61 21.81
C ILE A 387 4.13 28.07 22.59
N LYS A 388 4.73 27.01 22.08
CA LYS A 388 5.94 26.46 22.66
C LYS A 388 6.99 27.57 22.80
N TYR A 389 7.16 28.34 21.73
CA TYR A 389 8.15 29.39 21.70
C TYR A 389 7.79 30.53 22.65
N ASP A 390 6.51 30.92 22.69
CA ASP A 390 6.06 31.95 23.62
C ASP A 390 6.43 31.56 25.04
N VAL A 391 6.01 30.36 25.44
CA VAL A 391 6.33 29.85 26.76
C VAL A 391 7.84 29.91 27.01
N TYR A 392 8.62 29.44 26.04
CA TYR A 392 10.08 29.51 26.19
C TYR A 392 10.55 30.93 26.47
N GLY A 393 9.97 31.89 25.77
CA GLY A 393 10.29 33.30 25.97
C GLY A 393 9.99 33.73 27.38
N GLU A 394 8.81 33.38 27.87
CA GLU A 394 8.42 33.72 29.23
C GLU A 394 9.42 33.15 30.24
N ALA A 395 9.82 31.91 30.01
CA ALA A 395 10.81 31.26 30.86
C ALA A 395 12.08 32.09 30.87
N VAL A 396 12.55 32.46 29.69
CA VAL A 396 13.77 33.23 29.55
C VAL A 396 13.68 34.56 30.30
N VAL A 397 12.61 35.32 30.09
CA VAL A 397 12.48 36.61 30.76
C VAL A 397 12.48 36.40 32.27
N GLY A 398 11.86 35.32 32.74
CA GLY A 398 11.87 35.01 34.16
C GLY A 398 13.27 34.76 34.69
N ALA A 399 14.07 34.03 33.91
CA ALA A 399 15.46 33.77 34.26
C ALA A 399 16.26 35.06 34.30
N LEU A 400 16.13 35.87 33.25
CA LEU A 400 16.82 37.15 33.18
C LEU A 400 16.33 38.10 34.26
N LYS A 401 15.21 37.74 34.90
CA LYS A 401 14.66 38.53 35.99
C LYS A 401 15.28 38.13 37.32
N ASP A 402 15.33 36.82 37.57
CA ASP A 402 15.98 36.31 38.79
C ASP A 402 17.49 36.55 38.79
N LEU A 403 18.09 36.63 37.61
CA LEU A 403 19.51 36.93 37.49
C LEU A 403 19.73 38.42 37.34
N GLY A 404 18.81 39.07 36.64
CA GLY A 404 18.93 40.49 36.33
C GLY A 404 18.67 41.39 37.51
N ALA A 405 17.86 40.94 38.45
CA ALA A 405 17.57 41.71 39.67
C ALA A 405 18.85 42.03 40.42
N ASP A 406 19.88 41.23 40.15
CA ASP A 406 21.21 41.37 40.76
C ASP A 406 21.92 42.65 40.30
N GLY A 407 21.38 43.28 39.26
CA GLY A 407 21.96 44.49 38.71
C GLY A 407 23.09 44.21 37.73
N ARG A 408 23.04 43.03 37.09
CA ARG A 408 24.06 42.65 36.13
C ARG A 408 24.09 43.56 34.92
N LYS A 409 25.13 43.43 34.12
CA LYS A 409 25.26 44.16 32.86
C LYS A 409 25.14 43.20 31.68
N THR A 410 26.03 42.21 31.62
CA THR A 410 26.07 41.28 30.51
C THR A 410 25.87 39.84 31.01
N VAL A 411 25.26 39.01 30.17
CA VAL A 411 24.98 37.62 30.55
C VAL A 411 25.14 36.63 29.38
N VAL A 412 25.79 35.51 29.65
CA VAL A 412 26.07 34.53 28.59
C VAL A 412 25.01 33.42 28.50
N ILE A 413 24.41 33.30 27.33
CA ILE A 413 23.40 32.28 27.07
C ILE A 413 23.83 31.31 25.96
N TYR A 414 23.41 30.06 26.09
CA TYR A 414 23.66 29.07 25.04
C TYR A 414 22.35 28.40 24.64
N LEU A 415 21.96 28.57 23.38
CA LEU A 415 20.88 27.77 22.83
C LEU A 415 21.49 26.46 22.38
N LEU A 416 20.99 25.35 22.91
CA LEU A 416 21.57 24.05 22.61
C LEU A 416 20.72 23.22 21.61
N GLY A 417 21.11 23.29 20.34
CA GLY A 417 20.31 22.72 19.27
C GLY A 417 19.30 23.75 18.80
N GLY A 418 19.78 24.68 17.98
CA GLY A 418 19.00 25.84 17.56
C GLY A 418 17.99 25.59 16.47
N GLY A 419 18.21 24.55 15.66
CA GLY A 419 17.34 24.27 14.53
C GLY A 419 17.47 25.36 13.48
N ARG A 420 16.35 25.97 13.11
CA ARG A 420 16.36 27.17 12.27
C ARG A 420 16.38 28.45 13.13
N GLY A 421 16.39 28.27 14.45
CA GLY A 421 16.58 29.36 15.39
C GLY A 421 15.38 30.19 15.83
N PRO A 422 14.20 29.58 15.96
CA PRO A 422 13.05 30.35 16.45
C PRO A 422 13.26 30.77 17.90
N ILE A 423 13.91 29.90 18.66
CA ILE A 423 14.25 30.17 20.06
C ILE A 423 15.39 31.18 20.15
N GLY A 424 16.13 31.35 19.06
CA GLY A 424 17.17 32.38 19.02
C GLY A 424 16.55 33.76 18.91
N THR A 425 15.82 33.98 17.82
CA THR A 425 15.06 35.21 17.64
C THR A 425 14.21 35.49 18.87
N LYS A 426 13.61 34.45 19.42
CA LYS A 426 12.76 34.61 20.60
C LYS A 426 13.57 35.00 21.84
N ILE A 427 14.75 34.41 22.01
CA ILE A 427 15.60 34.78 23.14
C ILE A 427 15.97 36.25 23.06
N LEU A 428 16.37 36.71 21.87
CA LEU A 428 16.67 38.12 21.69
C LEU A 428 15.46 38.95 22.07
N LYS A 429 14.32 38.59 21.50
CA LYS A 429 13.06 39.27 21.80
C LYS A 429 12.89 39.38 23.31
N SER A 430 13.36 38.36 24.02
CA SER A 430 13.27 38.32 25.48
C SER A 430 14.22 39.29 26.16
N GLU A 431 15.45 39.39 25.67
CA GLU A 431 16.36 40.38 26.24
C GLU A 431 15.76 41.78 26.07
N ARG A 432 15.17 42.04 24.90
CA ARG A 432 14.58 43.34 24.65
C ARG A 432 13.38 43.65 25.54
N GLU A 433 12.41 42.74 25.60
CA GLU A 433 11.24 42.94 26.44
C GLU A 433 11.64 43.10 27.91
N TYR A 434 12.55 42.25 28.36
CA TYR A 434 13.08 42.35 29.71
C TYR A 434 13.64 43.74 29.98
N ASN A 435 14.43 44.25 29.03
CA ASN A 435 15.00 45.59 29.19
C ASN A 435 13.95 46.69 29.24
N ASN A 436 12.95 46.61 28.37
CA ASN A 436 11.93 47.65 28.33
C ASN A 436 10.92 47.60 29.47
N THR A 437 10.88 46.48 30.21
CA THR A 437 9.99 46.41 31.38
C THR A 437 10.71 46.56 32.73
N PHE A 438 11.95 46.12 32.83
CA PHE A 438 12.65 46.09 34.11
C PHE A 438 13.76 47.13 34.26
N ARG A 439 14.54 47.32 33.22
CA ARG A 439 15.66 48.25 33.26
C ARG A 439 15.26 49.68 32.89
N GLN A 440 14.00 50.03 33.17
CA GLN A 440 13.47 51.35 32.80
C GLN A 440 14.22 52.51 33.49
N GLY A 441 14.79 53.39 32.69
CA GLY A 441 15.51 54.53 33.22
C GLY A 441 16.79 54.14 33.92
N GLN A 442 17.44 53.09 33.42
CA GLN A 442 18.70 52.63 33.98
C GLN A 442 19.44 51.72 33.01
N GLU A 443 20.65 51.33 33.39
CA GLU A 443 21.52 50.53 32.54
C GLU A 443 20.82 49.28 31.99
N SER A 444 20.96 49.04 30.69
CA SER A 444 20.43 47.84 30.06
C SER A 444 21.29 46.61 30.33
N LEU A 445 20.63 45.47 30.49
CA LEU A 445 21.31 44.19 30.57
C LEU A 445 21.41 43.59 29.18
N LYS A 446 22.63 43.36 28.72
CA LYS A 446 22.86 42.83 27.38
C LYS A 446 23.27 41.35 27.44
N VAL A 447 22.83 40.57 26.46
CA VAL A 447 23.08 39.13 26.45
C VAL A 447 23.93 38.68 25.26
N LYS A 448 24.99 37.93 25.55
CA LYS A 448 25.81 37.31 24.51
C LYS A 448 25.26 35.91 24.25
N LEU A 449 25.03 35.60 22.98
CA LEU A 449 24.29 34.39 22.60
C LEU A 449 25.08 33.41 21.75
N TYR A 450 25.44 32.26 22.33
CA TYR A 450 26.05 31.18 21.58
C TYR A 450 25.00 30.17 21.18
N ILE A 451 24.88 29.90 19.89
CA ILE A 451 23.98 28.84 19.44
C ILE A 451 24.78 27.62 18.97
N VAL A 452 24.56 26.49 19.63
CA VAL A 452 25.31 25.27 19.33
C VAL A 452 24.43 24.28 18.56
N GLU A 453 24.97 23.75 17.46
CA GLU A 453 24.17 22.88 16.59
C GLU A 453 25.03 21.86 15.83
N LYS A 454 24.44 20.73 15.47
CA LYS A 454 25.16 19.63 14.82
C LYS A 454 24.77 19.39 13.35
N ASN A 455 23.47 19.38 13.07
CA ASN A 455 23.00 19.28 11.69
C ASN A 455 23.61 20.39 10.84
N PRO A 456 24.49 20.02 9.88
CA PRO A 456 25.21 21.01 9.09
C PRO A 456 24.29 21.87 8.24
N ASN A 457 23.28 21.25 7.62
CA ASN A 457 22.29 22.00 6.86
C ASN A 457 21.66 23.10 7.72
N ALA A 458 21.21 22.69 8.90
CA ALA A 458 20.65 23.62 9.86
C ALA A 458 21.62 24.78 10.04
N ILE A 459 22.91 24.48 10.17
CA ILE A 459 23.94 25.51 10.28
C ILE A 459 23.85 26.47 9.11
N VAL A 460 23.70 25.91 7.91
CA VAL A 460 23.53 26.71 6.71
C VAL A 460 22.39 27.70 6.91
N THR A 461 21.34 27.29 7.61
CA THR A 461 20.26 28.23 7.93
C THR A 461 20.62 29.25 9.03
N LEU A 462 21.38 28.78 10.02
CA LEU A 462 21.71 29.59 11.19
C LEU A 462 22.62 30.76 10.85
N LYS A 463 23.45 30.57 9.82
CA LYS A 463 24.33 31.64 9.39
C LYS A 463 23.56 32.74 8.65
N TYR A 464 22.65 32.34 7.79
CA TYR A 464 21.78 33.27 7.06
C TYR A 464 20.95 34.05 8.05
N ASN A 466 21.59 34.49 11.29
CA ASN A 466 22.53 35.34 12.01
C ASN A 466 22.79 36.64 11.27
N VAL A 467 23.01 36.54 9.97
CA VAL A 467 23.26 37.72 9.16
C VAL A 467 22.04 38.62 9.09
N ARG A 468 20.98 38.15 8.44
CA ARG A 468 19.83 39.00 8.15
C ARG A 468 19.16 39.58 9.40
N THR A 469 18.61 38.71 10.24
CA THR A 469 17.81 39.14 11.39
C THR A 469 18.62 39.51 12.63
N TRP A 470 19.64 38.72 12.93
CA TRP A 470 20.35 38.84 14.21
C TRP A 470 21.51 39.83 14.20
N LYS A 471 21.85 40.34 13.02
CA LYS A 471 22.92 41.33 12.89
C LYS A 471 24.25 40.81 13.44
N ARG A 472 24.65 39.63 12.98
CA ARG A 472 25.96 39.03 13.31
C ARG A 472 26.30 39.04 14.80
N ARG A 473 25.31 39.28 15.65
CA ARG A 473 25.56 39.34 17.08
C ARG A 473 25.89 37.99 17.69
N VAL A 474 25.28 36.93 17.16
CA VAL A 474 25.40 35.61 17.76
C VAL A 474 26.52 34.77 17.20
N THR A 475 27.14 33.99 18.08
CA THR A 475 28.21 33.06 17.71
C THR A 475 27.62 31.68 17.36
N ILE A 476 27.79 31.29 16.09
CA ILE A 476 27.25 30.03 15.59
C ILE A 476 28.29 28.92 15.69
N ILE A 477 28.13 28.04 16.66
CA ILE A 477 29.08 26.93 16.83
C ILE A 477 28.53 25.59 16.35
N GLU A 478 29.11 25.08 15.27
CA GLU A 478 28.73 23.79 14.72
C GLU A 478 29.47 22.69 15.45
N SER A 479 28.71 21.86 16.15
CA SER A 479 29.26 20.78 16.95
C SER A 479 28.13 20.02 17.66
N ASP A 480 28.43 18.83 18.16
CA ASP A 480 27.54 18.17 19.09
C ASP A 480 27.87 18.73 20.46
N ARG A 482 27.72 17.91 23.32
CA ARG A 482 28.45 17.01 24.21
C ARG A 482 29.95 17.07 23.97
N SER A 483 30.38 18.05 23.17
CA SER A 483 31.79 18.22 22.86
C SER A 483 32.30 19.63 23.16
N LEU A 484 31.38 20.55 23.45
CA LEU A 484 31.75 21.91 23.84
C LEU A 484 32.83 21.92 24.92
N PRO A 485 32.67 21.08 25.95
CA PRO A 485 33.63 21.06 27.05
C PRO A 485 35.08 21.04 26.56
N GLY A 486 35.32 20.61 25.33
CA GLY A 486 36.66 20.58 24.77
C GLY A 486 37.02 21.82 23.96
N ILE A 487 36.13 22.21 23.05
CA ILE A 487 36.40 23.32 22.14
C ILE A 487 36.02 24.68 22.72
N ALA A 488 35.59 24.69 23.98
CA ALA A 488 35.16 25.92 24.63
C ALA A 488 36.32 26.81 25.05
N LYS A 489 37.13 26.32 25.99
CA LYS A 489 38.27 27.07 26.48
C LYS A 489 39.31 27.28 25.38
N ASP A 490 39.39 26.31 24.47
CA ASP A 490 40.29 26.43 23.33
C ASP A 490 39.95 27.62 22.45
N ARG A 491 38.76 27.61 21.86
CA ARG A 491 38.31 28.72 21.02
C ARG A 491 37.91 29.95 21.82
N GLY A 492 38.16 29.91 23.13
CA GLY A 492 37.95 31.06 23.98
C GLY A 492 36.51 31.47 24.20
N PHE A 493 35.65 30.49 24.46
CA PHE A 493 34.26 30.77 24.85
C PHE A 493 34.13 30.68 26.37
N GLU A 494 33.45 31.65 26.96
CA GLU A 494 33.28 31.68 28.41
C GLU A 494 32.09 30.86 28.88
N GLN A 495 32.17 30.35 30.11
CA GLN A 495 31.09 29.56 30.70
C GLN A 495 29.77 30.30 30.62
N PRO A 496 28.66 29.57 30.44
CA PRO A 496 27.35 30.16 30.31
C PRO A 496 26.70 30.35 31.67
N ASP A 497 25.74 31.26 31.73
CA ASP A 497 24.94 31.44 32.92
C ASP A 497 23.62 30.70 32.70
N ILE A 498 23.17 30.67 31.46
CA ILE A 498 21.98 29.91 31.11
C ILE A 498 22.23 29.04 29.88
N ILE A 499 21.92 27.75 30.00
CA ILE A 499 21.86 26.89 28.83
C ILE A 499 20.39 26.56 28.55
N VAL A 500 19.99 26.73 27.30
CA VAL A 500 18.60 26.54 26.91
C VAL A 500 18.50 25.48 25.82
N SER A 501 17.69 24.45 26.07
CA SER A 501 17.57 23.35 25.12
C SER A 501 16.12 22.91 24.98
N GLU A 502 15.77 22.34 23.82
CA GLU A 502 14.44 21.81 23.59
C GLU A 502 14.57 20.48 22.88
N LEU A 503 15.00 19.46 23.63
CA LEU A 503 15.23 18.12 23.08
C LEU A 503 14.25 17.13 23.68
N LEU A 504 12.96 17.31 23.42
CA LEU A 504 11.96 16.50 24.09
C LEU A 504 11.17 15.60 23.15
N GLY A 505 11.02 14.34 23.55
CA GLY A 505 10.10 13.46 22.89
C GLY A 505 8.74 13.52 23.57
N SER A 506 7.75 12.86 22.98
CA SER A 506 6.43 12.80 23.60
C SER A 506 6.53 12.08 24.94
N PHE A 507 7.49 11.16 25.04
CA PHE A 507 7.74 10.46 26.28
C PHE A 507 8.83 11.16 27.08
N GLY A 508 9.01 12.45 26.79
CA GLY A 508 9.96 13.28 27.51
C GLY A 508 11.40 13.03 27.11
N ASP A 509 12.04 12.08 27.78
CA ASP A 509 13.46 11.80 27.56
C ASP A 509 13.72 10.77 26.45
N ASN A 510 12.70 10.50 25.63
CA ASN A 510 12.85 9.51 24.58
C ASN A 510 13.69 9.98 23.39
N GLU A 511 13.98 11.28 23.35
CA GLU A 511 14.87 11.84 22.32
C GLU A 511 16.27 12.14 22.85
N LEU A 512 16.72 11.33 23.80
CA LEU A 512 18.09 11.41 24.31
C LEU A 512 18.50 12.69 25.05
N SER A 513 17.54 13.54 25.40
CA SER A 513 17.84 14.80 26.08
C SER A 513 18.85 14.67 27.23
N PRO A 514 18.54 13.83 28.23
CA PRO A 514 19.44 13.72 29.39
C PRO A 514 20.91 13.51 29.03
N GLU A 515 21.20 12.69 28.03
CA GLU A 515 22.59 12.46 27.62
C GLU A 515 23.18 13.68 26.92
N CYS A 516 22.37 14.31 26.08
CA CYS A 516 22.77 15.52 25.39
C CYS A 516 23.18 16.60 26.38
N LEU A 517 22.24 17.02 27.23
CA LEU A 517 22.49 18.07 28.22
C LEU A 517 23.56 17.67 29.22
N ASP A 518 23.56 16.40 29.62
CA ASP A 518 24.59 15.89 30.52
C ASP A 518 26.00 16.05 29.91
N GLY A 519 26.07 16.04 28.58
CA GLY A 519 27.35 16.22 27.91
C GLY A 519 27.97 17.60 28.15
N VAL A 520 27.12 18.56 28.50
CA VAL A 520 27.51 19.96 28.56
C VAL A 520 27.89 20.41 29.98
N THR A 521 27.75 19.54 30.98
CA THR A 521 27.93 19.92 32.39
C THR A 521 29.36 20.30 32.80
N GLY A 522 30.36 19.71 32.15
CA GLY A 522 31.75 19.96 32.53
C GLY A 522 32.31 21.35 32.29
N PHE A 523 31.46 22.29 31.88
CA PHE A 523 31.92 23.62 31.45
C PHE A 523 31.03 24.79 31.93
N LEU A 524 29.97 24.47 32.64
CA LEU A 524 29.09 25.48 33.25
C LEU A 524 29.57 25.86 34.66
N LYS A 525 29.10 26.99 35.16
CA LYS A 525 29.31 27.38 36.55
C LYS A 525 28.31 26.63 37.42
N PRO A 526 28.62 26.45 38.71
CA PRO A 526 27.60 25.99 39.66
C PRO A 526 26.43 26.96 39.64
N THR A 527 26.73 28.20 39.24
CA THR A 527 25.74 29.25 39.09
C THR A 527 24.75 28.94 37.96
N THR A 528 25.25 28.33 36.90
CA THR A 528 24.49 28.15 35.66
C THR A 528 23.12 27.54 35.90
N ILE A 529 22.07 28.32 35.63
CA ILE A 529 20.70 27.82 35.66
C ILE A 529 20.36 27.25 34.30
N SER A 530 19.90 26.01 34.27
CA SER A 530 19.60 25.34 33.01
C SER A 530 18.10 25.31 32.74
N ILE A 531 17.73 25.61 31.50
CA ILE A 531 16.35 25.43 31.07
C ILE A 531 16.29 24.54 29.82
N PRO A 532 15.39 23.55 29.85
CA PRO A 532 14.46 23.28 30.95
C PRO A 532 15.17 22.91 32.26
N GLN A 533 14.48 23.12 33.37
CA GLN A 533 15.01 22.70 34.66
C GLN A 533 14.68 21.24 34.89
N LYS A 534 13.41 20.92 34.68
CA LYS A 534 12.91 19.61 35.03
C LYS A 534 11.91 19.17 33.98
N TYR A 535 11.82 17.87 33.76
CA TYR A 535 10.74 17.30 32.97
C TYR A 535 10.44 15.89 33.45
N THR A 536 9.22 15.42 33.19
CA THR A 536 8.78 14.15 33.74
C THR A 536 7.82 13.41 32.82
N SER A 537 8.10 12.11 32.69
CA SER A 537 7.45 11.18 31.78
C SER A 537 6.33 10.50 32.52
N TYR A 538 5.11 10.65 32.03
CA TYR A 538 3.93 10.03 32.63
C TYR A 538 3.35 8.92 31.74
N VAL A 539 2.30 8.26 32.24
CA VAL A 539 1.75 7.10 31.54
C VAL A 539 0.32 6.76 31.99
N LYS A 540 -0.44 6.10 31.13
CA LYS A 540 -1.83 5.75 31.43
C LYS A 540 -2.37 4.64 30.54
N PRO A 541 -2.89 3.57 31.17
CA PRO A 541 -3.42 2.39 30.46
C PRO A 541 -4.55 2.74 29.50
N ILE A 542 -4.50 2.26 28.27
CA ILE A 542 -5.59 2.49 27.32
C ILE A 542 -6.08 1.24 26.58
N SER A 544 -7.75 0.11 22.82
CA SER A 544 -8.13 0.40 21.46
C SER A 544 -7.72 -0.75 20.56
N THR A 545 -8.70 -1.48 20.01
CA THR A 545 -8.36 -2.54 19.08
C THR A 545 -7.81 -1.93 17.80
N HIS A 546 -8.14 -0.67 17.54
CA HIS A 546 -7.66 -0.02 16.32
C HIS A 546 -6.18 0.32 16.36
N ILE A 547 -5.74 0.95 17.45
CA ILE A 547 -4.34 1.32 17.58
C ILE A 547 -3.49 0.05 17.62
N HIS A 548 -3.95 -0.94 18.37
CA HIS A 548 -3.21 -2.20 18.45
C HIS A 548 -3.15 -2.91 17.10
N GLN A 549 -4.31 -3.16 16.52
CA GLN A 549 -4.40 -3.84 15.23
C GLN A 549 -3.60 -3.11 14.16
N THR A 550 -3.50 -1.79 14.31
CA THR A 550 -2.74 -0.97 13.37
C THR A 550 -1.23 -1.11 13.56
N ILE A 551 -0.77 -1.00 14.80
CA ILE A 551 0.64 -1.23 15.09
C ILE A 551 1.10 -2.61 14.62
N LYS A 552 0.28 -3.62 14.87
CA LYS A 552 0.65 -4.99 14.55
C LYS A 552 0.86 -5.23 13.06
N ALA A 553 0.02 -4.61 12.23
CA ALA A 553 -0.05 -4.96 10.81
C ALA A 553 0.89 -4.17 9.89
N GLN A 554 1.74 -3.32 10.46
CA GLN A 554 2.75 -2.63 9.67
C GLN A 554 3.61 -3.61 8.85
N SER A 555 3.74 -3.36 7.56
CA SER A 555 4.49 -4.24 6.66
C SER A 555 5.48 -3.46 5.82
N ILE A 556 6.51 -4.13 5.32
CA ILE A 556 7.54 -3.45 4.52
C ILE A 556 7.59 -3.90 3.06
N PRO A 557 7.03 -3.07 2.16
CA PRO A 557 7.05 -3.27 0.71
C PRO A 557 8.47 -3.33 0.11
N TYR A 558 8.60 -4.01 -1.02
CA TYR A 558 9.90 -4.14 -1.71
C TYR A 558 10.70 -2.85 -1.72
N LEU A 559 10.09 -1.75 -2.14
CA LEU A 559 10.81 -0.49 -2.18
C LEU A 559 11.36 -0.07 -0.80
N SER A 560 10.79 -0.61 0.26
CA SER A 560 11.23 -0.23 1.59
C SER A 560 12.15 -1.24 2.27
N ARG A 561 12.53 -2.29 1.55
CA ARG A 561 13.22 -3.44 2.12
C ARG A 561 14.56 -3.16 2.82
N ALA A 562 15.15 -2.01 2.58
CA ALA A 562 16.46 -1.72 3.14
C ALA A 562 16.44 -0.47 4.02
N ILE A 563 15.25 0.08 4.26
CA ILE A 563 15.18 1.17 5.21
C ILE A 563 15.63 0.64 6.56
N PRO A 564 16.59 1.33 7.20
CA PRO A 564 17.22 0.98 8.47
C PRO A 564 16.20 0.72 9.56
N SER A 565 16.48 -0.28 10.40
CA SER A 565 15.60 -0.61 11.52
C SER A 565 15.77 0.43 12.63
N HIS A 566 14.77 0.54 13.50
CA HIS A 566 14.89 1.39 14.68
C HIS A 566 15.65 0.66 15.80
N GLY A 567 16.19 -0.51 15.50
CA GLY A 567 16.84 -1.30 16.50
C GLY A 567 18.34 -1.19 16.42
N ARG A 568 19.03 -2.22 16.89
CA ARG A 568 20.48 -2.21 16.90
C ARG A 568 21.10 -2.57 15.56
N GLY A 569 20.35 -3.29 14.74
CA GLY A 569 20.86 -3.72 13.45
C GLY A 569 20.68 -2.71 12.35
N GLU A 570 21.52 -2.80 11.33
CA GLU A 570 21.47 -1.88 10.19
C GLU A 570 21.47 -2.66 8.87
N PRO A 571 21.05 -2.01 7.77
CA PRO A 571 20.98 -2.63 6.44
C PRO A 571 22.27 -3.34 5.98
N GLU A 572 22.12 -4.27 5.03
CA GLU A 572 23.26 -5.06 4.55
C GLU A 572 23.08 -5.46 3.08
N LEU A 573 24.16 -5.98 2.48
CA LEU A 573 24.08 -6.49 1.12
C LEU A 573 23.76 -7.98 1.16
N ASP A 574 22.74 -8.37 0.40
CA ASP A 574 22.34 -9.76 0.32
C ASP A 574 23.08 -10.46 -0.81
N GLU A 575 22.69 -11.69 -1.08
CA GLU A 575 23.37 -12.55 -2.05
C GLU A 575 23.31 -11.98 -3.48
N ASP A 576 22.44 -11.01 -3.71
CA ASP A 576 22.34 -10.36 -5.02
C ASP A 576 22.98 -8.97 -5.03
N GLU A 577 23.88 -8.73 -4.08
CA GLU A 577 24.45 -7.40 -3.89
C GLU A 577 23.34 -6.33 -3.89
N TRP A 579 20.62 -4.10 -1.12
CA TRP A 579 20.54 -3.69 0.28
C TRP A 579 19.30 -4.25 0.95
N ILE A 580 19.48 -4.81 2.13
CA ILE A 580 18.36 -5.42 2.84
C ILE A 580 18.47 -5.09 4.31
N GLN A 581 17.34 -4.90 4.98
CA GLN A 581 17.31 -4.72 6.42
C GLN A 581 16.65 -5.94 7.02
N LYS A 582 17.43 -6.81 7.63
CA LYS A 582 16.90 -8.04 8.15
C LYS A 582 16.35 -7.84 9.56
N TYR A 583 15.38 -8.66 9.93
CA TYR A 583 14.76 -8.59 11.25
C TYR A 583 14.70 -9.97 11.87
N PRO A 584 15.84 -10.43 12.40
CA PRO A 584 15.96 -11.75 13.04
C PRO A 584 14.90 -12.02 14.12
N GLN A 585 14.51 -11.02 14.89
CA GLN A 585 13.51 -11.24 15.93
C GLN A 585 12.13 -11.51 15.36
N GLY A 586 11.94 -11.23 14.07
CA GLY A 586 10.64 -11.40 13.42
C GLY A 586 9.95 -10.08 13.21
N HIS A 587 9.17 -9.96 12.14
CA HIS A 587 8.58 -8.68 11.75
C HIS A 587 7.55 -8.16 12.75
N VAL A 588 6.52 -8.94 13.01
CA VAL A 588 5.51 -8.56 13.99
C VAL A 588 6.15 -8.13 15.31
N ARG A 589 6.91 -9.05 15.93
CA ARG A 589 7.67 -8.75 17.14
C ARG A 589 8.31 -7.37 17.05
N ASN A 590 9.13 -7.19 16.02
CA ASN A 590 9.74 -5.91 15.74
C ASN A 590 8.74 -4.74 15.77
N ASN A 591 7.53 -4.98 15.27
CA ASN A 591 6.49 -3.96 15.37
C ASN A 591 6.11 -3.69 16.82
N ASP A 593 7.77 -4.23 19.82
CA ASP A 593 8.76 -3.73 20.76
C ASP A 593 9.30 -2.33 20.43
N GLN A 594 8.40 -1.41 20.08
CA GLN A 594 8.79 -0.03 19.84
C GLN A 594 7.84 0.96 20.51
N ILE A 595 8.35 2.14 20.87
CA ILE A 595 7.49 3.25 21.26
C ILE A 595 6.90 3.86 20.00
N TYR A 596 5.78 4.56 20.12
CA TYR A 596 5.23 5.24 18.96
C TYR A 596 4.70 6.60 19.36
N VAL A 597 4.47 7.46 18.37
CA VAL A 597 3.74 8.70 18.64
C VAL A 597 2.49 8.67 17.78
N VAL A 598 1.33 8.76 18.43
CA VAL A 598 0.07 8.61 17.72
C VAL A 598 -0.88 9.71 18.10
N TYR A 599 -1.74 10.10 17.17
CA TYR A 599 -2.89 10.91 17.53
C TYR A 599 -3.98 9.96 17.97
N LEU A 600 -4.11 9.80 19.28
CA LEU A 600 -5.04 8.85 19.85
C LEU A 600 -6.44 9.05 19.28
N SER A 601 -6.84 8.17 18.38
CA SER A 601 -8.14 8.26 17.73
C SER A 601 -9.22 7.48 18.49
N LYS A 602 -9.31 6.18 18.22
CA LYS A 602 -10.40 5.35 18.70
C LYS A 602 -10.01 4.55 19.94
N TYR A 603 -9.61 5.25 20.99
CA TYR A 603 -9.20 4.58 22.21
C TYR A 603 -10.12 4.90 23.38
N ILE A 604 -9.76 4.37 24.54
CA ILE A 604 -10.54 4.54 25.75
C ILE A 604 -9.59 4.45 26.94
N PRO A 605 -9.74 5.35 27.90
CA PRO A 605 -8.87 5.26 29.07
C PRO A 605 -9.39 4.19 30.02
N LEU A 606 -8.48 3.43 30.63
CA LEU A 606 -8.87 2.46 31.64
C LEU A 606 -8.59 3.03 33.03
N ALA A 607 -7.67 3.98 33.09
CA ALA A 607 -7.45 4.76 34.31
C ALA A 607 -8.05 6.14 34.12
N GLU A 608 -8.59 6.71 35.19
CA GLU A 608 -9.19 8.04 35.09
C GLU A 608 -8.09 9.10 35.03
N THR A 609 -6.97 8.83 35.70
CA THR A 609 -5.84 9.74 35.70
C THR A 609 -4.55 8.97 35.46
N THR A 610 -3.51 9.68 35.04
CA THR A 610 -2.22 9.09 34.70
C THR A 610 -1.32 8.98 35.94
N LYS A 611 -0.08 8.51 35.75
CA LYS A 611 0.90 8.39 36.83
C LYS A 611 2.32 8.76 36.37
N PRO A 612 3.15 9.26 37.29
CA PRO A 612 4.55 9.60 36.98
C PRO A 612 5.44 8.39 36.69
N VAL A 613 6.27 8.50 35.65
CA VAL A 613 7.22 7.45 35.29
C VAL A 613 8.68 7.88 35.49
N PHE A 614 9.14 8.85 34.69
CA PHE A 614 10.58 9.20 34.70
C PHE A 614 10.90 10.70 34.79
N THR A 615 11.58 11.12 35.85
CA THR A 615 11.98 12.51 35.99
C THR A 615 13.44 12.78 35.61
N PHE A 616 13.69 14.01 35.14
CA PHE A 616 15.04 14.45 34.87
C PHE A 616 15.18 15.94 35.21
N GLU A 617 16.31 16.29 35.84
CA GLU A 617 16.56 17.62 36.33
C GLU A 617 17.93 18.13 35.88
N HIS A 618 17.98 19.35 35.35
CA HIS A 618 19.22 19.93 34.84
C HIS A 618 19.49 21.31 35.43
N PRO A 619 20.78 21.67 35.57
CA PRO A 619 21.91 20.80 35.21
C PRO A 619 22.10 19.65 36.20
N ASN A 620 22.37 18.46 35.67
CA ASN A 620 22.70 17.32 36.49
C ASN A 620 24.13 17.42 37.01
N PHE A 621 24.36 18.36 37.93
CA PHE A 621 25.69 18.65 38.44
C PHE A 621 26.38 17.47 39.12
N ASN A 623 25.97 14.26 38.28
CA ASN A 623 26.07 13.12 37.38
C ASN A 623 25.30 11.90 37.85
N SER A 624 24.06 12.12 38.29
CA SER A 624 23.18 11.01 38.62
C SER A 624 22.97 10.19 37.36
N SER A 625 22.95 8.87 37.50
CA SER A 625 22.83 7.98 36.35
C SER A 625 21.57 8.32 35.55
N ASN A 626 21.70 8.27 34.22
CA ASN A 626 20.58 8.60 33.37
C ASN A 626 19.61 7.45 33.19
N GLU A 627 20.08 6.24 33.47
CA GLU A 627 19.23 5.05 33.32
C GLU A 627 18.26 4.96 34.49
N ARG A 628 17.16 4.25 34.29
CA ARG A 628 16.10 4.18 35.29
C ARG A 628 15.40 2.83 35.30
N SER A 629 14.53 2.64 36.28
CA SER A 629 13.71 1.44 36.42
C SER A 629 12.51 1.78 37.28
N ASP A 630 11.35 1.21 36.97
CA ASP A 630 10.15 1.50 37.74
C ASP A 630 9.01 0.51 37.55
N SER A 631 8.13 0.47 38.55
CA SER A 631 6.85 -0.21 38.40
C SER A 631 5.79 0.88 38.49
N ILE A 632 4.82 0.84 37.59
CA ILE A 632 3.73 1.80 37.64
C ILE A 632 2.41 1.07 37.67
N GLU A 633 1.77 1.05 38.82
CA GLU A 633 0.59 0.21 39.02
C GLU A 633 -0.73 0.96 38.96
N PHE A 634 -1.74 0.32 38.36
CA PHE A 634 -3.09 0.86 38.25
C PHE A 634 -4.09 -0.19 38.70
N VAL A 635 -5.37 0.14 38.52
CA VAL A 635 -6.46 -0.72 38.98
C VAL A 635 -7.62 -0.66 38.02
N ASP A 637 -11.38 -1.10 36.43
CA ASP A 637 -12.75 -0.94 36.92
C ASP A 637 -13.82 -1.53 36.00
N ARG A 638 -13.42 -2.40 35.08
CA ARG A 638 -14.36 -3.04 34.16
C ARG A 638 -13.72 -4.11 33.28
N ASN A 639 -14.53 -5.05 32.78
CA ASN A 639 -14.06 -6.03 31.81
C ASN A 639 -13.60 -5.33 30.55
N ALA A 640 -12.34 -5.58 30.16
CA ALA A 640 -11.77 -4.88 29.02
C ALA A 640 -10.43 -5.46 28.53
N ASP A 641 -10.08 -5.15 27.27
CA ASP A 641 -8.79 -5.52 26.69
C ASP A 641 -7.78 -4.37 26.80
N LEU A 642 -6.73 -4.58 27.58
CA LEU A 642 -5.63 -3.61 27.71
C LEU A 642 -4.62 -3.81 26.60
N GLY A 644 -2.10 -1.58 25.85
CA GLY A 644 -0.86 -0.88 26.15
C GLY A 644 -1.10 0.44 26.86
N PHE A 645 -0.08 1.30 26.86
CA PHE A 645 -0.20 2.56 27.56
C PHE A 645 0.03 3.76 26.66
N ALA A 646 -0.56 4.89 27.02
CA ALA A 646 -0.20 6.16 26.42
C ALA A 646 0.82 6.86 27.32
N GLY A 647 1.93 7.27 26.73
CA GLY A 647 2.99 7.95 27.45
C GLY A 647 2.97 9.46 27.23
N TYR A 648 3.06 10.21 28.32
CA TYR A 648 3.06 11.66 28.23
C TYR A 648 4.29 12.25 28.90
N PHE A 649 4.30 13.57 29.04
CA PHE A 649 5.40 14.26 29.69
C PHE A 649 4.98 15.69 29.96
N ASP A 650 5.54 16.28 31.01
CA ASP A 650 5.44 17.72 31.20
C ASP A 650 6.84 18.26 31.50
N LEU A 651 7.02 19.57 31.44
CA LEU A 651 8.33 20.11 31.77
C LEU A 651 8.30 21.55 32.25
N GLN A 652 8.98 21.78 33.37
CA GLN A 652 9.20 23.13 33.85
C GLN A 652 10.46 23.70 33.20
N LEU A 653 10.25 24.70 32.34
CA LEU A 653 11.35 25.39 31.70
C LEU A 653 12.19 26.05 32.79
N TYR A 654 11.52 26.84 33.64
CA TYR A 654 12.16 27.52 34.75
C TYR A 654 11.10 27.92 35.77
N LYS A 655 11.24 27.40 37.00
CA LYS A 655 10.34 27.70 38.11
C LYS A 655 8.85 27.54 37.76
N THR A 656 8.11 28.63 37.93
CA THR A 656 6.67 28.67 37.66
C THR A 656 6.34 28.42 36.18
N VAL A 657 7.21 28.87 35.29
CA VAL A 657 6.99 28.70 33.85
C VAL A 657 7.20 27.27 33.41
N LEU A 659 5.40 23.97 30.46
CA LEU A 659 4.33 23.46 29.61
C LEU A 659 4.23 21.95 29.63
N SER A 660 3.03 21.44 29.41
CA SER A 660 2.74 20.04 29.63
C SER A 660 1.84 19.45 28.57
N ILE A 661 2.00 18.15 28.36
CA ILE A 661 1.27 17.41 27.35
C ILE A 661 0.24 16.48 28.02
N GLU A 662 0.35 16.37 29.34
CA GLU A 662 -0.55 15.54 30.13
C GLU A 662 -2.00 15.95 30.02
N PRO A 663 -2.90 14.95 29.95
CA PRO A 663 -4.35 15.17 29.83
C PRO A 663 -4.88 16.22 30.83
N SER A 664 -4.57 16.07 32.12
CA SER A 664 -5.04 17.02 33.12
C SER A 664 -4.44 18.41 32.94
N THR A 665 -3.11 18.49 32.87
CA THR A 665 -2.41 19.77 32.69
C THR A 665 -1.89 19.95 31.27
N HIS A 666 -2.79 20.07 30.31
CA HIS A 666 -2.40 20.22 28.91
C HIS A 666 -2.43 21.68 28.46
N THR A 667 -1.33 22.12 27.86
CA THR A 667 -1.25 23.48 27.31
C THR A 667 -2.26 23.64 26.18
N PRO A 668 -3.25 24.51 26.37
CA PRO A 668 -4.35 24.68 25.41
C PRO A 668 -3.91 25.20 24.04
N GLY A 669 -4.32 24.50 22.99
CA GLY A 669 -4.01 24.89 21.63
C GLY A 669 -2.69 24.35 21.10
N VAL A 671 -0.08 21.93 19.61
CA VAL A 671 -0.05 20.77 18.73
C VAL A 671 1.37 20.21 18.66
N SER A 672 2.27 20.75 19.47
CA SER A 672 3.70 20.42 19.40
C SER A 672 4.01 18.92 19.59
N TRP A 673 3.25 18.25 20.45
CA TRP A 673 3.49 16.84 20.73
C TRP A 673 2.21 16.01 20.78
N PHE A 674 2.18 14.91 20.04
CA PHE A 674 1.11 13.94 20.16
C PHE A 674 1.59 12.92 21.20
N PRO A 675 0.66 12.17 21.83
CA PRO A 675 1.07 11.24 22.88
C PRO A 675 1.94 10.11 22.36
N ALA A 676 2.77 9.58 23.25
CA ALA A 676 3.53 8.37 22.98
C ALA A 676 2.62 7.18 23.24
N VAL A 677 3.02 6.01 22.76
CA VAL A 677 2.34 4.75 23.03
C VAL A 677 3.38 3.68 23.27
N ILE A 678 3.22 2.96 24.38
CA ILE A 678 4.03 1.79 24.68
C ILE A 678 3.11 0.59 24.52
N PRO A 679 3.24 -0.12 23.39
CA PRO A 679 2.33 -1.18 22.99
C PRO A 679 2.68 -2.51 23.66
N LEU A 680 1.67 -3.32 23.94
CA LEU A 680 1.90 -4.69 24.38
C LEU A 680 1.86 -5.60 23.16
N ARG A 681 2.62 -6.70 23.18
CA ARG A 681 2.60 -7.61 22.04
C ARG A 681 1.16 -8.04 21.71
N ASP A 682 0.44 -8.50 22.73
CA ASP A 682 -0.93 -8.99 22.59
C ASP A 682 -1.87 -8.22 23.48
N GLN A 683 -3.09 -7.98 23.01
CA GLN A 683 -4.10 -7.34 23.85
C GLN A 683 -4.37 -8.16 25.12
N LEU A 684 -3.80 -7.71 26.24
CA LEU A 684 -3.97 -8.34 27.54
C LEU A 684 -5.36 -8.10 28.13
N ARG A 685 -6.08 -9.16 28.47
CA ARG A 685 -7.43 -9.00 29.00
C ARG A 685 -7.45 -8.79 30.51
N VAL A 686 -8.42 -8.00 30.96
CA VAL A 686 -8.57 -7.66 32.36
C VAL A 686 -10.05 -7.49 32.72
N GLY A 687 -10.28 -7.27 34.00
CA GLY A 687 -11.63 -7.06 34.51
C GLY A 687 -11.58 -6.25 35.77
N GLU A 688 -12.76 -5.95 36.32
CA GLU A 688 -12.88 -5.15 37.54
C GLU A 688 -12.11 -5.81 38.69
N GLY A 689 -11.08 -5.13 39.18
CA GLY A 689 -10.33 -5.59 40.33
C GLY A 689 -8.81 -5.67 40.20
N ASP A 690 -8.33 -6.19 39.08
CA ASP A 690 -6.90 -6.53 38.92
C ASP A 690 -5.96 -5.33 39.00
N ARG A 691 -4.82 -5.54 39.66
CA ARG A 691 -3.79 -4.53 39.77
C ARG A 691 -2.73 -4.72 38.68
N ILE A 692 -2.46 -3.64 37.95
CA ILE A 692 -1.53 -3.69 36.83
C ILE A 692 -0.20 -3.01 37.13
N SER A 693 0.88 -3.77 37.09
CA SER A 693 2.21 -3.24 37.36
C SER A 693 3.01 -3.13 36.07
N LEU A 694 3.08 -1.92 35.52
CA LEU A 694 3.88 -1.67 34.32
C LEU A 694 5.36 -1.51 34.67
N LYS A 695 6.14 -2.55 34.44
CA LYS A 695 7.58 -2.47 34.61
C LYS A 695 8.19 -1.75 33.41
N ILE A 696 8.97 -0.70 33.66
CA ILE A 696 9.67 0.00 32.59
C ILE A 696 11.07 0.40 33.02
N ASP A 697 12.05 -0.01 32.24
CA ASP A 697 13.43 0.34 32.50
C ASP A 697 13.99 1.11 31.34
N ARG A 698 14.71 2.17 31.66
CA ARG A 698 15.42 2.97 30.67
C ARG A 698 16.89 2.64 30.77
N LYS A 699 17.37 1.76 29.91
CA LYS A 699 18.76 1.31 29.98
C LYS A 699 19.64 2.07 29.01
N VAL A 700 20.90 2.28 29.43
CA VAL A 700 21.85 3.08 28.68
C VAL A 700 23.10 2.29 28.29
N ASP A 701 23.72 2.71 27.20
CA ASP A 701 24.71 1.92 26.49
C ASP A 701 25.73 2.88 25.91
N ASN A 702 26.93 2.40 25.64
CA ASN A 702 27.97 3.26 25.08
C ASN A 702 27.44 4.04 23.89
N THR A 703 26.63 3.36 23.08
CA THR A 703 26.26 3.82 21.77
C THR A 703 24.81 4.27 21.65
N GLY A 704 24.03 4.09 22.72
CA GLY A 704 22.64 4.51 22.70
C GLY A 704 21.83 4.20 23.94
N VAL A 705 20.53 4.46 23.86
CA VAL A 705 19.60 4.28 24.97
C VAL A 705 18.33 3.57 24.50
N TRP A 706 17.69 2.80 25.39
CA TRP A 706 16.45 2.10 25.01
C TRP A 706 15.57 1.73 26.20
N TYR A 707 14.28 1.54 25.93
CA TYR A 707 13.31 1.14 26.95
C TYR A 707 12.95 -0.34 26.86
N GLU A 708 13.18 -1.09 27.93
CA GLU A 708 12.59 -2.43 28.03
C GLU A 708 11.37 -2.32 28.92
N TRP A 709 10.32 -3.06 28.63
CA TRP A 709 9.09 -2.91 29.42
C TRP A 709 8.22 -4.16 29.38
N HIS A 710 7.33 -4.27 30.37
CA HIS A 710 6.35 -5.35 30.40
C HIS A 710 5.29 -5.13 31.46
N VAL A 711 4.32 -6.04 31.52
CA VAL A 711 3.19 -5.87 32.42
C VAL A 711 3.07 -7.01 33.40
N GLU A 712 2.61 -6.71 34.61
CA GLU A 712 2.31 -7.74 35.60
C GLU A 712 0.91 -7.55 36.17
N LYS A 713 -0.01 -8.40 35.72
CA LYS A 713 -1.39 -8.37 36.21
C LYS A 713 -1.51 -9.21 37.47
N LYS A 714 -2.27 -8.73 38.45
CA LYS A 714 -2.52 -9.52 39.66
C LYS A 714 -3.98 -9.41 40.09
N LYS A 715 -4.67 -10.54 40.11
CA LYS A 715 -6.08 -10.58 40.51
C LYS A 715 -6.24 -10.41 42.02
N THR A 716 -7.50 -10.34 42.47
CA THR A 716 -7.80 -10.06 43.88
C THR A 716 -7.24 -11.13 44.82
N ASN A 717 -7.36 -12.38 44.41
CA ASN A 717 -6.86 -13.52 45.18
C ASN A 717 -5.33 -13.63 45.22
N GLY A 718 -4.65 -12.55 44.87
CA GLY A 718 -3.19 -12.51 44.86
C GLY A 718 -2.55 -13.16 43.66
N GLU A 719 -3.32 -13.99 42.96
CA GLU A 719 -2.82 -14.70 41.79
C GLU A 719 -2.29 -13.69 40.78
N SER A 720 -1.07 -13.93 40.29
CA SER A 720 -0.40 -12.92 39.46
C SER A 720 0.29 -13.51 38.23
N VAL A 721 -0.03 -12.95 37.07
CA VAL A 721 0.63 -13.28 35.81
C VAL A 721 1.44 -12.10 35.28
N SER A 722 2.28 -12.35 34.27
CA SER A 722 3.11 -11.32 33.69
C SER A 722 3.37 -11.56 32.20
N THR A 723 3.49 -10.47 31.43
CA THR A 723 3.75 -10.56 30.00
C THR A 723 5.25 -10.61 29.71
N PRO A 724 5.64 -11.04 28.51
CA PRO A 724 7.07 -11.17 28.21
C PRO A 724 7.77 -9.81 28.16
N ILE A 725 9.05 -9.79 28.49
CA ILE A 725 9.83 -8.56 28.41
C ILE A 725 10.07 -8.15 26.95
N GLN A 726 9.35 -7.11 26.54
CA GLN A 726 9.44 -6.55 25.20
C GLN A 726 10.67 -5.67 25.03
N ASN A 727 11.33 -5.78 23.89
CA ASN A 727 12.49 -4.97 23.55
C ASN A 727 13.77 -5.32 24.31
N PRO A 728 14.00 -6.62 24.54
CA PRO A 728 15.24 -6.98 25.23
C PRO A 728 16.45 -6.45 24.49
N ASN A 729 17.23 -5.61 25.15
CA ASN A 729 18.47 -5.10 24.58
C ASN A 729 18.21 -4.14 23.42
N GLY A 730 17.04 -3.51 23.43
CA GLY A 730 16.70 -2.53 22.42
C GLY A 730 16.76 -3.06 21.01
N GLU A 731 16.68 -4.38 20.87
CA GLU A 731 16.80 -5.03 19.56
C GLU A 731 15.78 -4.54 18.52
N SER A 732 14.62 -4.10 18.97
CA SER A 732 13.58 -3.66 18.07
C SER A 732 13.50 -2.14 18.07
N TYR A 733 13.88 -1.55 19.19
CA TYR A 733 13.81 -0.09 19.34
C TYR A 733 14.93 0.46 20.22
N TYR A 734 15.89 1.11 19.57
CA TYR A 734 17.15 1.49 20.18
C TYR A 734 17.62 2.86 19.69
N ARG A 736 20.05 5.74 19.30
CA ARG A 736 21.52 5.77 19.32
C ARG A 736 22.11 7.17 19.40
N ALA B 46 -29.30 13.85 11.75
CA ALA B 46 -28.93 14.72 10.65
C ALA B 46 -29.77 14.45 9.40
N ALA B 47 -29.33 15.00 8.26
CA ALA B 47 -30.08 14.87 7.01
C ALA B 47 -30.44 13.43 6.67
N ASN B 48 -31.52 13.25 5.92
CA ASN B 48 -32.04 11.93 5.59
C ASN B 48 -31.02 10.97 4.98
N SER B 49 -30.51 11.33 3.81
CA SER B 49 -29.57 10.49 3.08
C SER B 49 -28.30 10.21 3.86
N ARG B 50 -28.00 11.07 4.84
CA ARG B 50 -26.80 10.93 5.65
C ARG B 50 -26.81 9.70 6.55
N ILE B 51 -27.98 9.44 7.16
CA ILE B 51 -28.13 8.35 8.11
C ILE B 51 -28.78 7.13 7.48
N HIS B 52 -28.02 6.03 7.40
CA HIS B 52 -28.44 4.85 6.65
C HIS B 52 -29.23 3.81 7.45
N ILE B 53 -30.28 3.27 6.82
CA ILE B 53 -31.20 2.35 7.50
C ILE B 53 -31.52 1.12 6.65
N GLY B 54 -31.39 -0.05 7.26
CA GLY B 54 -31.61 -1.32 6.59
C GLY B 54 -32.77 -2.14 7.14
N TRP B 55 -33.28 -3.03 6.29
CA TRP B 55 -34.45 -3.83 6.64
C TRP B 55 -34.10 -5.31 6.76
N ALA B 57 -34.73 -9.12 7.03
CA ALA B 57 -35.78 -10.07 6.71
C ALA B 57 -36.10 -10.88 7.97
N THR B 58 -37.22 -11.59 7.93
CA THR B 58 -37.70 -12.35 9.07
C THR B 58 -38.82 -13.26 8.59
N THR B 59 -39.17 -14.26 9.38
CA THR B 59 -40.32 -15.09 9.07
C THR B 59 -41.59 -14.24 9.01
N LEU B 60 -41.51 -13.03 9.57
CA LEU B 60 -42.62 -12.09 9.55
C LEU B 60 -43.01 -11.68 8.14
N ASP B 61 -42.10 -11.88 7.19
CA ASP B 61 -42.40 -11.51 5.81
C ASP B 61 -41.92 -12.57 4.81
N VAL B 62 -42.34 -13.81 5.04
CA VAL B 62 -42.02 -14.92 4.15
C VAL B 62 -43.15 -15.15 3.14
N ALA B 63 -43.08 -14.43 2.01
CA ALA B 63 -44.05 -14.57 0.94
C ALA B 63 -43.74 -15.79 0.07
N GLU B 64 -44.56 -16.01 -0.95
CA GLU B 64 -44.42 -17.18 -1.82
C GLU B 64 -43.52 -16.89 -3.02
N ASN B 65 -42.67 -17.85 -3.37
CA ASN B 65 -41.74 -17.70 -4.50
C ASN B 65 -40.69 -16.61 -4.27
N LEU B 66 -40.63 -16.09 -3.05
CA LEU B 66 -39.82 -14.90 -2.76
C LEU B 66 -38.37 -15.02 -3.21
N ASP B 67 -37.77 -16.18 -2.99
CA ASP B 67 -36.37 -16.39 -3.36
C ASP B 67 -36.14 -16.26 -4.86
N ARG B 68 -37.22 -16.11 -5.61
CA ARG B 68 -37.14 -15.92 -7.05
C ARG B 68 -37.53 -14.49 -7.43
N HIS B 69 -37.78 -13.66 -6.42
CA HIS B 69 -38.22 -12.29 -6.65
C HIS B 69 -37.73 -11.30 -5.59
N VAL B 70 -36.43 -11.03 -5.58
CA VAL B 70 -35.86 -10.10 -4.61
C VAL B 70 -35.89 -8.65 -5.08
N ALA B 71 -35.84 -8.45 -6.39
CA ALA B 71 -35.86 -7.10 -6.96
C ALA B 71 -37.05 -6.27 -6.45
N THR B 72 -38.25 -6.79 -6.66
CA THR B 72 -39.46 -6.10 -6.23
C THR B 72 -39.52 -5.99 -4.71
N PHE B 73 -39.08 -7.04 -4.02
CA PHE B 73 -39.02 -7.07 -2.56
C PHE B 73 -38.27 -5.84 -2.04
N CYS B 74 -37.03 -5.70 -2.52
CA CYS B 74 -36.19 -4.57 -2.14
C CYS B 74 -36.73 -3.24 -2.68
N THR B 75 -37.48 -3.29 -3.78
CA THR B 75 -38.07 -2.06 -4.32
C THR B 75 -39.15 -1.51 -3.40
N ARG B 76 -39.98 -2.41 -2.87
CA ARG B 76 -40.99 -2.04 -1.90
C ARG B 76 -40.28 -1.53 -0.66
N LEU B 77 -39.30 -2.31 -0.22
CA LEU B 77 -38.50 -1.93 0.93
C LEU B 77 -38.04 -0.49 0.79
N GLY B 78 -37.54 -0.16 -0.40
CA GLY B 78 -37.04 1.17 -0.67
C GLY B 78 -38.13 2.22 -0.69
N GLU B 79 -39.28 1.85 -1.24
CA GLU B 79 -40.44 2.74 -1.24
C GLU B 79 -40.86 3.07 0.18
N PHE B 80 -40.47 2.21 1.13
CA PHE B 80 -40.74 2.49 2.54
C PHE B 80 -39.61 3.26 3.22
N LYS B 81 -38.75 3.86 2.40
CA LYS B 81 -37.70 4.77 2.88
C LYS B 81 -36.61 4.11 3.73
N TYR B 82 -35.94 3.11 3.16
CA TYR B 82 -34.72 2.55 3.75
C TYR B 82 -33.86 1.84 2.69
N ASN B 83 -32.62 2.30 2.60
CA ASN B 83 -31.73 1.97 1.50
C ASN B 83 -31.38 0.49 1.35
N PHE B 84 -30.62 -0.05 2.30
CA PHE B 84 -30.19 -1.44 2.19
C PHE B 84 -31.13 -2.41 2.90
N VAL B 85 -30.82 -3.69 2.79
CA VAL B 85 -31.64 -4.75 3.38
C VAL B 85 -30.78 -5.96 3.78
N VAL B 86 -30.99 -6.46 4.98
CA VAL B 86 -30.35 -7.71 5.38
C VAL B 86 -31.22 -8.88 4.92
N TYR B 87 -30.57 -9.94 4.45
CA TYR B 87 -31.28 -11.02 3.78
C TYR B 87 -30.43 -12.27 3.80
N PRO B 88 -31.04 -13.42 4.14
CA PRO B 88 -30.32 -14.70 4.14
C PRO B 88 -29.91 -15.11 2.73
N ILE B 89 -28.66 -15.54 2.58
CA ILE B 89 -28.12 -15.88 1.27
C ILE B 89 -28.64 -17.20 0.72
N GLY B 90 -28.90 -18.15 1.61
CA GLY B 90 -29.47 -19.41 1.16
C GLY B 90 -30.83 -19.18 0.52
N GLY B 91 -31.48 -18.10 0.94
CA GLY B 91 -32.87 -17.85 0.58
C GLY B 91 -33.76 -18.24 1.74
N VAL B 92 -34.91 -17.58 1.86
CA VAL B 92 -35.82 -17.79 2.97
C VAL B 92 -36.14 -19.27 3.22
N VAL B 93 -36.42 -19.99 2.13
CA VAL B 93 -36.77 -21.42 2.22
C VAL B 93 -35.70 -22.21 3.00
N ARG B 94 -34.43 -21.92 2.73
CA ARG B 94 -33.33 -22.54 3.46
C ARG B 94 -33.16 -21.87 4.81
N ALA B 95 -33.25 -20.54 4.81
CA ALA B 95 -32.92 -19.75 5.99
C ALA B 95 -33.66 -20.16 7.25
N PHE B 96 -34.96 -20.38 7.13
CA PHE B 96 -35.80 -20.60 8.30
C PHE B 96 -36.23 -22.05 8.47
N TRP B 97 -35.54 -22.94 7.76
CA TRP B 97 -35.72 -24.38 7.95
C TRP B 97 -35.30 -24.72 9.37
N THR B 98 -35.92 -25.78 9.91
CA THR B 98 -35.67 -26.19 11.29
C THR B 98 -35.45 -27.69 11.37
N PRO B 99 -34.24 -28.09 11.77
CA PRO B 99 -33.89 -29.51 11.94
C PRO B 99 -34.66 -30.20 13.05
N ASN B 100 -35.33 -31.30 12.74
CA ASN B 100 -36.14 -31.99 13.72
C ASN B 100 -36.21 -33.52 13.53
N GLY B 101 -36.32 -33.95 12.27
CA GLY B 101 -36.35 -35.37 11.98
C GLY B 101 -35.00 -36.03 12.19
N SER B 102 -34.78 -37.16 11.52
CA SER B 102 -33.46 -37.80 11.49
C SER B 102 -32.73 -37.33 10.25
N ALA B 103 -31.75 -38.12 9.80
CA ALA B 103 -30.99 -37.78 8.60
C ALA B 103 -31.85 -37.85 7.33
N GLU B 104 -33.12 -38.23 7.48
CA GLU B 104 -34.03 -38.33 6.34
C GLU B 104 -34.36 -36.97 5.74
N ASN B 105 -34.47 -35.96 6.60
CA ASN B 105 -34.72 -34.59 6.13
C ASN B 105 -33.52 -33.66 6.32
N HIS B 106 -33.20 -32.93 5.26
CA HIS B 106 -32.00 -32.11 5.22
C HIS B 106 -32.33 -30.65 4.93
N PRO B 107 -31.34 -29.77 5.03
CA PRO B 107 -31.61 -28.35 4.79
C PRO B 107 -31.87 -28.04 3.31
N PRO B 108 -32.84 -27.14 3.04
CA PRO B 108 -33.10 -26.70 1.67
C PRO B 108 -31.80 -26.23 1.00
N VAL B 109 -31.64 -26.57 -0.28
CA VAL B 109 -30.50 -26.12 -1.05
C VAL B 109 -30.46 -24.60 -1.11
N ILE B 110 -29.26 -24.05 -1.20
CA ILE B 110 -29.10 -22.65 -1.50
C ILE B 110 -29.86 -22.35 -2.78
N ASP B 111 -30.84 -21.47 -2.70
CA ASP B 111 -31.62 -21.10 -3.87
C ASP B 111 -32.04 -19.63 -3.87
N LEU B 112 -31.04 -18.76 -3.87
CA LEU B 112 -31.23 -17.34 -4.09
C LEU B 112 -30.43 -17.00 -5.35
N PRO B 113 -31.08 -17.09 -6.53
CA PRO B 113 -30.44 -16.90 -7.84
C PRO B 113 -29.91 -15.49 -8.05
N ASP B 114 -28.79 -15.39 -8.76
CA ASP B 114 -28.11 -14.13 -8.99
C ASP B 114 -28.68 -13.35 -10.15
N VAL B 115 -29.06 -14.06 -11.21
CA VAL B 115 -29.51 -13.45 -12.45
C VAL B 115 -30.73 -12.55 -12.31
N GLN B 116 -31.57 -12.84 -11.32
CA GLN B 116 -32.81 -12.09 -11.10
C GLN B 116 -32.58 -10.60 -10.89
N LEU B 117 -31.31 -10.23 -10.74
CA LEU B 117 -30.93 -8.85 -10.49
C LEU B 117 -29.48 -8.65 -10.93
N ARG B 118 -29.20 -7.61 -11.70
CA ARG B 118 -27.85 -7.39 -12.19
C ARG B 118 -26.87 -7.26 -11.02
N ASN B 119 -25.64 -7.75 -11.21
CA ASN B 119 -24.72 -7.93 -10.11
C ASN B 119 -24.41 -6.68 -9.26
N ASP B 120 -24.42 -5.51 -9.88
CA ASP B 120 -24.11 -4.29 -9.15
C ASP B 120 -25.22 -3.94 -8.15
N LEU B 121 -26.45 -4.33 -8.49
CA LEU B 121 -27.56 -4.13 -7.59
C LEU B 121 -27.36 -4.98 -6.35
N TRP B 122 -27.11 -6.27 -6.56
CA TRP B 122 -26.78 -7.19 -5.48
C TRP B 122 -25.73 -6.52 -4.60
N GLU B 123 -24.60 -6.19 -5.21
CA GLU B 123 -23.46 -5.61 -4.52
C GLU B 123 -23.81 -4.37 -3.71
N SER B 124 -24.80 -3.62 -4.20
CA SER B 124 -25.21 -2.40 -3.52
C SER B 124 -26.11 -2.67 -2.31
N TYR B 125 -27.29 -3.24 -2.57
CA TYR B 125 -28.36 -3.26 -1.55
C TYR B 125 -28.36 -4.46 -0.60
N VAL B 126 -28.20 -5.66 -1.14
CA VAL B 126 -28.32 -6.88 -0.35
C VAL B 126 -27.14 -7.17 0.57
N VAL B 127 -27.43 -7.29 1.87
CA VAL B 127 -26.44 -7.74 2.85
C VAL B 127 -26.77 -9.18 3.19
N GLY B 128 -25.84 -10.10 2.92
CA GLY B 128 -26.07 -11.51 3.16
C GLY B 128 -26.02 -11.88 4.62
N LYS B 129 -26.83 -12.86 5.03
CA LYS B 129 -26.81 -13.32 6.41
C LYS B 129 -26.94 -14.84 6.54
N ILE B 130 -26.10 -15.44 7.38
CA ILE B 130 -26.07 -16.90 7.54
C ILE B 130 -27.32 -17.44 8.22
N SER B 131 -27.84 -18.54 7.68
CA SER B 131 -29.04 -19.19 8.20
C SER B 131 -28.89 -19.43 9.69
N PRO B 132 -29.84 -18.90 10.48
CA PRO B 132 -29.79 -18.99 11.95
C PRO B 132 -29.76 -20.43 12.44
N TRP B 133 -30.19 -21.38 11.62
CA TRP B 133 -30.26 -22.76 12.05
C TRP B 133 -28.90 -23.46 12.10
N ILE B 134 -27.92 -22.86 11.42
CA ILE B 134 -26.54 -23.37 11.45
C ILE B 134 -25.92 -23.14 12.83
N ASP B 135 -25.31 -24.19 13.38
CA ASP B 135 -24.67 -24.06 14.67
C ASP B 135 -23.40 -24.87 14.76
N CYS B 136 -22.33 -24.36 14.19
CA CYS B 136 -21.07 -25.10 14.21
C CYS B 136 -20.68 -25.59 15.60
N ASP B 137 -21.29 -24.98 16.62
CA ASP B 137 -21.01 -25.33 18.00
C ASP B 137 -22.22 -26.01 18.64
N SER B 138 -22.94 -26.80 17.85
CA SER B 138 -24.02 -27.61 18.39
C SER B 138 -23.44 -28.59 19.38
N SER B 139 -24.25 -28.99 20.35
CA SER B 139 -23.85 -29.97 21.35
C SER B 139 -23.77 -31.35 20.73
N ASP B 140 -24.46 -31.51 19.60
CA ASP B 140 -24.51 -32.77 18.87
C ASP B 140 -23.49 -32.80 17.74
N PRO B 141 -22.51 -33.71 17.83
CA PRO B 141 -21.41 -33.74 16.86
C PRO B 141 -21.88 -33.73 15.41
N ALA B 142 -22.83 -34.59 15.09
CA ALA B 142 -23.33 -34.66 13.70
C ALA B 142 -23.87 -33.31 13.26
N PHE B 143 -24.66 -32.68 14.11
CA PHE B 143 -25.22 -31.40 13.70
C PHE B 143 -24.16 -30.31 13.55
N ALA B 144 -23.09 -30.39 14.33
CA ALA B 144 -22.01 -29.40 14.21
C ALA B 144 -21.21 -29.61 12.94
N SER B 145 -21.04 -30.88 12.53
CA SER B 145 -20.37 -31.17 11.27
C SER B 145 -21.18 -30.61 10.14
N LEU B 146 -22.47 -30.93 10.19
CA LEU B 146 -23.41 -30.46 9.18
C LEU B 146 -23.31 -28.95 9.12
N SER B 147 -23.31 -28.33 10.30
CA SER B 147 -23.27 -26.89 10.42
C SER B 147 -22.02 -26.30 9.79
N GLU B 148 -20.89 -26.98 9.94
CA GLU B 148 -19.64 -26.48 9.37
C GLU B 148 -19.71 -26.54 7.86
N GLU B 149 -20.17 -27.68 7.34
CA GLU B 149 -20.32 -27.81 5.89
C GLU B 149 -21.21 -26.73 5.27
N HIS B 150 -22.37 -26.52 5.87
CA HIS B 150 -23.30 -25.53 5.33
C HIS B 150 -22.88 -24.10 5.60
N LEU B 151 -22.13 -23.88 6.68
CA LEU B 151 -21.59 -22.56 6.96
C LEU B 151 -20.64 -22.21 5.84
N LEU B 152 -19.84 -23.20 5.46
CA LEU B 152 -18.97 -23.06 4.31
C LEU B 152 -19.73 -22.78 3.01
N LYS B 153 -20.67 -23.64 2.65
CA LYS B 153 -21.45 -23.41 1.43
C LYS B 153 -21.99 -21.98 1.39
N GLU B 154 -22.52 -21.54 2.53
CA GLU B 154 -23.07 -20.20 2.63
C GLU B 154 -22.02 -19.12 2.38
N LEU B 155 -20.87 -19.22 3.06
CA LEU B 155 -19.79 -18.26 2.83
C LEU B 155 -19.45 -18.20 1.35
N SER B 156 -19.14 -19.37 0.79
CA SER B 156 -18.88 -19.51 -0.64
C SER B 156 -19.91 -18.76 -1.46
N TYR B 157 -21.17 -18.81 -1.03
CA TYR B 157 -22.21 -18.12 -1.79
C TYR B 157 -22.15 -16.60 -1.63
N ILE B 158 -21.87 -16.11 -0.42
CA ILE B 158 -21.74 -14.67 -0.23
C ILE B 158 -20.65 -14.18 -1.16
N CYS B 159 -19.64 -15.00 -1.35
CA CYS B 159 -18.60 -14.71 -2.33
C CYS B 159 -19.20 -14.68 -3.72
N TYR B 160 -19.92 -15.75 -4.08
CA TYR B 160 -20.50 -15.87 -5.41
C TYR B 160 -21.30 -14.63 -5.82
N LEU B 161 -22.37 -14.33 -5.11
CA LEU B 161 -23.19 -13.17 -5.46
C LEU B 161 -22.34 -11.91 -5.52
N GLY B 162 -21.19 -11.95 -4.86
CA GLY B 162 -20.31 -10.80 -4.85
C GLY B 162 -20.88 -9.67 -4.02
N LEU B 163 -21.35 -10.01 -2.82
CA LEU B 163 -21.88 -9.02 -1.90
C LEU B 163 -20.73 -8.24 -1.27
N GLN B 164 -21.00 -7.01 -0.87
CA GLN B 164 -20.01 -6.16 -0.22
C GLN B 164 -19.94 -6.46 1.28
N THR B 165 -21.07 -6.33 1.96
CA THR B 165 -21.13 -6.61 3.39
C THR B 165 -21.86 -7.92 3.66
N ALA B 167 -23.48 -10.47 7.33
CA ALA B 167 -23.69 -10.55 8.78
C ALA B 167 -23.94 -11.97 9.31
N ILE B 168 -23.33 -12.28 10.46
CA ILE B 168 -23.44 -13.61 11.08
C ILE B 168 -23.83 -13.48 12.55
N GLU B 169 -24.91 -14.15 12.96
CA GLU B 169 -25.47 -13.95 14.30
C GLU B 169 -24.90 -14.88 15.37
N LEU B 170 -24.26 -14.30 16.38
CA LEU B 170 -23.74 -15.08 17.50
C LEU B 170 -24.84 -15.53 18.46
N THR B 171 -24.95 -16.84 18.66
CA THR B 171 -26.02 -17.39 19.49
C THR B 171 -25.46 -18.12 20.72
N ARG B 172 -24.17 -17.96 20.96
CA ARG B 172 -23.55 -18.59 22.11
C ARG B 172 -22.66 -17.60 22.82
N ILE B 173 -22.32 -17.92 24.06
CA ILE B 173 -21.38 -17.12 24.83
C ILE B 173 -19.98 -17.46 24.31
N SER B 174 -19.90 -18.59 23.62
CA SER B 174 -18.62 -19.12 23.17
C SER B 174 -18.82 -20.00 21.91
N SER B 175 -18.22 -19.59 20.79
CA SER B 175 -18.48 -20.24 19.50
C SER B 175 -17.20 -20.63 18.76
N PRO B 176 -16.37 -21.48 19.39
CA PRO B 176 -15.02 -21.82 18.96
C PRO B 176 -14.94 -22.42 17.57
N ARG B 177 -15.75 -23.45 17.29
CA ARG B 177 -15.74 -24.09 15.97
C ARG B 177 -16.12 -23.10 14.85
N THR B 178 -17.19 -22.35 15.10
CA THR B 178 -17.64 -21.32 14.19
C THR B 178 -16.49 -20.34 13.95
N ALA B 179 -15.83 -19.94 15.02
CA ALA B 179 -14.75 -18.97 14.91
C ALA B 179 -13.57 -19.54 14.13
N ALA B 180 -13.36 -20.85 14.19
CA ALA B 180 -12.26 -21.43 13.45
C ALA B 180 -12.56 -21.41 11.95
N ILE B 181 -13.74 -21.93 11.57
CA ILE B 181 -14.18 -21.91 10.18
C ILE B 181 -14.11 -20.49 9.59
N LEU B 182 -14.63 -19.54 10.37
CA LEU B 182 -14.62 -18.15 9.95
C LEU B 182 -13.18 -17.65 9.76
N LYS B 183 -12.38 -17.80 10.81
CA LYS B 183 -10.97 -17.44 10.82
C LYS B 183 -10.23 -17.87 9.55
N LYS B 184 -10.31 -19.17 9.27
CA LYS B 184 -9.60 -19.71 8.14
C LYS B 184 -10.19 -19.12 6.90
N TRP B 185 -11.49 -18.86 6.91
CA TRP B 185 -12.14 -18.30 5.74
C TRP B 185 -11.57 -16.93 5.41
N ILE B 186 -11.66 -15.99 6.35
CA ILE B 186 -11.26 -14.62 6.06
C ILE B 186 -9.75 -14.46 5.84
N TRP B 187 -8.94 -15.28 6.50
CA TRP B 187 -7.51 -15.16 6.29
C TRP B 187 -7.01 -15.68 4.95
N THR B 188 -7.65 -16.74 4.44
CA THR B 188 -7.27 -17.28 3.15
C THR B 188 -8.13 -16.80 1.96
N ARG B 189 -8.98 -15.82 2.20
CA ARG B 189 -9.78 -15.25 1.12
C ARG B 189 -9.13 -13.98 0.58
N ASN B 190 -8.87 -13.94 -0.72
CA ASN B 190 -8.33 -12.74 -1.35
C ASN B 190 -9.41 -11.69 -1.37
N SER B 191 -10.64 -12.16 -1.20
CA SER B 191 -11.81 -11.30 -1.28
C SER B 191 -11.96 -10.44 -0.03
N ARG B 192 -11.61 -9.16 -0.16
CA ARG B 192 -11.85 -8.19 0.89
C ARG B 192 -13.33 -7.82 0.90
N PHE B 193 -13.96 -7.89 2.07
CA PHE B 193 -15.37 -7.57 2.19
C PHE B 193 -15.83 -7.50 3.64
N THR B 194 -16.59 -6.47 3.97
CA THR B 194 -17.01 -6.20 5.34
C THR B 194 -17.77 -7.36 5.94
N VAL B 195 -17.69 -7.49 7.26
CA VAL B 195 -18.38 -8.53 8.02
C VAL B 195 -18.92 -8.02 9.35
N TRP B 196 -20.20 -8.29 9.61
CA TRP B 196 -20.86 -7.90 10.85
C TRP B 196 -21.12 -9.09 11.76
N VAL B 197 -20.50 -9.08 12.94
CA VAL B 197 -20.78 -10.08 13.96
C VAL B 197 -21.93 -9.59 14.82
N GLN B 198 -23.13 -10.08 14.53
CA GLN B 198 -24.33 -9.69 15.25
C GLN B 198 -24.41 -10.35 16.63
N LEU B 199 -24.51 -9.52 17.66
CA LEU B 199 -24.54 -10.02 19.03
C LEU B 199 -25.96 -10.31 19.52
N PRO B 200 -26.09 -11.19 20.52
CA PRO B 200 -27.39 -11.55 21.08
C PRO B 200 -27.99 -10.38 21.89
N SER B 201 -29.29 -10.44 22.18
CA SER B 201 -29.96 -9.40 22.94
C SER B 201 -29.29 -9.19 24.30
N ALA B 202 -28.98 -10.29 24.97
CA ALA B 202 -28.31 -10.24 26.27
C ALA B 202 -27.65 -11.58 26.56
N ILE B 203 -26.69 -11.57 27.48
CA ILE B 203 -25.97 -12.77 27.83
C ILE B 203 -26.91 -13.93 28.17
N GLU B 204 -28.10 -13.60 28.68
CA GLU B 204 -29.03 -14.61 29.17
C GLU B 204 -29.56 -15.56 28.08
N LYS B 205 -29.91 -15.02 26.92
CA LYS B 205 -30.52 -15.84 25.87
C LYS B 205 -29.53 -16.61 24.98
N CYS B 206 -28.32 -16.82 25.49
CA CYS B 206 -27.36 -17.66 24.78
C CYS B 206 -27.68 -19.13 24.99
N LYS B 207 -27.34 -19.96 23.99
CA LYS B 207 -27.62 -21.39 24.07
C LYS B 207 -26.86 -22.07 25.20
N ASP B 208 -25.64 -21.61 25.45
CA ASP B 208 -24.81 -22.18 26.51
C ASP B 208 -24.90 -21.34 27.77
N TYR B 209 -25.94 -20.53 27.87
CA TYR B 209 -26.18 -19.75 29.08
C TYR B 209 -26.44 -20.64 30.27
N ASP B 210 -25.79 -20.32 31.38
CA ASP B 210 -25.95 -21.06 32.62
C ASP B 210 -25.59 -20.15 33.77
N ALA B 211 -26.61 -19.67 34.48
CA ALA B 211 -26.44 -18.64 35.50
C ALA B 211 -25.48 -19.07 36.61
N PHE B 212 -24.89 -20.25 36.43
CA PHE B 212 -24.06 -20.85 37.46
C PHE B 212 -22.56 -20.73 37.18
N THR B 213 -22.21 -20.66 35.90
CA THR B 213 -20.82 -20.54 35.51
C THR B 213 -20.51 -19.19 34.84
N ILE B 214 -21.58 -18.44 34.54
CA ILE B 214 -21.46 -17.14 33.88
C ILE B 214 -20.90 -16.08 34.83
N GLU B 215 -19.72 -16.33 35.37
CA GLU B 215 -19.10 -15.48 36.38
C GLU B 215 -18.99 -14.01 35.95
N HIS B 216 -17.99 -13.71 35.13
CA HIS B 216 -17.80 -12.36 34.61
C HIS B 216 -17.84 -12.36 33.09
N VAL B 217 -19.05 -12.29 32.55
CA VAL B 217 -19.24 -12.38 31.12
C VAL B 217 -20.32 -11.40 30.71
N ASP B 218 -20.20 -10.88 29.51
CA ASP B 218 -21.15 -9.89 29.02
C ASP B 218 -21.03 -9.78 27.51
N LEU B 219 -21.98 -9.09 26.89
CA LEU B 219 -22.00 -8.95 25.44
C LEU B 219 -20.62 -8.56 24.89
N TRP B 220 -19.95 -7.66 25.59
CA TRP B 220 -18.61 -7.27 25.16
C TRP B 220 -17.57 -8.38 25.36
N THR B 221 -17.68 -9.13 26.45
CA THR B 221 -16.78 -10.26 26.64
C THR B 221 -16.97 -11.26 25.50
N ILE B 222 -18.22 -11.49 25.15
CA ILE B 222 -18.56 -12.33 24.01
C ILE B 222 -17.83 -11.85 22.76
N TRP B 223 -18.12 -10.59 22.38
CA TRP B 223 -17.48 -10.00 21.21
C TRP B 223 -15.95 -10.06 21.23
N ALA B 224 -15.35 -9.81 22.39
CA ALA B 224 -13.89 -9.81 22.50
C ALA B 224 -13.32 -11.23 22.36
N ASP B 225 -14.10 -12.22 22.78
CA ASP B 225 -13.71 -13.60 22.61
C ASP B 225 -13.77 -14.01 21.14
N PHE B 226 -14.85 -13.63 20.46
CA PHE B 226 -14.99 -13.98 19.05
C PHE B 226 -13.95 -13.23 18.20
N ARG B 227 -13.82 -11.93 18.44
CA ARG B 227 -12.81 -11.12 17.76
C ARG B 227 -11.41 -11.68 17.98
N LYS B 228 -11.11 -12.11 19.21
CA LYS B 228 -9.82 -12.74 19.49
C LYS B 228 -9.66 -14.09 18.79
N ASN B 229 -10.77 -14.81 18.62
CA ASN B 229 -10.74 -16.14 18.01
C ASN B 229 -10.70 -16.17 16.49
N CYS B 230 -10.72 -15.01 15.86
CA CYS B 230 -10.60 -14.94 14.42
C CYS B 230 -9.30 -14.25 14.09
N GLY B 231 -8.53 -13.97 15.15
CA GLY B 231 -7.16 -13.50 14.99
C GLY B 231 -6.99 -12.00 15.03
N ASN B 232 -8.05 -11.30 15.41
CA ASN B 232 -8.04 -9.84 15.42
C ASN B 232 -7.79 -9.28 14.04
N PHE B 233 -8.49 -9.87 13.06
CA PHE B 233 -8.54 -9.35 11.71
C PHE B 233 -8.81 -7.84 11.76
N SER B 234 -8.23 -7.08 10.85
CA SER B 234 -8.44 -5.63 10.81
C SER B 234 -9.90 -5.29 11.00
N GLY B 235 -10.17 -4.45 12.00
CA GLY B 235 -11.52 -4.01 12.29
C GLY B 235 -12.07 -3.14 11.18
N VAL B 236 -11.23 -2.86 10.19
CA VAL B 236 -11.67 -2.16 9.00
C VAL B 236 -12.62 -3.07 8.22
N TYR B 237 -12.47 -4.38 8.44
CA TYR B 237 -13.29 -5.41 7.79
C TYR B 237 -14.10 -6.24 8.79
N PHE B 238 -13.47 -6.60 9.91
CA PHE B 238 -14.06 -7.50 10.89
C PHE B 238 -14.72 -6.72 12.03
N GLN B 239 -16.03 -6.54 11.93
CA GLN B 239 -16.74 -5.66 12.86
C GLN B 239 -17.85 -6.32 13.67
N VAL B 240 -18.47 -5.53 14.55
CA VAL B 240 -19.46 -6.06 15.48
C VAL B 240 -20.71 -5.21 15.50
N ALA B 241 -21.86 -5.88 15.49
CA ALA B 241 -23.15 -5.21 15.56
C ALA B 241 -23.86 -5.53 16.87
N LEU B 242 -24.41 -4.50 17.50
CA LEU B 242 -25.19 -4.66 18.73
C LEU B 242 -26.67 -4.86 18.41
N THR B 243 -27.29 -5.78 19.13
CA THR B 243 -28.74 -5.95 19.07
C THR B 243 -29.35 -5.32 20.31
N ILE B 244 -30.04 -4.19 20.11
CA ILE B 244 -30.68 -3.50 21.22
C ILE B 244 -32.06 -4.06 21.53
N SER B 245 -32.15 -4.74 22.67
CA SER B 245 -33.38 -5.40 23.11
C SER B 245 -34.33 -4.39 23.75
N SER B 246 -35.55 -4.83 24.01
CA SER B 246 -36.54 -3.99 24.69
C SER B 246 -36.04 -3.65 26.09
N GLU B 247 -35.55 -4.67 26.80
CA GLU B 247 -34.92 -4.46 28.10
C GLU B 247 -33.44 -4.10 27.92
N LEU B 248 -33.09 -2.87 28.30
CA LEU B 248 -31.72 -2.37 28.15
C LEU B 248 -30.81 -2.90 29.24
N PRO B 249 -29.73 -3.58 28.85
CA PRO B 249 -28.80 -4.17 29.83
C PRO B 249 -28.07 -3.12 30.66
N ASP B 250 -27.25 -3.62 31.59
CA ASP B 250 -26.41 -2.81 32.45
C ASP B 250 -25.31 -2.07 31.70
N GLU B 251 -24.53 -2.85 30.95
CA GLU B 251 -23.30 -2.39 30.33
C GLU B 251 -23.53 -1.44 29.18
N LEU B 252 -24.79 -1.29 28.76
CA LEU B 252 -25.12 -0.37 27.67
C LEU B 252 -25.73 0.93 28.18
N THR B 253 -25.92 1.02 29.49
CA THR B 253 -26.41 2.25 30.11
C THR B 253 -25.37 2.77 31.09
N GLU B 254 -24.73 1.85 31.80
CA GLU B 254 -23.63 2.19 32.69
C GLU B 254 -22.55 2.79 31.81
N LEU B 255 -22.51 4.12 31.73
CA LEU B 255 -21.59 4.83 30.82
C LEU B 255 -20.21 4.17 30.67
N LYS B 256 -19.48 4.05 31.78
CA LYS B 256 -18.14 3.47 31.79
C LYS B 256 -18.05 2.19 30.97
N LEU B 257 -19.09 1.36 31.06
CA LEU B 257 -19.16 0.14 30.29
C LEU B 257 -19.47 0.43 28.83
N VAL B 258 -20.56 1.17 28.60
CA VAL B 258 -20.98 1.49 27.23
C VAL B 258 -19.82 1.98 26.38
N ASP B 259 -18.88 2.68 27.00
CA ASP B 259 -17.75 3.27 26.28
C ASP B 259 -16.84 2.21 25.65
N ARG B 260 -16.97 0.97 26.12
CA ARG B 260 -16.18 -0.13 25.57
C ARG B 260 -16.26 -0.17 24.06
N TRP B 261 -17.45 0.07 23.51
CA TRP B 261 -17.67 -0.06 22.07
C TRP B 261 -17.07 1.08 21.23
N LYS B 262 -16.55 2.09 21.89
CA LYS B 262 -15.87 3.15 21.18
C LYS B 262 -14.48 2.68 20.79
N ALA B 263 -13.94 1.74 21.57
CA ALA B 263 -12.65 1.13 21.28
C ALA B 263 -12.78 -0.19 20.50
N GLU B 264 -13.98 -0.42 19.95
CA GLU B 264 -14.26 -1.62 19.15
C GLU B 264 -14.73 -1.23 17.75
N PRO B 265 -14.50 -2.10 16.77
CA PRO B 265 -14.96 -1.91 15.40
C PRO B 265 -16.47 -1.95 15.30
N LEU B 266 -17.15 -1.00 15.94
CA LEU B 266 -18.60 -0.95 15.93
C LEU B 266 -19.11 -0.68 14.52
N ALA B 267 -19.97 -1.56 14.01
CA ALA B 267 -20.39 -1.49 12.61
C ALA B 267 -21.82 -1.02 12.44
N ALA B 268 -22.75 -1.74 13.06
CA ALA B 268 -24.17 -1.46 12.89
C ALA B 268 -24.98 -1.72 14.15
N PHE B 269 -26.15 -1.09 14.23
CA PHE B 269 -27.09 -1.30 15.34
C PHE B 269 -28.28 -2.14 14.90
N VAL B 270 -28.52 -3.23 15.63
CA VAL B 270 -29.68 -4.07 15.36
C VAL B 270 -30.84 -3.63 16.24
N ILE B 271 -31.95 -3.26 15.60
CA ILE B 271 -33.09 -2.69 16.32
C ILE B 271 -34.35 -3.53 16.22
N GLU B 272 -34.76 -4.09 17.36
CA GLU B 272 -35.97 -4.91 17.44
C GLU B 272 -37.22 -4.06 17.55
N SER B 273 -38.31 -4.52 16.94
CA SER B 273 -39.59 -3.81 16.96
C SER B 273 -40.19 -3.74 18.36
N GLY B 274 -39.43 -4.19 19.35
CA GLY B 274 -39.84 -4.09 20.74
C GLY B 274 -39.79 -2.65 21.21
N LEU B 275 -40.63 -1.82 20.59
CA LEU B 275 -40.71 -0.40 20.93
C LEU B 275 -42.05 0.17 20.43
N PHE B 276 -42.37 1.40 20.82
CA PHE B 276 -43.65 2.00 20.45
C PHE B 276 -43.50 3.27 19.63
N ALA B 284 -44.54 5.77 15.90
CA ALA B 284 -43.49 5.03 16.58
C ALA B 284 -42.64 5.94 17.46
N SER B 285 -42.35 5.46 18.67
CA SER B 285 -41.62 6.23 19.67
C SER B 285 -40.46 5.39 20.24
N ILE B 286 -39.52 6.07 20.90
CA ILE B 286 -38.34 5.42 21.45
C ILE B 286 -37.99 5.98 22.84
N PRO B 287 -37.81 5.10 23.82
CA PRO B 287 -37.55 5.42 25.23
C PRO B 287 -36.35 6.33 25.48
N SER B 288 -36.31 6.95 26.65
CA SER B 288 -35.27 7.89 27.02
C SER B 288 -33.86 7.30 27.01
N ALA B 289 -33.70 6.17 27.68
CA ALA B 289 -32.39 5.51 27.76
C ALA B 289 -31.95 4.96 26.41
N HIS B 290 -32.92 4.45 25.63
CA HIS B 290 -32.64 4.01 24.26
C HIS B 290 -32.06 5.17 23.47
N ILE B 291 -32.76 6.31 23.49
CA ILE B 291 -32.30 7.51 22.81
C ILE B 291 -30.88 7.89 23.23
N ASN B 292 -30.64 7.90 24.54
CA ASN B 292 -29.33 8.26 25.06
C ASN B 292 -28.22 7.32 24.65
N LEU B 293 -28.53 6.03 24.52
CA LEU B 293 -27.54 5.06 24.04
C LEU B 293 -27.26 5.19 22.54
N LEU B 294 -28.32 5.12 21.73
CA LEU B 294 -28.19 5.26 20.28
C LEU B 294 -27.44 6.53 19.93
N LYS B 295 -27.73 7.61 20.64
CA LYS B 295 -26.99 8.85 20.43
C LYS B 295 -25.54 8.64 20.87
N HIS B 296 -25.35 8.24 22.12
CA HIS B 296 -24.02 8.09 22.69
C HIS B 296 -23.08 7.37 21.75
N LEU B 297 -23.32 6.08 21.51
CA LEU B 297 -22.38 5.26 20.75
C LEU B 297 -22.27 5.62 19.26
N TRP B 298 -23.27 6.34 18.74
CA TRP B 298 -23.25 6.74 17.34
C TRP B 298 -22.26 7.87 17.09
N THR B 299 -21.06 7.50 16.65
CA THR B 299 -19.99 8.47 16.35
C THR B 299 -19.97 8.84 14.87
N THR B 300 -19.51 7.92 14.04
CA THR B 300 -19.45 8.16 12.61
C THR B 300 -20.84 8.01 12.01
N ASP B 301 -21.17 8.88 11.07
CA ASP B 301 -22.41 8.73 10.32
C ASP B 301 -22.27 7.50 9.43
N ALA B 302 -21.08 6.89 9.46
CA ALA B 302 -20.80 5.70 8.68
C ALA B 302 -21.49 4.47 9.25
N LEU B 303 -21.77 4.48 10.55
CA LEU B 303 -22.53 3.43 11.19
C LEU B 303 -23.79 3.14 10.38
N ARG B 304 -24.21 1.88 10.38
CA ARG B 304 -25.47 1.49 9.75
C ARG B 304 -26.46 1.01 10.82
N ILE B 305 -27.73 0.92 10.47
CA ILE B 305 -28.76 0.47 11.42
C ILE B 305 -29.87 -0.33 10.74
N VAL B 306 -30.15 -1.52 11.27
CA VAL B 306 -31.11 -2.42 10.65
C VAL B 306 -32.36 -2.64 11.50
N LEU B 307 -33.50 -2.76 10.84
CA LEU B 307 -34.77 -2.99 11.52
C LEU B 307 -35.03 -4.48 11.69
N ARG B 308 -35.48 -4.85 12.89
CA ARG B 308 -35.71 -6.25 13.21
C ARG B 308 -37.17 -6.49 13.55
N ALA B 309 -37.89 -7.11 12.63
CA ALA B 309 -39.29 -7.44 12.82
C ALA B 309 -39.50 -8.53 13.89
N THR B 310 -39.72 -8.12 15.13
CA THR B 310 -39.90 -9.06 16.23
C THR B 310 -41.35 -9.28 16.67
N THR B 311 -41.89 -8.31 17.38
CA THR B 311 -43.19 -8.47 18.04
C THR B 311 -44.41 -8.32 17.11
N ASP B 312 -44.46 -7.23 16.35
CA ASP B 312 -45.58 -7.00 15.45
C ASP B 312 -45.69 -8.09 14.38
N THR B 313 -46.72 -8.92 14.49
CA THR B 313 -47.02 -9.94 13.47
C THR B 313 -47.09 -9.24 12.11
N PHE B 314 -47.36 -7.94 12.17
CA PHE B 314 -47.31 -7.06 11.03
C PHE B 314 -47.55 -5.66 11.60
N LYS B 315 -47.44 -4.65 10.76
CA LYS B 315 -47.68 -3.28 11.20
C LYS B 315 -49.15 -2.92 10.91
N TYR B 316 -49.87 -2.52 11.96
CA TYR B 316 -51.29 -2.21 11.85
C TYR B 316 -51.56 -1.38 10.62
N ASN B 317 -51.08 -0.14 10.64
CA ASN B 317 -51.01 0.69 9.45
C ASN B 317 -49.73 0.27 8.76
N THR B 318 -49.84 -0.19 7.52
CA THR B 318 -48.66 -0.58 6.76
C THR B 318 -47.58 0.47 7.02
N SER B 319 -48.01 1.73 7.01
CA SER B 319 -47.12 2.87 7.27
C SER B 319 -46.25 2.72 8.52
N ILE B 320 -46.69 1.95 9.51
CA ILE B 320 -45.90 1.75 10.72
C ILE B 320 -44.54 1.13 10.40
N LYS B 321 -44.39 0.64 9.18
CA LYS B 321 -43.09 0.25 8.66
C LYS B 321 -42.29 1.53 8.45
N SER B 322 -42.69 2.32 7.46
CA SER B 322 -42.03 3.59 7.14
C SER B 322 -41.78 4.45 8.37
N GLU B 323 -42.64 4.35 9.37
CA GLU B 323 -42.48 5.15 10.59
C GLU B 323 -41.15 4.87 11.26
N TYR B 324 -40.87 3.60 11.51
CA TYR B 324 -39.71 3.22 12.33
C TYR B 324 -38.42 3.82 11.80
N SER B 325 -38.08 3.48 10.57
CA SER B 325 -36.93 4.08 9.92
C SER B 325 -36.88 5.56 10.28
N GLN B 326 -37.95 6.27 9.95
CA GLN B 326 -38.03 7.72 10.20
C GLN B 326 -37.69 8.06 11.65
N ALA B 327 -38.40 7.45 12.58
CA ALA B 327 -38.22 7.75 14.00
C ALA B 327 -36.79 7.48 14.44
N LEU B 328 -36.13 6.55 13.76
CA LEU B 328 -34.74 6.25 14.06
C LEU B 328 -33.82 7.36 13.53
N ARG B 329 -34.07 7.81 12.32
CA ARG B 329 -33.25 8.88 11.74
C ARG B 329 -33.32 10.13 12.60
N HIS B 330 -34.48 10.34 13.23
CA HIS B 330 -34.66 11.42 14.18
C HIS B 330 -33.71 11.27 15.37
N ALA B 331 -32.80 10.31 15.25
CA ALA B 331 -31.84 9.99 16.31
C ALA B 331 -31.36 11.23 17.06
N VAL B 362 -1.21 -2.96 -14.52
CA VAL B 362 -1.80 -3.76 -13.45
C VAL B 362 -1.82 -5.24 -13.78
N LEU B 363 -1.14 -6.03 -12.96
CA LEU B 363 -1.07 -7.47 -13.15
C LEU B 363 -2.26 -8.16 -12.52
N GLN B 364 -2.59 -9.35 -13.03
CA GLN B 364 -3.45 -10.26 -12.31
C GLN B 364 -3.05 -11.68 -12.68
N ALA B 365 -3.28 -12.63 -11.78
CA ALA B 365 -2.96 -14.02 -12.07
C ALA B 365 -3.84 -14.55 -13.21
N PRO B 366 -3.39 -15.61 -13.89
CA PRO B 366 -4.33 -16.27 -14.80
C PRO B 366 -5.45 -16.90 -13.99
N LEU B 367 -6.69 -16.67 -14.39
CA LEU B 367 -7.82 -17.29 -13.73
C LEU B 367 -7.68 -18.81 -13.82
N GLN B 368 -8.29 -19.52 -12.88
CA GLN B 368 -8.23 -20.99 -12.86
C GLN B 368 -9.56 -21.56 -12.39
N PRO B 369 -10.51 -21.71 -13.32
CA PRO B 369 -11.90 -22.14 -13.05
C PRO B 369 -12.04 -23.56 -12.47
N LEU B 370 -11.17 -24.48 -12.88
CA LEU B 370 -11.19 -25.84 -12.35
C LEU B 370 -10.75 -25.87 -10.89
N SER B 371 -9.77 -25.03 -10.54
CA SER B 371 -9.20 -24.99 -9.20
C SER B 371 -10.06 -24.14 -8.25
N GLU B 372 -10.45 -22.96 -8.69
CA GLU B 372 -11.23 -22.06 -7.87
C GLU B 372 -12.60 -21.80 -8.49
N ASN B 373 -13.65 -21.89 -7.69
CA ASN B 373 -14.97 -21.52 -8.16
C ASN B 373 -15.03 -20.02 -8.42
N LEU B 374 -15.54 -19.64 -9.58
CA LEU B 374 -15.59 -18.23 -9.97
C LEU B 374 -16.73 -17.49 -9.29
N ASP B 375 -16.46 -16.29 -8.78
CA ASP B 375 -17.52 -15.42 -8.27
C ASP B 375 -18.38 -14.97 -9.44
N SER B 376 -19.60 -14.52 -9.15
CA SER B 376 -20.58 -14.26 -10.20
C SER B 376 -20.28 -13.04 -11.07
N GLY B 377 -19.51 -12.09 -10.56
CA GLY B 377 -19.14 -10.91 -11.32
C GLY B 377 -18.09 -11.19 -12.39
N VAL B 378 -17.34 -12.26 -12.17
CA VAL B 378 -16.37 -12.73 -13.14
C VAL B 378 -17.10 -13.27 -14.35
N TYR B 379 -18.23 -13.92 -14.10
CA TYR B 379 -19.10 -14.40 -15.16
C TYR B 379 -19.84 -13.23 -15.78
N ASN B 380 -20.24 -12.29 -14.94
CA ASN B 380 -20.99 -11.12 -15.39
C ASN B 380 -20.20 -10.26 -16.35
N THR B 381 -18.89 -10.17 -16.13
CA THR B 381 -18.02 -9.44 -17.05
C THR B 381 -17.51 -10.36 -18.16
N PHE B 382 -17.43 -11.65 -17.87
CA PHE B 382 -17.07 -12.66 -18.86
C PHE B 382 -18.09 -12.63 -19.99
N GLU B 383 -19.32 -12.24 -19.64
CA GLU B 383 -20.44 -12.24 -20.58
C GLU B 383 -20.65 -10.89 -21.27
N GLN B 384 -19.62 -10.05 -21.28
CA GLN B 384 -19.66 -8.79 -21.99
C GLN B 384 -18.96 -8.96 -23.33
N ASP B 385 -18.18 -10.04 -23.44
CA ASP B 385 -17.39 -10.32 -24.62
C ASP B 385 -18.26 -10.88 -25.75
N GLN B 386 -19.23 -10.07 -26.17
CA GLN B 386 -20.24 -10.51 -27.11
C GLN B 386 -19.72 -11.40 -28.23
N ILE B 387 -18.55 -11.08 -28.75
CA ILE B 387 -18.04 -11.73 -29.97
C ILE B 387 -17.56 -13.16 -29.76
N LYS B 388 -17.19 -13.52 -28.53
CA LYS B 388 -16.81 -14.89 -28.23
C LYS B 388 -18.03 -15.80 -28.39
N TYR B 389 -19.15 -15.36 -27.82
CA TYR B 389 -20.41 -16.07 -27.95
C TYR B 389 -20.89 -16.04 -29.40
N ASP B 390 -20.73 -14.90 -30.06
CA ASP B 390 -21.11 -14.78 -31.46
C ASP B 390 -20.39 -15.82 -32.31
N VAL B 391 -19.07 -15.86 -32.21
CA VAL B 391 -18.26 -16.80 -32.98
C VAL B 391 -18.53 -18.26 -32.59
N TYR B 392 -18.78 -18.51 -31.31
CA TYR B 392 -19.12 -19.85 -30.86
C TYR B 392 -20.39 -20.31 -31.55
N GLY B 393 -21.38 -19.41 -31.60
CA GLY B 393 -22.63 -19.66 -32.28
C GLY B 393 -22.43 -19.83 -33.78
N GLU B 394 -21.41 -19.19 -34.32
CA GLU B 394 -21.09 -19.33 -35.73
C GLU B 394 -20.55 -20.74 -36.02
N ALA B 395 -19.66 -21.21 -35.17
CA ALA B 395 -19.15 -22.57 -35.30
C ALA B 395 -20.25 -23.58 -35.03
N VAL B 396 -21.24 -23.18 -34.23
CA VAL B 396 -22.38 -24.03 -33.94
C VAL B 396 -23.30 -24.19 -35.16
N VAL B 397 -23.65 -23.07 -35.79
CA VAL B 397 -24.44 -23.13 -37.01
C VAL B 397 -23.66 -23.91 -38.06
N GLY B 398 -22.34 -23.73 -38.08
CA GLY B 398 -21.47 -24.45 -38.99
C GLY B 398 -21.53 -25.96 -38.79
N ALA B 399 -21.48 -26.39 -37.54
CA ALA B 399 -21.54 -27.82 -37.23
C ALA B 399 -22.94 -28.39 -37.47
N LEU B 400 -23.96 -27.56 -37.33
CA LEU B 400 -25.33 -27.99 -37.64
C LEU B 400 -25.54 -28.13 -39.14
N LYS B 401 -24.78 -27.34 -39.91
CA LYS B 401 -24.76 -27.50 -41.36
C LYS B 401 -24.07 -28.80 -41.71
N ASP B 402 -22.81 -28.93 -41.31
CA ASP B 402 -22.01 -30.11 -41.63
C ASP B 402 -22.65 -31.43 -41.22
N LEU B 403 -23.13 -31.50 -39.97
CA LEU B 403 -23.73 -32.74 -39.46
C LEU B 403 -25.22 -32.87 -39.81
N GLY B 404 -25.96 -31.78 -39.64
CA GLY B 404 -27.38 -31.79 -39.93
C GLY B 404 -27.67 -32.11 -41.38
N ALA B 405 -26.77 -31.69 -42.27
CA ALA B 405 -26.92 -31.93 -43.70
C ALA B 405 -27.09 -33.40 -44.01
N ASP B 406 -26.63 -34.25 -43.08
CA ASP B 406 -26.72 -35.70 -43.25
C ASP B 406 -28.14 -36.11 -43.64
N GLY B 407 -29.12 -35.65 -42.87
CA GLY B 407 -30.50 -35.97 -43.12
C GLY B 407 -31.30 -36.18 -41.84
N ARG B 408 -30.59 -36.38 -40.73
CA ARG B 408 -31.24 -36.63 -39.45
C ARG B 408 -32.05 -35.42 -38.99
N LYS B 409 -32.84 -35.62 -37.93
CA LYS B 409 -33.72 -34.58 -37.42
C LYS B 409 -33.46 -34.28 -35.94
N THR B 410 -32.28 -34.64 -35.46
CA THR B 410 -31.93 -34.41 -34.06
C THR B 410 -30.43 -34.58 -33.81
N VAL B 411 -29.88 -33.76 -32.91
CA VAL B 411 -28.48 -33.89 -32.50
C VAL B 411 -28.32 -33.55 -31.02
N VAL B 412 -27.51 -34.34 -30.32
CA VAL B 412 -27.17 -34.06 -28.92
C VAL B 412 -25.83 -33.34 -28.78
N ILE B 413 -25.79 -32.34 -27.91
CA ILE B 413 -24.55 -31.58 -27.70
C ILE B 413 -24.26 -31.32 -26.23
N TYR B 414 -23.06 -31.70 -25.80
CA TYR B 414 -22.61 -31.41 -24.44
C TYR B 414 -21.85 -30.08 -24.37
N LEU B 415 -22.45 -29.09 -23.72
CA LEU B 415 -21.76 -27.87 -23.33
C LEU B 415 -20.96 -28.16 -22.06
N LEU B 416 -19.65 -28.24 -22.19
CA LEU B 416 -18.78 -28.66 -21.09
C LEU B 416 -18.18 -27.49 -20.31
N GLY B 417 -18.91 -27.05 -19.28
CA GLY B 417 -18.58 -25.83 -18.57
C GLY B 417 -19.46 -24.69 -19.06
N GLY B 418 -20.70 -24.70 -18.59
CA GLY B 418 -21.69 -23.72 -19.02
C GLY B 418 -21.51 -22.39 -18.34
N GLY B 419 -20.91 -22.42 -17.15
CA GLY B 419 -20.77 -21.22 -16.36
C GLY B 419 -22.15 -20.71 -15.94
N ARG B 420 -22.48 -19.51 -16.37
CA ARG B 420 -23.83 -19.01 -16.19
C ARG B 420 -24.72 -19.35 -17.40
N GLY B 421 -24.11 -19.94 -18.42
CA GLY B 421 -24.85 -20.55 -19.53
C GLY B 421 -25.10 -19.81 -20.84
N PRO B 422 -24.50 -18.63 -21.03
CA PRO B 422 -24.81 -17.86 -22.24
C PRO B 422 -24.44 -18.62 -23.52
N ILE B 423 -23.51 -19.56 -23.40
CA ILE B 423 -23.11 -20.41 -24.51
C ILE B 423 -24.18 -21.47 -24.76
N GLY B 424 -24.91 -21.82 -23.70
CA GLY B 424 -26.07 -22.68 -23.82
C GLY B 424 -27.18 -21.99 -24.60
N THR B 425 -27.55 -20.79 -24.14
CA THR B 425 -28.55 -19.99 -24.84
C THR B 425 -28.08 -19.70 -26.26
N LYS B 426 -26.76 -19.71 -26.47
CA LYS B 426 -26.25 -19.51 -27.82
C LYS B 426 -26.43 -20.76 -28.68
N ILE B 427 -26.31 -21.95 -28.07
CA ILE B 427 -26.59 -23.17 -28.81
C ILE B 427 -28.06 -23.28 -29.16
N LEU B 428 -28.94 -22.98 -28.22
CA LEU B 428 -30.38 -23.03 -28.47
C LEU B 428 -30.81 -21.94 -29.45
N LYS B 429 -30.16 -20.79 -29.38
CA LYS B 429 -30.41 -19.72 -30.33
C LYS B 429 -29.89 -20.08 -31.72
N SER B 430 -28.88 -20.95 -31.76
CA SER B 430 -28.28 -21.37 -33.03
C SER B 430 -29.05 -22.52 -33.70
N GLU B 431 -29.70 -23.36 -32.91
CA GLU B 431 -30.64 -24.34 -33.48
C GLU B 431 -31.89 -23.59 -33.92
N ARG B 432 -32.36 -22.70 -33.06
CA ARG B 432 -33.56 -21.91 -33.33
C ARG B 432 -33.39 -21.09 -34.60
N GLU B 433 -32.18 -20.57 -34.80
CA GLU B 433 -31.88 -19.74 -35.97
C GLU B 433 -31.40 -20.53 -37.19
N TYR B 434 -30.94 -21.76 -36.96
CA TYR B 434 -30.53 -22.64 -38.04
C TYR B 434 -31.72 -23.18 -38.82
N ASN B 435 -32.79 -23.51 -38.10
CA ASN B 435 -33.94 -24.20 -38.68
C ASN B 435 -34.71 -23.44 -39.76
N ASN B 436 -34.36 -22.17 -40.00
CA ASN B 436 -35.06 -21.41 -41.02
C ASN B 436 -34.19 -20.94 -42.19
N THR B 437 -32.88 -21.10 -42.08
CA THR B 437 -31.99 -20.77 -43.20
C THR B 437 -31.48 -22.02 -43.89
N PHE B 438 -31.42 -23.12 -43.16
CA PHE B 438 -30.90 -24.37 -43.70
C PHE B 438 -31.88 -25.53 -43.58
N ARG B 439 -33.07 -25.24 -43.05
CA ARG B 439 -34.12 -26.25 -42.94
C ARG B 439 -35.45 -25.65 -42.50
N SER B 444 -36.97 -31.31 -39.89
CA SER B 444 -36.33 -30.39 -38.96
C SER B 444 -35.02 -30.98 -38.45
N LEU B 445 -34.47 -30.37 -37.40
CA LEU B 445 -33.28 -30.87 -36.74
C LEU B 445 -33.26 -30.39 -35.30
N LYS B 446 -34.08 -31.03 -34.47
CA LYS B 446 -34.16 -30.67 -33.07
C LYS B 446 -32.83 -30.94 -32.37
N VAL B 447 -32.49 -30.09 -31.40
CA VAL B 447 -31.22 -30.19 -30.71
C VAL B 447 -31.39 -30.40 -29.20
N LYS B 448 -30.87 -31.51 -28.71
CA LYS B 448 -30.89 -31.83 -27.29
C LYS B 448 -29.59 -31.38 -26.63
N LEU B 449 -29.72 -30.65 -25.52
CA LEU B 449 -28.57 -30.01 -24.88
C LEU B 449 -28.24 -30.61 -23.51
N TYR B 450 -26.97 -30.97 -23.33
CA TYR B 450 -26.48 -31.41 -22.02
C TYR B 450 -25.39 -30.45 -21.54
N ILE B 451 -25.74 -29.58 -20.60
CA ILE B 451 -24.80 -28.61 -20.02
C ILE B 451 -24.19 -29.08 -18.70
N VAL B 452 -22.95 -29.54 -18.76
CA VAL B 452 -22.26 -30.00 -17.55
C VAL B 452 -21.63 -28.82 -16.80
N GLU B 453 -21.43 -28.98 -15.50
CA GLU B 453 -20.88 -27.91 -14.68
C GLU B 453 -20.43 -28.36 -13.28
N LYS B 454 -19.24 -27.93 -12.89
CA LYS B 454 -18.65 -28.24 -11.59
C LYS B 454 -19.00 -27.21 -10.51
N ASN B 455 -19.11 -25.94 -10.92
CA ASN B 455 -19.30 -24.82 -10.00
C ASN B 455 -20.64 -24.82 -9.29
N PRO B 456 -20.67 -25.36 -8.05
CA PRO B 456 -21.89 -25.60 -7.28
C PRO B 456 -22.77 -24.36 -7.13
N ASN B 457 -22.18 -23.18 -7.23
CA ASN B 457 -22.91 -21.94 -7.12
C ASN B 457 -23.51 -21.51 -8.46
N ALA B 458 -22.85 -21.88 -9.55
CA ALA B 458 -23.34 -21.58 -10.89
C ALA B 458 -24.61 -22.40 -11.20
N ILE B 459 -24.68 -23.60 -10.62
CA ILE B 459 -25.81 -24.47 -10.83
C ILE B 459 -27.12 -23.78 -10.42
N VAL B 460 -27.05 -22.93 -9.41
CA VAL B 460 -28.22 -22.16 -9.00
C VAL B 460 -28.69 -21.31 -10.17
N THR B 461 -27.70 -20.74 -10.85
CA THR B 461 -27.94 -19.86 -11.99
C THR B 461 -28.41 -20.62 -13.25
N LEU B 462 -28.00 -21.89 -13.35
CA LEU B 462 -28.38 -22.72 -14.49
C LEU B 462 -29.72 -23.42 -14.29
N LYS B 463 -30.15 -23.53 -13.03
CA LYS B 463 -31.47 -24.03 -12.71
C LYS B 463 -32.47 -22.91 -12.92
N TYR B 464 -32.16 -21.74 -12.37
CA TYR B 464 -32.99 -20.56 -12.57
C TYR B 464 -33.01 -20.19 -14.04
N ASN B 466 -32.51 -22.46 -16.55
CA ASN B 466 -33.25 -23.50 -17.23
C ASN B 466 -34.75 -23.28 -17.11
N VAL B 467 -35.17 -22.71 -15.99
CA VAL B 467 -36.59 -22.42 -15.79
C VAL B 467 -37.06 -21.14 -16.47
N ARG B 468 -36.32 -20.05 -16.32
CA ARG B 468 -36.76 -18.75 -16.80
C ARG B 468 -36.68 -18.56 -18.32
N THR B 469 -35.77 -19.27 -18.97
CA THR B 469 -35.57 -19.08 -20.41
C THR B 469 -35.62 -20.38 -21.19
N TRP B 470 -34.98 -21.41 -20.66
CA TRP B 470 -34.76 -22.66 -21.41
C TRP B 470 -35.96 -23.59 -21.48
N LYS B 471 -36.99 -23.31 -20.70
CA LYS B 471 -38.20 -24.14 -20.69
C LYS B 471 -37.88 -25.61 -20.39
N ARG B 472 -36.96 -25.82 -19.45
CA ARG B 472 -36.61 -27.16 -18.98
C ARG B 472 -36.32 -28.15 -20.11
N ARG B 473 -35.88 -27.62 -21.25
CA ARG B 473 -35.53 -28.44 -22.41
C ARG B 473 -34.08 -28.89 -22.39
N VAL B 474 -33.34 -28.46 -21.37
CA VAL B 474 -31.94 -28.84 -21.23
C VAL B 474 -31.67 -29.49 -19.88
N THR B 475 -31.01 -30.63 -19.91
CA THR B 475 -30.66 -31.36 -18.71
C THR B 475 -29.32 -30.86 -18.14
N ILE B 476 -29.39 -30.23 -16.96
CA ILE B 476 -28.22 -29.70 -16.29
C ILE B 476 -27.53 -30.80 -15.51
N ILE B 477 -26.21 -30.87 -15.59
CA ILE B 477 -25.49 -31.89 -14.85
C ILE B 477 -24.35 -31.31 -14.01
N GLU B 478 -24.61 -31.16 -12.72
CA GLU B 478 -23.62 -30.68 -11.76
C GLU B 478 -22.60 -31.79 -11.50
N SER B 479 -21.53 -31.80 -12.28
CA SER B 479 -20.49 -32.82 -12.11
C SER B 479 -19.14 -32.34 -12.60
N ASP B 480 -18.10 -33.08 -12.21
CA ASP B 480 -16.81 -32.94 -12.85
C ASP B 480 -16.94 -33.62 -14.21
N ARG B 482 -15.09 -34.70 -15.97
CA ARG B 482 -14.06 -35.71 -16.16
C ARG B 482 -14.46 -37.07 -15.63
N SER B 483 -15.63 -37.13 -14.99
CA SER B 483 -16.18 -38.39 -14.48
C SER B 483 -17.52 -38.66 -15.16
N LEU B 484 -17.85 -37.83 -16.15
CA LEU B 484 -19.10 -37.93 -16.90
C LEU B 484 -19.27 -39.27 -17.62
N PRO B 485 -18.18 -39.77 -18.24
CA PRO B 485 -18.26 -41.07 -18.91
C PRO B 485 -18.79 -42.14 -17.97
N GLY B 486 -18.44 -42.05 -16.70
CA GLY B 486 -18.88 -43.02 -15.71
C GLY B 486 -20.34 -42.82 -15.34
N ILE B 487 -20.69 -41.58 -15.01
CA ILE B 487 -22.06 -41.27 -14.61
C ILE B 487 -22.98 -41.16 -15.83
N ALA B 488 -22.58 -41.80 -16.92
CA ALA B 488 -23.31 -41.73 -18.17
C ALA B 488 -24.50 -42.68 -18.25
N LYS B 489 -24.39 -43.83 -17.60
CA LYS B 489 -25.47 -44.82 -17.63
C LYS B 489 -26.44 -44.68 -16.46
N ASP B 490 -25.91 -44.44 -15.27
CA ASP B 490 -26.73 -44.34 -14.07
C ASP B 490 -27.83 -43.29 -14.24
N ARG B 491 -27.50 -42.20 -14.94
CA ARG B 491 -28.46 -41.14 -15.16
C ARG B 491 -28.95 -41.13 -16.61
N GLY B 492 -28.69 -42.23 -17.32
CA GLY B 492 -29.21 -42.44 -18.65
C GLY B 492 -28.67 -41.53 -19.75
N PHE B 493 -27.49 -40.97 -19.53
CA PHE B 493 -26.88 -40.06 -20.50
C PHE B 493 -26.55 -40.73 -21.82
N GLU B 494 -26.72 -39.99 -22.91
CA GLU B 494 -26.49 -40.50 -24.27
C GLU B 494 -25.17 -40.01 -24.86
N GLN B 495 -24.52 -40.85 -25.67
CA GLN B 495 -23.28 -40.47 -26.34
C GLN B 495 -23.44 -39.18 -27.14
N PRO B 496 -22.44 -38.29 -27.05
CA PRO B 496 -22.50 -36.96 -27.66
C PRO B 496 -22.05 -36.96 -29.12
N ASP B 497 -22.79 -36.26 -29.97
CA ASP B 497 -22.39 -36.06 -31.35
C ASP B 497 -21.45 -34.86 -31.41
N ILE B 498 -21.73 -33.89 -30.55
CA ILE B 498 -20.89 -32.70 -30.39
C ILE B 498 -20.65 -32.41 -28.91
N ILE B 499 -19.47 -31.86 -28.59
CA ILE B 499 -19.21 -31.37 -27.24
C ILE B 499 -18.58 -29.98 -27.30
N VAL B 500 -19.35 -28.97 -26.91
CA VAL B 500 -18.88 -27.59 -26.92
C VAL B 500 -18.26 -27.19 -25.58
N SER B 501 -17.12 -26.50 -25.62
CA SER B 501 -16.47 -26.07 -24.38
C SER B 501 -15.58 -24.86 -24.60
N GLU B 502 -15.30 -24.15 -23.52
CA GLU B 502 -14.36 -23.03 -23.52
C GLU B 502 -13.53 -23.05 -22.23
N LEU B 503 -12.42 -23.78 -22.26
CA LEU B 503 -11.61 -23.97 -21.06
C LEU B 503 -10.20 -23.46 -21.28
N LEU B 504 -10.11 -22.39 -22.05
CA LEU B 504 -8.82 -21.82 -22.40
C LEU B 504 -8.59 -20.50 -21.68
N GLY B 505 -7.33 -20.11 -21.55
CA GLY B 505 -6.98 -18.84 -20.94
C GLY B 505 -6.23 -17.93 -21.89
N SER B 506 -5.69 -16.83 -21.36
CA SER B 506 -4.98 -15.85 -22.18
C SER B 506 -3.68 -16.38 -22.77
N PHE B 507 -3.33 -17.60 -22.42
CA PHE B 507 -2.17 -18.27 -23.01
C PHE B 507 -2.65 -19.61 -23.57
N GLY B 508 -3.96 -19.70 -23.72
CA GLY B 508 -4.59 -20.87 -24.30
C GLY B 508 -4.76 -22.02 -23.33
N ASP B 509 -3.76 -22.89 -23.27
CA ASP B 509 -3.83 -24.11 -22.48
C ASP B 509 -3.65 -23.86 -20.98
N ASN B 510 -3.45 -22.60 -20.60
CA ASN B 510 -3.10 -22.26 -19.21
C ASN B 510 -4.20 -22.50 -18.16
N GLU B 511 -5.41 -22.83 -18.58
CA GLU B 511 -6.46 -23.17 -17.63
C GLU B 511 -6.68 -24.69 -17.52
N LEU B 512 -5.86 -25.45 -18.24
CA LEU B 512 -5.88 -26.91 -18.26
C LEU B 512 -7.07 -27.53 -18.96
N SER B 513 -7.36 -27.09 -20.17
CA SER B 513 -8.45 -27.65 -20.96
C SER B 513 -8.22 -29.11 -21.39
N PRO B 514 -7.01 -29.41 -21.92
CA PRO B 514 -6.71 -30.74 -22.48
C PRO B 514 -6.96 -31.89 -21.51
N GLU B 515 -6.64 -31.71 -20.24
CA GLU B 515 -6.74 -32.78 -19.27
C GLU B 515 -8.20 -33.16 -18.98
N CYS B 516 -9.06 -32.15 -18.84
CA CYS B 516 -10.46 -32.39 -18.61
C CYS B 516 -11.18 -32.92 -19.86
N LEU B 517 -10.88 -32.35 -21.02
CA LEU B 517 -11.46 -32.88 -22.25
C LEU B 517 -11.01 -34.32 -22.48
N ASP B 518 -9.76 -34.62 -22.14
CA ASP B 518 -9.26 -35.99 -22.14
C ASP B 518 -10.04 -36.82 -21.13
N GLY B 519 -10.57 -36.16 -20.11
CA GLY B 519 -11.48 -36.81 -19.17
C GLY B 519 -12.78 -37.23 -19.82
N VAL B 520 -13.39 -36.32 -20.57
CA VAL B 520 -14.63 -36.61 -21.30
C VAL B 520 -14.42 -37.56 -22.48
N THR B 521 -13.17 -37.74 -22.89
CA THR B 521 -12.84 -38.53 -24.08
C THR B 521 -13.38 -39.97 -24.08
N GLY B 522 -13.32 -40.62 -22.92
CA GLY B 522 -13.60 -42.04 -22.82
C GLY B 522 -15.00 -42.58 -23.07
N PHE B 523 -15.91 -41.72 -23.49
CA PHE B 523 -17.28 -42.17 -23.80
C PHE B 523 -17.82 -41.52 -25.07
N LEU B 524 -16.96 -40.81 -25.78
CA LEU B 524 -17.34 -40.13 -27.01
C LEU B 524 -17.49 -41.12 -28.16
N LYS B 525 -18.55 -40.94 -28.95
CA LYS B 525 -18.67 -41.67 -30.20
C LYS B 525 -17.45 -41.31 -31.04
N PRO B 526 -17.03 -42.23 -31.91
CA PRO B 526 -15.93 -41.89 -32.83
C PRO B 526 -16.26 -40.70 -33.71
N THR B 527 -17.55 -40.41 -33.84
CA THR B 527 -18.02 -39.35 -34.73
C THR B 527 -18.02 -37.97 -34.07
N THR B 528 -17.75 -37.93 -32.77
CA THR B 528 -17.88 -36.70 -31.99
C THR B 528 -16.89 -35.61 -32.38
N ILE B 529 -17.43 -34.50 -32.88
CA ILE B 529 -16.59 -33.34 -33.18
C ILE B 529 -16.45 -32.51 -31.92
N SER B 530 -15.21 -32.18 -31.57
CA SER B 530 -14.94 -31.33 -30.42
C SER B 530 -14.85 -29.88 -30.83
N ILE B 531 -15.79 -29.07 -30.36
CA ILE B 531 -15.69 -27.63 -30.48
C ILE B 531 -15.16 -27.10 -29.13
N PRO B 532 -13.90 -26.62 -29.13
CA PRO B 532 -13.06 -26.41 -30.31
C PRO B 532 -12.24 -27.65 -30.66
N GLN B 533 -11.67 -27.64 -31.87
CA GLN B 533 -10.91 -28.78 -32.37
C GLN B 533 -9.46 -28.73 -31.92
N LYS B 534 -8.87 -27.53 -31.97
CA LYS B 534 -7.46 -27.39 -31.73
C LYS B 534 -7.18 -26.09 -30.99
N TYR B 535 -6.00 -25.99 -30.41
CA TYR B 535 -5.48 -24.69 -29.97
C TYR B 535 -3.96 -24.71 -29.95
N THR B 536 -3.35 -23.52 -30.04
CA THR B 536 -1.90 -23.41 -29.99
C THR B 536 -1.47 -22.11 -29.33
N SER B 537 -0.41 -22.16 -28.53
CA SER B 537 0.05 -20.97 -27.83
C SER B 537 1.13 -20.23 -28.59
N TYR B 538 1.26 -18.94 -28.30
CA TYR B 538 2.24 -18.08 -28.96
C TYR B 538 2.99 -17.18 -27.98
N VAL B 539 4.22 -16.82 -28.35
CA VAL B 539 5.10 -16.12 -27.43
C VAL B 539 5.90 -15.04 -28.15
N LYS B 540 6.04 -13.86 -27.55
CA LYS B 540 6.62 -12.71 -28.23
C LYS B 540 7.50 -11.80 -27.33
N PRO B 541 8.81 -11.77 -27.61
CA PRO B 541 9.79 -11.04 -26.79
C PRO B 541 9.46 -9.57 -26.62
N ILE B 542 9.59 -9.07 -25.38
CA ILE B 542 9.21 -7.70 -25.07
C ILE B 542 10.17 -6.99 -24.13
N SER B 544 10.01 -3.78 -21.21
CA SER B 544 9.23 -2.86 -20.41
C SER B 544 9.81 -2.87 -19.01
N THR B 545 10.55 -1.83 -18.65
CA THR B 545 11.07 -1.80 -17.29
C THR B 545 9.90 -1.71 -16.32
N HIS B 546 8.87 -0.96 -16.68
CA HIS B 546 7.73 -0.82 -15.78
C HIS B 546 7.12 -2.16 -15.39
N ILE B 547 6.78 -2.98 -16.39
CA ILE B 547 6.15 -4.27 -16.09
C ILE B 547 7.08 -5.09 -15.19
N HIS B 548 8.37 -5.12 -15.55
CA HIS B 548 9.33 -5.91 -14.79
C HIS B 548 9.47 -5.48 -13.31
N GLN B 549 9.68 -4.19 -13.10
CA GLN B 549 9.78 -3.65 -11.76
C GLN B 549 8.50 -3.95 -11.00
N THR B 550 7.37 -3.64 -11.61
CA THR B 550 6.08 -3.94 -11.00
C THR B 550 5.99 -5.38 -10.52
N ILE B 551 6.34 -6.34 -11.38
CA ILE B 551 6.25 -7.74 -11.03
C ILE B 551 7.19 -8.09 -9.87
N LYS B 552 8.39 -7.53 -9.93
CA LYS B 552 9.44 -7.86 -8.96
C LYS B 552 9.11 -7.32 -7.58
N ALA B 553 8.45 -6.18 -7.55
CA ALA B 553 8.16 -5.49 -6.30
C ALA B 553 6.84 -5.90 -5.66
N GLN B 554 6.28 -7.01 -6.11
CA GLN B 554 5.00 -7.46 -5.55
C GLN B 554 5.20 -7.71 -4.08
N SER B 555 4.32 -7.17 -3.25
CA SER B 555 4.51 -7.32 -1.81
C SER B 555 3.25 -7.80 -1.11
N ILE B 556 3.44 -8.62 -0.07
CA ILE B 556 2.33 -9.11 0.74
C ILE B 556 2.20 -8.38 2.08
N PRO B 557 1.17 -7.57 2.25
CA PRO B 557 0.97 -6.93 3.56
C PRO B 557 0.35 -7.89 4.55
N TYR B 558 0.34 -7.52 5.83
CA TYR B 558 -0.08 -8.40 6.94
C TYR B 558 -1.44 -9.06 6.75
N LEU B 559 -2.45 -8.30 6.33
CA LEU B 559 -3.77 -8.88 6.14
C LEU B 559 -3.76 -9.93 5.04
N SER B 560 -2.75 -9.88 4.19
CA SER B 560 -2.69 -10.83 3.08
C SER B 560 -1.68 -11.95 3.31
N ARG B 561 -1.26 -12.10 4.58
CA ARG B 561 -0.18 -13.03 4.93
C ARG B 561 -0.53 -14.50 4.70
N ALA B 562 -1.81 -14.81 4.68
CA ALA B 562 -2.28 -16.19 4.58
C ALA B 562 -2.96 -16.56 3.25
N ILE B 563 -2.96 -15.66 2.27
CA ILE B 563 -3.48 -16.02 0.96
C ILE B 563 -2.59 -17.10 0.36
N PRO B 564 -3.21 -18.20 -0.11
CA PRO B 564 -2.46 -19.35 -0.65
C PRO B 564 -1.58 -18.99 -1.84
N SER B 565 -0.51 -19.76 -2.03
CA SER B 565 0.38 -19.57 -3.16
C SER B 565 -0.30 -20.02 -4.44
N HIS B 566 0.32 -19.70 -5.57
CA HIS B 566 -0.14 -20.15 -6.85
C HIS B 566 0.57 -21.45 -7.18
N GLY B 567 1.47 -21.86 -6.31
CA GLY B 567 2.27 -23.06 -6.51
C GLY B 567 1.72 -24.24 -5.77
N ARG B 568 2.58 -25.20 -5.46
CA ARG B 568 2.17 -26.41 -4.74
C ARG B 568 1.80 -26.11 -3.30
N GLY B 569 2.28 -24.98 -2.79
CA GLY B 569 2.12 -24.63 -1.40
C GLY B 569 0.72 -24.21 -0.96
N GLU B 570 0.43 -24.43 0.31
CA GLU B 570 -0.81 -23.97 0.89
C GLU B 570 -0.62 -23.43 2.31
N PRO B 571 -1.52 -22.56 2.76
CA PRO B 571 -1.44 -21.97 4.09
C PRO B 571 -1.24 -23.00 5.19
N GLU B 572 -0.64 -22.58 6.29
CA GLU B 572 -0.41 -23.46 7.43
C GLU B 572 -0.47 -22.64 8.71
N LEU B 573 -0.72 -23.30 9.83
CA LEU B 573 -0.74 -22.60 11.10
C LEU B 573 0.68 -22.32 11.63
N ASP B 574 0.95 -21.05 12.01
CA ASP B 574 2.24 -20.67 12.60
C ASP B 574 2.25 -20.85 14.11
N GLU B 575 3.32 -20.41 14.77
CA GLU B 575 3.51 -20.68 16.19
C GLU B 575 2.45 -20.05 17.08
N ASP B 576 1.69 -19.11 16.53
CA ASP B 576 0.60 -18.48 17.28
C ASP B 576 -0.78 -19.02 16.88
N GLU B 577 -0.79 -20.17 16.21
CA GLU B 577 -2.02 -20.68 15.59
C GLU B 577 -2.64 -19.60 14.71
N TRP B 579 -2.84 -18.28 10.56
CA TRP B 579 -2.60 -18.75 9.20
C TRP B 579 -1.53 -17.91 8.47
N ILE B 580 -0.61 -18.60 7.82
CA ILE B 580 0.48 -17.99 7.05
C ILE B 580 0.77 -18.82 5.81
N GLN B 581 1.07 -18.14 4.70
CA GLN B 581 1.53 -18.85 3.50
C GLN B 581 3.02 -18.65 3.32
N LYS B 582 3.79 -19.70 3.58
CA LYS B 582 5.24 -19.61 3.49
C LYS B 582 5.73 -19.78 2.06
N TYR B 583 6.74 -19.00 1.69
CA TYR B 583 7.36 -19.12 0.37
C TYR B 583 8.82 -19.51 0.48
N PRO B 584 9.07 -20.79 0.77
CA PRO B 584 10.43 -21.19 1.14
C PRO B 584 11.45 -20.90 0.03
N GLN B 585 10.98 -20.68 -1.19
CA GLN B 585 11.88 -20.37 -2.31
C GLN B 585 12.28 -18.90 -2.33
N GLY B 586 11.54 -18.09 -1.58
CA GLY B 586 11.80 -16.66 -1.53
C GLY B 586 10.70 -15.87 -2.20
N HIS B 587 10.39 -14.69 -1.67
CA HIS B 587 9.31 -13.87 -2.21
C HIS B 587 9.56 -13.44 -3.65
N VAL B 588 10.71 -12.83 -3.92
CA VAL B 588 11.00 -12.35 -5.26
C VAL B 588 10.92 -13.49 -6.30
N ARG B 589 11.59 -14.60 -6.00
CA ARG B 589 11.53 -15.76 -6.88
C ARG B 589 10.09 -16.19 -7.14
N ASN B 590 9.27 -16.22 -6.09
CA ASN B 590 7.88 -16.53 -6.23
C ASN B 590 7.17 -15.53 -7.13
N ASN B 591 7.67 -14.31 -7.16
CA ASN B 591 7.10 -13.32 -8.05
C ASN B 591 7.47 -13.54 -9.51
N ASP B 593 8.63 -16.37 -11.04
CA ASP B 593 8.36 -17.68 -11.60
C ASP B 593 6.86 -17.93 -11.73
N GLN B 594 6.15 -16.96 -12.31
CA GLN B 594 4.73 -17.09 -12.53
C GLN B 594 4.33 -16.41 -13.82
N ILE B 595 3.25 -16.86 -14.43
CA ILE B 595 2.67 -16.19 -15.57
C ILE B 595 1.68 -15.13 -15.10
N TYR B 596 1.53 -14.06 -15.87
CA TYR B 596 0.61 -13.01 -15.47
C TYR B 596 -0.30 -12.65 -16.63
N VAL B 597 -1.29 -11.81 -16.38
CA VAL B 597 -2.04 -11.17 -17.46
C VAL B 597 -2.10 -9.68 -17.13
N VAL B 598 -1.80 -8.88 -18.14
CA VAL B 598 -1.64 -7.45 -17.96
C VAL B 598 -2.13 -6.77 -19.22
N TYR B 599 -2.70 -5.59 -19.05
CA TYR B 599 -2.86 -4.70 -20.19
C TYR B 599 -1.49 -4.08 -20.39
N LEU B 600 -0.85 -4.39 -21.51
CA LEU B 600 0.48 -3.87 -21.78
C LEU B 600 0.46 -2.35 -21.82
N SER B 601 1.12 -1.76 -20.84
CA SER B 601 0.97 -0.35 -20.53
C SER B 601 2.06 0.52 -21.14
N LYS B 602 3.28 0.34 -20.64
CA LYS B 602 4.44 1.10 -21.08
C LYS B 602 5.51 0.12 -21.51
N TYR B 603 5.57 -0.18 -22.80
CA TYR B 603 6.53 -1.17 -23.28
C TYR B 603 6.76 -1.13 -24.79
N ILE B 604 7.55 -2.10 -25.25
CA ILE B 604 8.04 -2.17 -26.62
C ILE B 604 8.19 -3.64 -26.97
N PRO B 605 7.87 -4.00 -28.22
CA PRO B 605 8.15 -5.37 -28.68
C PRO B 605 9.55 -5.49 -29.28
N LEU B 606 10.27 -6.55 -28.93
CA LEU B 606 11.63 -6.77 -29.43
C LEU B 606 11.62 -7.66 -30.67
N ALA B 607 10.43 -7.86 -31.23
CA ALA B 607 10.27 -8.67 -32.43
C ALA B 607 9.02 -8.20 -33.14
N GLU B 608 8.83 -8.62 -34.38
CA GLU B 608 7.70 -8.12 -35.16
C GLU B 608 6.61 -9.18 -35.36
N THR B 609 6.89 -10.40 -34.94
CA THR B 609 5.95 -11.51 -35.12
C THR B 609 6.19 -12.63 -34.09
N THR B 610 5.10 -13.29 -33.69
CA THR B 610 5.15 -14.32 -32.68
C THR B 610 5.56 -15.67 -33.26
N LYS B 611 5.71 -16.68 -32.41
CA LYS B 611 6.06 -18.03 -32.83
C LYS B 611 5.25 -19.12 -32.11
N PRO B 612 5.15 -20.31 -32.72
CA PRO B 612 4.34 -21.41 -32.20
C PRO B 612 4.98 -22.10 -31.00
N VAL B 613 4.22 -22.31 -29.93
CA VAL B 613 4.74 -22.91 -28.70
C VAL B 613 4.21 -24.33 -28.47
N PHE B 614 3.00 -24.43 -27.93
CA PHE B 614 2.39 -25.72 -27.61
C PHE B 614 1.00 -25.87 -28.23
N THR B 615 0.83 -26.90 -29.05
CA THR B 615 -0.46 -27.21 -29.67
C THR B 615 -1.21 -28.31 -28.90
N PHE B 616 -2.50 -28.47 -29.19
CA PHE B 616 -3.33 -29.54 -28.63
C PHE B 616 -4.56 -29.71 -29.51
N GLU B 617 -5.10 -30.93 -29.53
CA GLU B 617 -6.15 -31.28 -30.49
C GLU B 617 -7.22 -32.20 -29.92
N HIS B 618 -8.48 -31.80 -30.07
CA HIS B 618 -9.60 -32.55 -29.51
C HIS B 618 -10.65 -32.95 -30.55
N PRO B 619 -11.27 -34.11 -30.38
CA PRO B 619 -10.99 -35.00 -29.24
C PRO B 619 -9.64 -35.66 -29.36
N ASN B 620 -8.89 -35.65 -28.27
CA ASN B 620 -7.61 -36.35 -28.18
C ASN B 620 -7.85 -37.86 -28.21
N PHE B 621 -8.36 -38.34 -29.35
CA PHE B 621 -8.85 -39.72 -29.47
C PHE B 621 -7.86 -40.80 -29.08
N ASN B 623 -5.53 -40.34 -26.73
CA ASN B 623 -5.04 -40.04 -25.39
C ASN B 623 -3.53 -39.82 -25.36
N SER B 624 -3.04 -38.97 -26.27
CA SER B 624 -1.62 -38.61 -26.30
C SER B 624 -1.22 -37.84 -25.05
N SER B 625 0.07 -37.84 -24.75
CA SER B 625 0.56 -37.17 -23.54
C SER B 625 0.42 -35.65 -23.64
N ASN B 626 -0.30 -35.06 -22.70
CA ASN B 626 -0.46 -33.61 -22.64
C ASN B 626 0.84 -32.88 -22.27
N GLU B 627 1.80 -33.64 -21.75
CA GLU B 627 3.14 -33.11 -21.50
C GLU B 627 3.78 -32.68 -22.81
N ARG B 628 4.43 -31.51 -22.79
CA ARG B 628 5.09 -30.96 -23.97
C ARG B 628 6.45 -30.38 -23.60
N SER B 629 7.27 -30.12 -24.62
CA SER B 629 8.62 -29.56 -24.41
C SER B 629 9.21 -28.99 -25.70
N ASP B 630 9.17 -27.67 -25.83
CA ASP B 630 9.65 -27.00 -27.04
C ASP B 630 10.71 -25.92 -26.81
N SER B 631 11.25 -25.40 -27.91
CA SER B 631 12.32 -24.43 -27.87
C SER B 631 12.14 -23.36 -28.95
N ILE B 632 11.29 -22.38 -28.68
CA ILE B 632 11.03 -21.29 -29.62
C ILE B 632 12.28 -20.47 -29.87
N GLU B 633 12.35 -19.78 -31.02
CA GLU B 633 13.54 -19.04 -31.42
C GLU B 633 13.24 -17.63 -31.93
N PHE B 634 14.06 -16.66 -31.53
CA PHE B 634 13.87 -15.27 -31.92
C PHE B 634 15.20 -14.54 -32.11
N VAL B 635 15.29 -13.67 -33.10
CA VAL B 635 16.52 -12.90 -33.31
C VAL B 635 16.34 -11.42 -32.96
N ASP B 637 17.41 -7.21 -32.79
CA ASP B 637 17.87 -6.22 -33.77
C ASP B 637 18.25 -4.84 -33.20
N ARG B 638 18.58 -4.78 -31.91
CA ARG B 638 18.92 -3.50 -31.30
C ARG B 638 19.29 -3.68 -29.85
N ASN B 639 20.04 -2.71 -29.31
CA ASN B 639 20.36 -2.64 -27.89
C ASN B 639 19.08 -2.50 -27.09
N ALA B 640 18.79 -3.52 -26.28
CA ALA B 640 17.54 -3.57 -25.53
C ALA B 640 17.70 -4.39 -24.25
N ASP B 641 16.82 -4.16 -23.29
CA ASP B 641 16.70 -5.02 -22.12
C ASP B 641 15.48 -5.93 -22.28
N LEU B 642 15.71 -7.21 -22.55
CA LEU B 642 14.63 -8.17 -22.66
C LEU B 642 14.19 -8.63 -21.28
N GLY B 644 11.17 -10.55 -20.86
CA GLY B 644 10.34 -11.74 -20.97
C GLY B 644 9.51 -11.74 -22.22
N PHE B 645 8.55 -12.65 -22.28
CA PHE B 645 7.71 -12.78 -23.46
C PHE B 645 6.25 -12.48 -23.13
N ALA B 646 5.55 -11.86 -24.06
CA ALA B 646 4.10 -11.75 -24.01
C ALA B 646 3.52 -13.04 -24.54
N GLY B 647 2.40 -13.47 -23.96
CA GLY B 647 1.79 -14.75 -24.30
C GLY B 647 0.41 -14.61 -24.92
N TYR B 648 0.14 -15.49 -25.89
CA TYR B 648 -1.11 -15.48 -26.66
C TYR B 648 -1.55 -16.89 -27.03
N PHE B 649 -2.66 -16.97 -27.75
CA PHE B 649 -3.18 -18.25 -28.17
C PHE B 649 -4.06 -18.09 -29.39
N ASP B 650 -4.21 -19.16 -30.15
CA ASP B 650 -5.27 -19.27 -31.14
C ASP B 650 -6.00 -20.59 -30.94
N LEU B 651 -7.28 -20.62 -31.30
CA LEU B 651 -8.04 -21.86 -31.24
C LEU B 651 -9.06 -21.94 -32.36
N GLN B 652 -9.08 -23.07 -33.04
CA GLN B 652 -10.14 -23.35 -33.99
C GLN B 652 -11.28 -24.07 -33.29
N LEU B 653 -12.47 -23.47 -33.41
CA LEU B 653 -13.69 -24.09 -32.91
C LEU B 653 -14.11 -25.24 -33.82
N TYR B 654 -14.21 -24.94 -35.12
CA TYR B 654 -14.54 -25.96 -36.11
C TYR B 654 -14.14 -25.47 -37.49
N LYS B 655 -13.34 -26.27 -38.18
CA LYS B 655 -12.91 -25.97 -39.55
C LYS B 655 -12.46 -24.52 -39.73
N THR B 656 -13.21 -23.78 -40.56
CA THR B 656 -12.88 -22.40 -40.90
C THR B 656 -12.95 -21.45 -39.70
N VAL B 657 -14.14 -21.23 -39.15
CA VAL B 657 -14.31 -20.30 -38.02
C VAL B 657 -13.42 -20.62 -36.83
N LEU B 659 -11.10 -18.38 -33.21
CA LEU B 659 -10.77 -17.12 -32.55
C LEU B 659 -9.36 -17.15 -31.96
N SER B 660 -8.72 -16.00 -31.88
CA SER B 660 -7.35 -15.94 -31.43
C SER B 660 -6.99 -14.56 -30.89
N ILE B 661 -6.21 -14.56 -29.83
CA ILE B 661 -5.84 -13.33 -29.12
C ILE B 661 -4.53 -12.79 -29.65
N GLU B 662 -3.88 -13.57 -30.50
CA GLU B 662 -2.56 -13.24 -31.05
C GLU B 662 -2.43 -11.85 -31.69
N PRO B 663 -1.23 -11.26 -31.65
CA PRO B 663 -0.98 -9.90 -32.13
C PRO B 663 -1.68 -9.53 -33.44
N SER B 664 -1.33 -10.20 -34.54
CA SER B 664 -1.95 -9.90 -35.85
C SER B 664 -3.34 -10.52 -36.03
N THR B 665 -3.43 -11.83 -35.80
CA THR B 665 -4.66 -12.59 -36.02
C THR B 665 -5.74 -12.29 -34.99
N HIS B 666 -5.52 -11.26 -34.18
CA HIS B 666 -6.37 -11.01 -33.00
C HIS B 666 -7.82 -10.67 -33.35
N THR B 667 -8.76 -11.42 -32.79
CA THR B 667 -10.18 -11.12 -32.96
C THR B 667 -10.44 -9.70 -32.47
N PRO B 668 -11.02 -8.86 -33.33
CA PRO B 668 -11.30 -7.47 -32.98
C PRO B 668 -12.43 -7.36 -31.96
N GLY B 669 -12.50 -6.24 -31.25
CA GLY B 669 -13.58 -5.97 -30.31
C GLY B 669 -13.58 -6.76 -29.02
N VAL B 671 -12.34 -8.52 -25.43
CA VAL B 671 -11.68 -8.11 -24.20
C VAL B 671 -11.58 -9.37 -23.33
N SER B 672 -11.90 -10.50 -23.96
CA SER B 672 -12.00 -11.78 -23.28
C SER B 672 -10.70 -12.26 -22.68
N TRP B 673 -9.58 -11.81 -23.23
CA TRP B 673 -8.30 -12.32 -22.82
C TRP B 673 -7.15 -11.34 -23.05
N PHE B 674 -6.72 -10.66 -21.99
CA PHE B 674 -5.53 -9.83 -22.07
C PHE B 674 -4.33 -10.76 -22.11
N PRO B 675 -3.20 -10.27 -22.63
CA PRO B 675 -2.04 -11.15 -22.89
C PRO B 675 -1.36 -11.69 -21.62
N ALA B 676 -0.82 -12.89 -21.73
CA ALA B 676 -0.01 -13.44 -20.67
C ALA B 676 1.34 -12.73 -20.63
N VAL B 677 2.06 -12.88 -19.52
CA VAL B 677 3.43 -12.40 -19.42
C VAL B 677 4.22 -13.51 -18.76
N ILE B 678 5.22 -14.01 -19.48
CA ILE B 678 6.15 -14.98 -18.96
C ILE B 678 7.40 -14.17 -18.71
N PRO B 679 7.61 -13.75 -17.45
CA PRO B 679 8.71 -12.86 -17.11
C PRO B 679 9.99 -13.63 -16.89
N LEU B 680 11.10 -12.98 -17.19
CA LEU B 680 12.40 -13.45 -16.74
C LEU B 680 12.71 -12.83 -15.38
N ARG B 681 13.52 -13.53 -14.58
CA ARG B 681 13.86 -13.06 -13.25
C ARG B 681 14.58 -11.71 -13.25
N ASP B 682 15.68 -11.61 -13.99
CA ASP B 682 16.36 -10.34 -14.18
C ASP B 682 16.30 -10.01 -15.64
N GLN B 683 16.14 -8.73 -15.95
CA GLN B 683 16.11 -8.29 -17.35
C GLN B 683 17.39 -8.68 -18.10
N LEU B 684 17.21 -9.38 -19.21
CA LEU B 684 18.31 -9.87 -20.03
C LEU B 684 18.74 -8.80 -21.02
N ARG B 685 20.03 -8.51 -21.05
CA ARG B 685 20.55 -7.52 -22.00
C ARG B 685 20.76 -8.15 -23.38
N VAL B 686 20.35 -7.44 -24.41
CA VAL B 686 20.48 -7.93 -25.78
C VAL B 686 20.91 -6.81 -26.71
N GLY B 687 21.37 -7.21 -27.89
CA GLY B 687 21.81 -6.28 -28.93
C GLY B 687 21.62 -6.87 -30.31
N GLU B 688 22.03 -6.15 -31.34
CA GLU B 688 21.85 -6.61 -32.72
C GLU B 688 22.46 -7.99 -32.98
N GLY B 689 21.64 -8.94 -33.41
CA GLY B 689 22.10 -10.24 -33.85
C GLY B 689 22.15 -11.34 -32.82
N ASP B 690 21.46 -11.15 -31.70
CA ASP B 690 21.43 -12.15 -30.65
C ASP B 690 20.36 -13.21 -30.89
N ARG B 691 20.72 -14.46 -30.65
CA ARG B 691 19.83 -15.60 -30.85
C ARG B 691 19.23 -16.07 -29.54
N ILE B 692 17.90 -15.98 -29.44
CA ILE B 692 17.20 -16.30 -28.20
C ILE B 692 16.31 -17.54 -28.30
N SER B 693 16.64 -18.55 -27.50
CA SER B 693 15.89 -19.79 -27.45
C SER B 693 15.07 -19.86 -26.16
N LEU B 694 13.77 -19.67 -26.29
CA LEU B 694 12.86 -19.87 -25.16
C LEU B 694 12.60 -21.35 -25.00
N LYS B 695 12.98 -21.91 -23.86
CA LYS B 695 12.73 -23.33 -23.61
C LYS B 695 11.59 -23.53 -22.62
N ILE B 696 10.50 -24.13 -23.09
CA ILE B 696 9.32 -24.32 -22.26
C ILE B 696 8.95 -25.80 -22.19
N ASP B 697 8.88 -26.34 -20.99
CA ASP B 697 8.39 -27.68 -20.80
C ASP B 697 7.08 -27.60 -20.05
N ARG B 698 5.98 -27.91 -20.72
CA ARG B 698 4.70 -28.04 -20.05
C ARG B 698 4.66 -29.43 -19.43
N LYS B 699 4.93 -29.50 -18.13
CA LYS B 699 4.93 -30.77 -17.41
C LYS B 699 3.58 -31.06 -16.78
N VAL B 700 3.28 -32.35 -16.59
CA VAL B 700 2.05 -32.74 -15.89
C VAL B 700 2.29 -33.76 -14.77
N ASP B 701 1.42 -33.69 -13.76
CA ASP B 701 1.62 -34.33 -12.46
C ASP B 701 0.35 -35.10 -12.16
N ASN B 702 0.37 -35.94 -11.13
CA ASN B 702 -0.83 -36.67 -10.75
C ASN B 702 -1.97 -35.76 -10.32
N THR B 703 -1.63 -34.59 -9.80
CA THR B 703 -2.62 -33.67 -9.21
C THR B 703 -2.69 -32.28 -9.85
N GLY B 704 -1.82 -31.99 -10.81
CA GLY B 704 -1.80 -30.69 -11.44
C GLY B 704 -0.93 -30.61 -12.68
N VAL B 705 -0.61 -29.39 -13.10
CA VAL B 705 0.19 -29.14 -14.30
C VAL B 705 1.06 -27.90 -14.10
N TRP B 706 2.19 -27.80 -14.79
CA TRP B 706 2.99 -26.58 -14.69
C TRP B 706 3.92 -26.27 -15.85
N TYR B 707 4.40 -25.02 -15.90
CA TYR B 707 5.39 -24.60 -16.88
C TYR B 707 6.78 -24.62 -16.27
N GLU B 708 7.77 -25.04 -17.05
CA GLU B 708 9.16 -24.84 -16.67
C GLU B 708 9.84 -24.13 -17.82
N TRP B 709 10.18 -22.86 -17.66
CA TRP B 709 10.74 -22.09 -18.77
C TRP B 709 12.09 -21.43 -18.47
N HIS B 710 12.83 -21.17 -19.53
CA HIS B 710 14.05 -20.37 -19.42
C HIS B 710 14.51 -19.90 -20.78
N VAL B 711 15.70 -19.30 -20.83
CA VAL B 711 16.21 -18.74 -22.08
C VAL B 711 17.68 -19.07 -22.32
N GLU B 712 18.01 -19.39 -23.58
CA GLU B 712 19.41 -19.48 -23.98
C GLU B 712 19.71 -18.30 -24.89
N LYS B 713 20.78 -17.58 -24.61
CA LYS B 713 21.24 -16.50 -25.48
C LYS B 713 22.50 -16.93 -26.19
N LYS B 714 22.58 -16.66 -27.49
CA LYS B 714 23.75 -17.00 -28.28
C LYS B 714 24.12 -15.85 -29.20
N LYS B 715 25.31 -15.29 -29.03
CA LYS B 715 25.73 -14.14 -29.83
C LYS B 715 26.12 -14.56 -31.25
N THR B 716 26.37 -13.57 -32.11
CA THR B 716 26.76 -13.87 -33.48
C THR B 716 27.99 -14.78 -33.50
N ASN B 717 28.87 -14.56 -32.53
CA ASN B 717 30.10 -15.34 -32.38
C ASN B 717 29.88 -16.80 -31.97
N GLY B 718 28.68 -17.11 -31.49
CA GLY B 718 28.35 -18.47 -31.14
C GLY B 718 28.43 -18.78 -29.66
N GLU B 719 28.83 -17.79 -28.87
CA GLU B 719 28.80 -17.93 -27.42
C GLU B 719 27.35 -18.14 -26.96
N SER B 720 27.16 -18.94 -25.91
CA SER B 720 25.82 -19.32 -25.49
C SER B 720 25.61 -19.37 -23.97
N VAL B 721 25.16 -18.26 -23.40
CA VAL B 721 24.73 -18.25 -22.00
C VAL B 721 23.34 -18.83 -21.88
N SER B 722 22.93 -19.14 -20.66
CA SER B 722 21.60 -19.71 -20.43
C SER B 722 21.08 -19.34 -19.04
N THR B 723 19.88 -18.78 -18.99
CA THR B 723 19.28 -18.39 -17.73
C THR B 723 18.80 -19.63 -16.98
N PRO B 724 18.57 -19.50 -15.65
CA PRO B 724 18.18 -20.63 -14.82
C PRO B 724 16.74 -21.06 -15.07
N ILE B 725 16.49 -22.36 -14.90
CA ILE B 725 15.15 -22.90 -15.04
C ILE B 725 14.19 -22.24 -14.06
N GLN B 726 13.25 -21.46 -14.60
CA GLN B 726 12.24 -20.83 -13.78
C GLN B 726 11.07 -21.76 -13.47
N ASN B 727 10.49 -21.61 -12.28
CA ASN B 727 9.32 -22.37 -11.86
C ASN B 727 9.51 -23.89 -11.89
N PRO B 728 10.65 -24.38 -11.40
CA PRO B 728 10.93 -25.81 -11.44
C PRO B 728 9.96 -26.60 -10.57
N ASN B 729 9.26 -27.56 -11.16
CA ASN B 729 8.31 -28.39 -10.45
C ASN B 729 7.12 -27.60 -9.97
N GLY B 730 6.81 -26.52 -10.68
CA GLY B 730 5.66 -25.69 -10.35
C GLY B 730 5.66 -25.19 -8.92
N GLU B 731 6.85 -25.04 -8.34
CA GLU B 731 6.96 -24.61 -6.95
C GLU B 731 6.38 -23.21 -6.76
N SER B 732 6.60 -22.34 -7.75
CA SER B 732 6.04 -21.00 -7.71
C SER B 732 4.70 -20.93 -8.43
N TYR B 733 4.40 -21.95 -9.22
CA TYR B 733 3.24 -21.93 -10.09
C TYR B 733 2.82 -23.34 -10.51
N TYR B 734 1.62 -23.73 -10.10
CA TYR B 734 1.15 -25.10 -10.25
C TYR B 734 -0.35 -25.02 -10.32
N ARG B 736 -3.61 -26.51 -10.22
CA ARG B 736 -4.13 -27.74 -9.63
C ARG B 736 -5.35 -28.31 -10.37
#